data_1J0D
#
_entry.id   1J0D
#
_cell.length_a   65.254
_cell.length_b   267.293
_cell.length_c   187.681
_cell.angle_alpha   90.00
_cell.angle_beta   90.00
_cell.angle_gamma   90.00
#
_symmetry.space_group_name_H-M   'C 2 2 21'
#
loop_
_entity.id
_entity.type
_entity.pdbx_description
1 polymer '1-aminocyclopropane-1-carboxylate deaminase'
2 non-polymer 'N-[3-HYDROXY-2-METHYL-5-PHOSPHONOOXYMETHYL-PYRIDIN-4-Y-LMETHYL]-1-AMINO-CYCLOPROPANECARBOXYLIC ACID'
3 water water
#
_entity_poly.entity_id   1
_entity_poly.type   'polypeptide(L)'
_entity_poly.pdbx_seq_one_letter_code
;AGVAKFAKYPLTFGPSPISNLNRLSQHLGSKVNVYAKREDCNSGLAFGGNTLRKLEYIVPDIVEGDYTHLVSIGGRQSNQ
TRMVAALAAKLGKKCVLIQEDWVPIPEAEKDVYNRVGNIELSRIMGADVRVIEDGFDIGMRKSFANALQELEDAGHKPYP
IPAGCSEHKYGGLGFVGFADEVINQEVELGIKFDKIVVCCVTGSTTAGILAGMAQYGRQDDVIAIDASFTSEKTKEQTLR
IANNTAKLIGVEHEFKDFTLDTRFAYPCYGVPNEGTIEAIRTCAEQEGVLTDPVYEGKSMQGLIALIKEDYFKPGANVLY
VHLGGAPALSAYSSFFPTKTA
;
_entity_poly.pdbx_strand_id   A,B,C,D
#
loop_
_chem_comp.id
_chem_comp.type
_chem_comp.name
_chem_comp.formula
5PA non-polymer 'N-[3-HYDROXY-2-METHYL-5-PHOSPHONOOXYMETHYL-PYRIDIN-4-Y-LMETHYL]-1-AMINO-CYCLOPROPANECARBOXYLIC ACID' 'C12 H17 N2 O7 P'
#
# COMPACT_ATOMS: atom_id res chain seq x y z
N ALA A 1 20.30 32.66 10.03
CA ALA A 1 19.04 32.11 9.48
C ALA A 1 18.38 31.15 10.47
N GLY A 2 18.97 31.02 11.66
CA GLY A 2 18.41 30.13 12.65
C GLY A 2 16.95 30.40 12.97
N VAL A 3 16.05 29.74 12.25
CA VAL A 3 14.62 29.90 12.48
C VAL A 3 14.23 29.02 13.65
N ALA A 4 15.00 27.95 13.85
CA ALA A 4 14.76 27.01 14.95
C ALA A 4 14.99 27.70 16.29
N LYS A 5 15.64 28.85 16.24
CA LYS A 5 15.93 29.63 17.45
C LYS A 5 14.62 30.12 18.05
N PHE A 6 13.58 30.18 17.23
CA PHE A 6 12.29 30.66 17.68
C PHE A 6 11.36 29.53 18.09
N ALA A 7 10.68 29.73 19.22
CA ALA A 7 9.75 28.73 19.75
C ALA A 7 8.60 28.48 18.78
N LYS A 8 8.28 27.20 18.60
CA LYS A 8 7.20 26.82 17.69
C LYS A 8 6.14 26.02 18.42
N TYR A 9 4.88 26.25 18.07
CA TYR A 9 3.76 25.54 18.70
C TYR A 9 3.01 24.72 17.66
N PRO A 10 2.87 23.40 17.90
CA PRO A 10 2.17 22.46 17.03
C PRO A 10 0.74 22.84 16.69
N LEU A 11 0.45 23.04 15.41
CA LEU A 11 -0.89 23.37 14.96
C LEU A 11 -1.20 22.57 13.69
N THR A 12 -0.18 21.90 13.16
CA THR A 12 -0.31 21.09 11.94
C THR A 12 0.23 19.68 12.15
N PHE A 13 -0.17 18.77 11.27
CA PHE A 13 0.24 17.38 11.32
C PHE A 13 1.72 17.15 11.07
N GLY A 14 2.40 18.21 10.65
CA GLY A 14 3.82 18.12 10.36
C GLY A 14 4.06 18.79 9.01
N PRO A 15 5.14 18.43 8.30
CA PRO A 15 5.44 19.01 6.98
C PRO A 15 4.35 18.77 5.95
N SER A 16 3.81 19.84 5.40
CA SER A 16 2.75 19.72 4.39
C SER A 16 3.20 18.82 3.23
N PRO A 17 2.29 17.96 2.75
CA PRO A 17 2.59 17.04 1.65
C PRO A 17 2.67 17.74 0.29
N ILE A 18 3.34 17.07 -0.66
CA ILE A 18 3.48 17.61 -2.02
C ILE A 18 2.80 16.69 -3.02
N SER A 19 1.81 17.22 -3.75
CA SER A 19 1.08 16.44 -4.74
C SER A 19 1.73 16.61 -6.12
N ASN A 20 1.76 15.53 -6.88
CA ASN A 20 2.31 15.53 -8.23
C ASN A 20 1.13 15.63 -9.20
N LEU A 21 0.87 16.84 -9.69
CA LEU A 21 -0.23 17.09 -10.62
C LEU A 21 0.20 16.78 -12.05
N ASN A 22 0.56 15.52 -12.28
CA ASN A 22 1.03 15.04 -13.57
C ASN A 22 -0.04 15.11 -14.66
N ARG A 23 -1.30 15.01 -14.27
CA ARG A 23 -2.38 15.06 -15.23
C ARG A 23 -2.57 16.49 -15.75
N LEU A 24 -2.53 17.45 -14.86
CA LEU A 24 -2.67 18.84 -15.26
C LEU A 24 -1.46 19.22 -16.11
N SER A 25 -0.28 18.74 -15.70
CA SER A 25 0.95 19.03 -16.44
C SER A 25 0.83 18.56 -17.90
N GLN A 26 0.29 17.36 -18.09
CA GLN A 26 0.10 16.80 -19.41
C GLN A 26 -0.91 17.65 -20.17
N HIS A 27 -2.02 17.93 -19.50
CA HIS A 27 -3.08 18.73 -20.08
C HIS A 27 -2.58 20.05 -20.64
N LEU A 28 -1.59 20.63 -19.98
CA LEU A 28 -1.03 21.91 -20.40
C LEU A 28 0.12 21.75 -21.39
N GLY A 29 0.06 20.71 -22.21
CA GLY A 29 1.08 20.50 -23.22
C GLY A 29 2.40 19.87 -22.79
N SER A 30 2.42 19.27 -21.61
CA SER A 30 3.64 18.63 -21.12
C SER A 30 4.83 19.57 -21.18
N LYS A 31 4.58 20.84 -20.89
CA LYS A 31 5.63 21.86 -20.89
C LYS A 31 6.50 21.71 -19.65
N VAL A 32 5.85 21.51 -18.52
CA VAL A 32 6.54 21.38 -17.24
C VAL A 32 5.92 20.28 -16.36
N ASN A 33 6.53 20.06 -15.21
CA ASN A 33 6.06 19.07 -14.24
C ASN A 33 5.56 19.88 -13.07
N VAL A 34 4.25 19.95 -12.91
CA VAL A 34 3.66 20.72 -11.83
C VAL A 34 3.47 19.90 -10.54
N TYR A 35 3.86 20.51 -9.43
CA TYR A 35 3.72 19.91 -8.11
C TYR A 35 2.98 20.95 -7.28
N ALA A 36 2.41 20.52 -6.16
CA ALA A 36 1.68 21.44 -5.29
C ALA A 36 1.86 21.10 -3.81
N LYS A 37 2.58 21.95 -3.09
CA LYS A 37 2.78 21.75 -1.65
C LYS A 37 1.44 22.12 -1.03
N ARG A 38 0.80 21.16 -0.36
CA ARG A 38 -0.54 21.35 0.19
C ARG A 38 -0.72 21.98 1.59
N GLU A 39 -0.65 23.30 1.67
CA GLU A 39 -0.86 24.00 2.92
C GLU A 39 -2.34 23.91 3.27
N ASP A 40 -3.13 23.51 2.29
CA ASP A 40 -4.58 23.38 2.46
C ASP A 40 -4.94 22.03 3.09
N CYS A 41 -3.93 21.23 3.41
CA CYS A 41 -4.15 19.92 4.03
C CYS A 41 -3.13 19.78 5.16
N ASN A 42 -2.86 20.87 5.86
CA ASN A 42 -1.88 20.87 6.92
C ASN A 42 -2.39 20.65 8.35
N SER A 43 -3.68 20.76 8.60
CA SER A 43 -4.19 20.59 9.95
C SER A 43 -5.66 20.21 10.07
N GLY A 44 -6.02 19.75 11.25
CA GLY A 44 -7.40 19.36 11.52
C GLY A 44 -8.21 20.52 12.07
N LEU A 45 -7.57 21.67 12.23
CA LEU A 45 -8.24 22.87 12.72
C LEU A 45 -9.01 23.57 11.59
N ALA A 46 -10.31 23.26 11.47
CA ALA A 46 -11.19 23.84 10.46
C ALA A 46 -10.56 24.00 9.09
N PHE A 47 -10.34 22.87 8.41
CA PHE A 47 -9.77 22.82 7.07
C PHE A 47 -8.29 23.19 6.94
N GLY A 48 -7.78 24.01 7.86
CA GLY A 48 -6.38 24.38 7.80
C GLY A 48 -6.06 25.49 6.82
N GLY A 49 -4.77 25.70 6.56
CA GLY A 49 -4.38 26.75 5.64
C GLY A 49 -3.07 27.38 6.01
N ASN A 50 -2.64 28.36 5.22
CA ASN A 50 -1.38 29.05 5.43
C ASN A 50 -1.27 29.82 6.75
N THR A 51 -2.36 30.43 7.18
CA THR A 51 -2.31 31.20 8.42
C THR A 51 -1.81 30.34 9.59
N LEU A 52 -2.34 29.12 9.68
CA LEU A 52 -1.94 28.19 10.74
C LEU A 52 -0.43 28.06 10.82
N ARG A 53 0.23 27.92 9.67
CA ARG A 53 1.69 27.78 9.68
C ARG A 53 2.33 29.03 10.25
N LYS A 54 1.74 30.19 9.94
CA LYS A 54 2.26 31.45 10.43
C LYS A 54 2.08 31.52 11.94
N LEU A 55 0.88 31.16 12.41
CA LEU A 55 0.52 31.20 13.82
C LEU A 55 1.38 30.37 14.75
N GLU A 56 1.88 29.23 14.26
CA GLU A 56 2.71 28.35 15.09
C GLU A 56 3.86 29.09 15.77
N TYR A 57 4.33 30.18 15.16
CA TYR A 57 5.43 30.94 15.76
C TYR A 57 4.95 32.14 16.56
N ILE A 58 3.64 32.27 16.68
CA ILE A 58 3.05 33.39 17.41
C ILE A 58 2.32 32.88 18.67
N VAL A 59 1.85 31.64 18.62
CA VAL A 59 1.15 31.06 19.75
C VAL A 59 2.02 31.04 21.01
N PRO A 60 3.31 30.68 20.88
CA PRO A 60 4.20 30.65 22.04
C PRO A 60 4.20 31.97 22.81
N ASP A 61 4.25 33.08 22.07
CA ASP A 61 4.27 34.40 22.69
C ASP A 61 2.95 34.69 23.39
N ILE A 62 1.87 34.11 22.87
CA ILE A 62 0.54 34.29 23.45
C ILE A 62 0.43 33.61 24.80
N VAL A 63 0.31 32.29 24.78
CA VAL A 63 0.18 31.49 25.98
C VAL A 63 1.20 31.85 27.05
N GLU A 64 2.39 32.27 26.63
CA GLU A 64 3.43 32.65 27.58
C GLU A 64 2.90 33.72 28.53
N GLY A 65 2.49 34.85 27.96
CA GLY A 65 1.96 35.94 28.75
C GLY A 65 0.51 35.69 29.14
N ASP A 66 -0.16 36.72 29.65
CA ASP A 66 -1.55 36.59 30.08
C ASP A 66 -2.51 37.40 29.22
N TYR A 67 -3.03 36.77 28.18
CA TYR A 67 -3.97 37.43 27.29
C TYR A 67 -5.29 36.70 27.37
N THR A 68 -6.38 37.47 27.42
CA THR A 68 -7.71 36.90 27.49
C THR A 68 -8.33 36.68 26.12
N HIS A 69 -8.23 37.68 25.26
CA HIS A 69 -8.82 37.57 23.93
C HIS A 69 -7.82 37.65 22.79
N LEU A 70 -8.14 36.96 21.70
CA LEU A 70 -7.31 36.99 20.50
C LEU A 70 -8.14 37.77 19.49
N VAL A 71 -7.55 38.79 18.89
CA VAL A 71 -8.29 39.59 17.94
C VAL A 71 -7.57 39.73 16.60
N SER A 72 -8.28 39.45 15.52
CA SER A 72 -7.72 39.57 14.19
C SER A 72 -8.66 40.34 13.28
N ILE A 73 -8.27 40.48 12.02
CA ILE A 73 -9.06 41.24 11.07
C ILE A 73 -8.93 40.72 9.64
N GLY A 74 -9.98 40.90 8.85
CA GLY A 74 -9.97 40.46 7.46
C GLY A 74 -11.26 40.76 6.73
N GLY A 75 -11.36 40.29 5.50
CA GLY A 75 -12.57 40.52 4.73
C GLY A 75 -13.70 39.63 5.21
N ARG A 76 -14.90 39.85 4.68
CA ARG A 76 -16.06 39.07 5.06
C ARG A 76 -15.80 37.56 4.92
N GLN A 77 -15.03 37.18 3.91
CA GLN A 77 -14.71 35.79 3.67
C GLN A 77 -13.26 35.45 3.98
N SER A 78 -12.67 36.20 4.91
CA SER A 78 -11.27 35.96 5.27
C SER A 78 -11.05 34.52 5.77
N ASN A 79 -9.89 33.98 5.42
CA ASN A 79 -9.53 32.63 5.85
C ASN A 79 -8.82 32.77 7.19
N GLN A 80 -8.03 33.83 7.32
CA GLN A 80 -7.29 34.07 8.55
C GLN A 80 -8.19 34.21 9.76
N THR A 81 -9.32 34.90 9.62
CA THR A 81 -10.23 35.09 10.74
C THR A 81 -10.86 33.75 11.13
N ARG A 82 -11.09 32.89 10.15
CA ARG A 82 -11.69 31.58 10.39
C ARG A 82 -10.71 30.64 11.08
N MET A 83 -9.42 30.78 10.77
CA MET A 83 -8.41 29.94 11.39
C MET A 83 -8.01 30.49 12.74
N VAL A 84 -8.10 31.80 12.90
CA VAL A 84 -7.77 32.40 14.19
C VAL A 84 -8.84 31.95 15.18
N ALA A 85 -10.08 31.86 14.70
CA ALA A 85 -11.19 31.44 15.55
C ALA A 85 -10.93 30.04 16.09
N ALA A 86 -10.31 29.19 15.26
CA ALA A 86 -10.01 27.83 15.66
C ALA A 86 -8.86 27.83 16.66
N LEU A 87 -7.81 28.57 16.32
CA LEU A 87 -6.64 28.66 17.19
C LEU A 87 -7.10 29.17 18.55
N ALA A 88 -8.15 29.99 18.55
CA ALA A 88 -8.69 30.54 19.79
C ALA A 88 -9.48 29.46 20.51
N ALA A 89 -10.31 28.75 19.76
CA ALA A 89 -11.12 27.69 20.32
C ALA A 89 -10.21 26.62 20.93
N LYS A 90 -9.01 26.51 20.39
CA LYS A 90 -8.05 25.52 20.85
C LYS A 90 -7.21 26.01 22.04
N LEU A 91 -6.64 27.21 21.92
CA LEU A 91 -5.82 27.76 22.99
C LEU A 91 -6.68 28.15 24.19
N GLY A 92 -7.97 27.87 24.11
CA GLY A 92 -8.87 28.20 25.19
C GLY A 92 -8.90 29.68 25.53
N LYS A 93 -9.13 30.50 24.52
CA LYS A 93 -9.18 31.95 24.69
C LYS A 93 -10.43 32.53 24.03
N LYS A 94 -10.64 33.83 24.23
CA LYS A 94 -11.78 34.53 23.64
C LYS A 94 -11.39 35.04 22.25
N CYS A 95 -12.36 35.11 21.34
CA CYS A 95 -12.09 35.57 19.98
C CYS A 95 -13.03 36.63 19.41
N VAL A 96 -12.44 37.75 19.03
CA VAL A 96 -13.18 38.87 18.44
C VAL A 96 -12.61 39.12 17.05
N LEU A 97 -13.42 38.92 16.03
CA LEU A 97 -12.98 39.10 14.64
C LEU A 97 -13.69 40.21 13.89
N ILE A 98 -12.91 41.11 13.31
CA ILE A 98 -13.42 42.25 12.55
C ILE A 98 -13.46 41.88 11.07
N GLN A 99 -14.66 41.76 10.52
CA GLN A 99 -14.81 41.42 9.11
C GLN A 99 -15.11 42.67 8.29
N GLU A 100 -14.08 43.31 7.76
CA GLU A 100 -14.27 44.53 6.97
C GLU A 100 -14.88 44.22 5.61
N ASP A 101 -15.40 45.25 4.95
CA ASP A 101 -16.02 45.10 3.64
C ASP A 101 -14.97 45.34 2.55
N TRP A 102 -14.10 44.35 2.39
CA TRP A 102 -13.01 44.39 1.43
C TRP A 102 -13.40 43.98 0.01
N VAL A 103 -14.61 43.51 -0.19
CA VAL A 103 -14.99 43.06 -1.52
C VAL A 103 -16.35 43.53 -2.03
N PRO A 104 -16.39 44.03 -3.26
CA PRO A 104 -17.66 44.49 -3.85
C PRO A 104 -18.47 43.23 -4.10
N ILE A 105 -19.29 42.86 -3.12
CA ILE A 105 -20.11 41.66 -3.19
C ILE A 105 -21.01 41.62 -4.41
N PRO A 106 -20.72 40.70 -5.36
CA PRO A 106 -21.53 40.59 -6.57
C PRO A 106 -23.02 40.52 -6.20
N GLU A 107 -23.87 41.07 -7.06
CA GLU A 107 -25.31 41.08 -6.80
C GLU A 107 -25.91 39.68 -6.63
N ALA A 108 -25.32 38.70 -7.29
CA ALA A 108 -25.82 37.33 -7.20
C ALA A 108 -25.36 36.62 -5.93
N GLU A 109 -24.40 37.21 -5.23
CA GLU A 109 -23.86 36.62 -4.00
C GLU A 109 -24.16 37.46 -2.76
N LYS A 110 -24.98 38.49 -2.92
CA LYS A 110 -25.30 39.38 -1.80
C LYS A 110 -26.03 38.72 -0.63
N ASP A 111 -26.96 37.83 -0.90
CA ASP A 111 -27.71 37.16 0.16
C ASP A 111 -27.05 35.83 0.54
N VAL A 112 -25.73 35.81 0.55
CA VAL A 112 -24.96 34.61 0.89
C VAL A 112 -23.57 34.99 1.38
N TYR A 113 -22.90 35.84 0.61
CA TYR A 113 -21.55 36.28 0.92
C TYR A 113 -21.24 36.54 2.40
N ASN A 114 -22.25 36.91 3.18
CA ASN A 114 -22.04 37.20 4.61
C ASN A 114 -22.56 36.15 5.58
N ARG A 115 -23.26 35.15 5.09
CA ARG A 115 -23.84 34.12 5.94
C ARG A 115 -23.25 32.72 5.74
N VAL A 116 -22.64 32.50 4.57
CA VAL A 116 -22.05 31.22 4.24
C VAL A 116 -20.52 31.27 4.32
N GLY A 117 -19.87 30.21 3.83
CA GLY A 117 -18.42 30.15 3.81
C GLY A 117 -17.66 30.25 5.12
N ASN A 118 -16.53 30.93 5.06
CA ASN A 118 -15.65 31.11 6.21
C ASN A 118 -16.26 31.85 7.38
N ILE A 119 -17.04 32.88 7.10
CA ILE A 119 -17.65 33.65 8.17
C ILE A 119 -18.54 32.75 9.02
N GLU A 120 -19.19 31.80 8.37
CA GLU A 120 -20.07 30.87 9.07
C GLU A 120 -19.28 30.06 10.08
N LEU A 121 -18.26 29.35 9.57
CA LEU A 121 -17.40 28.52 10.38
C LEU A 121 -16.86 29.26 11.58
N SER A 122 -16.41 30.49 11.35
CA SER A 122 -15.85 31.30 12.41
C SER A 122 -16.88 31.53 13.51
N ARG A 123 -18.16 31.49 13.13
CA ARG A 123 -19.23 31.70 14.08
C ARG A 123 -19.53 30.43 14.87
N ILE A 124 -19.40 29.28 14.21
CA ILE A 124 -19.64 28.00 14.86
C ILE A 124 -18.59 27.77 15.94
N MET A 125 -17.42 28.37 15.76
CA MET A 125 -16.34 28.23 16.71
C MET A 125 -16.48 29.26 17.83
N GLY A 126 -17.68 29.83 17.94
CA GLY A 126 -17.97 30.81 18.98
C GLY A 126 -17.17 32.11 18.98
N ALA A 127 -16.77 32.59 17.81
CA ALA A 127 -16.01 33.83 17.74
C ALA A 127 -16.95 35.03 17.73
N ASP A 128 -16.49 36.14 18.30
CA ASP A 128 -17.29 37.35 18.32
C ASP A 128 -17.08 38.03 16.98
N VAL A 129 -17.92 37.64 16.02
CA VAL A 129 -17.83 38.17 14.65
C VAL A 129 -18.43 39.56 14.47
N ARG A 130 -17.57 40.54 14.23
CA ARG A 130 -18.03 41.90 14.03
C ARG A 130 -17.89 42.34 12.58
N VAL A 131 -19.04 42.51 11.93
CA VAL A 131 -19.09 42.93 10.54
C VAL A 131 -19.03 44.45 10.40
N ILE A 132 -17.89 44.96 9.92
CA ILE A 132 -17.72 46.39 9.75
C ILE A 132 -17.80 46.77 8.27
N GLU A 133 -18.09 48.04 7.98
CA GLU A 133 -18.22 48.50 6.59
C GLU A 133 -16.93 49.01 5.95
N ASP A 134 -15.92 49.28 6.75
CA ASP A 134 -14.64 49.76 6.23
C ASP A 134 -14.21 48.95 5.02
N GLY A 135 -13.49 49.58 4.09
CA GLY A 135 -13.06 48.90 2.87
C GLY A 135 -11.71 48.21 2.90
N PHE A 136 -11.33 47.68 1.75
CA PHE A 136 -10.06 46.96 1.57
C PHE A 136 -8.82 47.76 1.94
N ASP A 137 -7.85 47.07 2.55
CA ASP A 137 -6.59 47.68 2.96
C ASP A 137 -5.75 46.61 3.65
N ILE A 138 -4.49 46.48 3.26
CA ILE A 138 -3.62 45.48 3.85
C ILE A 138 -2.80 46.06 4.99
N GLY A 139 -3.02 47.34 5.30
CA GLY A 139 -2.27 47.97 6.37
C GLY A 139 -3.04 47.98 7.68
N MET A 140 -2.38 48.45 8.75
CA MET A 140 -3.02 48.51 10.06
C MET A 140 -4.33 49.27 9.93
N ARG A 141 -5.41 48.67 10.41
CA ARG A 141 -6.73 49.29 10.32
C ARG A 141 -7.22 49.92 11.63
N LYS A 142 -7.99 51.00 11.50
CA LYS A 142 -8.54 51.72 12.64
C LYS A 142 -9.45 50.84 13.51
N SER A 143 -10.41 50.18 12.89
CA SER A 143 -11.33 49.31 13.62
C SER A 143 -10.56 48.33 14.49
N PHE A 144 -9.40 47.91 14.02
CA PHE A 144 -8.55 46.97 14.74
C PHE A 144 -8.20 47.56 16.11
N ALA A 145 -7.41 48.63 16.10
CA ALA A 145 -6.99 49.27 17.34
C ALA A 145 -8.17 49.67 18.22
N ASN A 146 -9.28 50.06 17.61
CA ASN A 146 -10.47 50.46 18.37
C ASN A 146 -10.93 49.31 19.26
N ALA A 147 -11.01 48.12 18.70
CA ALA A 147 -11.42 46.93 19.43
C ALA A 147 -10.37 46.56 20.49
N LEU A 148 -9.11 46.80 20.17
CA LEU A 148 -8.02 46.51 21.09
C LEU A 148 -8.14 47.42 22.31
N GLN A 149 -8.73 48.60 22.10
CA GLN A 149 -8.92 49.56 23.17
C GLN A 149 -10.22 49.23 23.88
N GLU A 150 -11.25 48.95 23.09
CA GLU A 150 -12.57 48.60 23.63
C GLU A 150 -12.43 47.52 24.70
N LEU A 151 -11.94 46.37 24.27
CA LEU A 151 -11.74 45.24 25.17
C LEU A 151 -10.85 45.62 26.33
N GLU A 152 -9.70 46.23 26.03
CA GLU A 152 -8.77 46.63 27.07
C GLU A 152 -9.39 47.65 28.02
N ASP A 153 -10.54 48.21 27.63
CA ASP A 153 -11.24 49.17 28.46
C ASP A 153 -12.25 48.43 29.32
N ALA A 154 -12.73 47.30 28.81
CA ALA A 154 -13.70 46.48 29.52
C ALA A 154 -12.97 45.61 30.56
N GLY A 155 -11.66 45.75 30.63
CA GLY A 155 -10.85 45.00 31.58
C GLY A 155 -10.28 43.68 31.12
N HIS A 156 -9.87 43.59 29.86
CA HIS A 156 -9.29 42.36 29.33
C HIS A 156 -7.87 42.58 28.81
N LYS A 157 -7.26 41.52 28.28
CA LYS A 157 -5.89 41.59 27.75
C LYS A 157 -5.80 40.97 26.36
N PRO A 158 -6.48 41.56 25.37
CA PRO A 158 -6.49 41.08 23.99
C PRO A 158 -5.10 40.96 23.35
N TYR A 159 -4.97 40.01 22.43
CA TYR A 159 -3.72 39.79 21.71
C TYR A 159 -3.98 40.22 20.28
N PRO A 160 -3.21 41.19 19.78
CA PRO A 160 -3.34 41.73 18.43
C PRO A 160 -2.79 40.86 17.29
N ILE A 161 -3.69 40.35 16.45
CA ILE A 161 -3.31 39.53 15.30
C ILE A 161 -3.77 40.23 14.01
N PRO A 162 -2.93 41.12 13.47
CA PRO A 162 -3.23 41.87 12.24
C PRO A 162 -3.48 40.95 11.04
N ALA A 163 -4.01 41.51 9.95
CA ALA A 163 -4.32 40.75 8.75
C ALA A 163 -3.15 39.94 8.19
N GLY A 164 -3.40 38.68 7.89
CA GLY A 164 -2.36 37.83 7.37
C GLY A 164 -1.15 37.70 8.29
N CYS A 165 -1.30 38.16 9.53
CA CYS A 165 -0.21 38.10 10.50
C CYS A 165 1.03 38.74 9.88
N SER A 166 0.84 39.50 8.81
CA SER A 166 1.96 40.12 8.11
C SER A 166 2.64 41.25 8.88
N GLU A 167 1.84 42.10 9.50
CA GLU A 167 2.38 43.22 10.26
C GLU A 167 2.98 42.72 11.57
N HIS A 168 2.52 41.56 12.04
CA HIS A 168 3.01 40.97 13.27
C HIS A 168 4.53 40.76 13.16
N LYS A 169 5.23 40.90 14.27
CA LYS A 169 6.69 40.77 14.27
C LYS A 169 7.22 39.37 13.93
N TYR A 170 6.39 38.35 14.12
CA TYR A 170 6.81 36.98 13.83
C TYR A 170 6.06 36.40 12.62
N GLY A 171 5.29 37.26 11.95
CA GLY A 171 4.51 36.82 10.81
C GLY A 171 5.24 36.14 9.66
N GLY A 172 6.51 36.47 9.47
CA GLY A 172 7.28 35.89 8.39
C GLY A 172 7.98 34.57 8.72
N LEU A 173 8.24 34.33 10.00
CA LEU A 173 8.91 33.12 10.43
C LEU A 173 8.26 31.85 9.87
N GLY A 174 6.93 31.81 9.92
CA GLY A 174 6.20 30.65 9.43
C GLY A 174 6.62 30.07 8.10
N PHE A 175 6.64 30.89 7.05
CA PHE A 175 7.02 30.36 5.75
C PHE A 175 8.52 30.30 5.51
N VAL A 176 9.29 30.76 6.49
CA VAL A 176 10.73 30.63 6.38
C VAL A 176 10.92 29.13 6.62
N GLY A 177 10.03 28.55 7.42
CA GLY A 177 10.06 27.14 7.73
C GLY A 177 9.59 26.34 6.53
N PHE A 178 8.71 26.97 5.73
CA PHE A 178 8.19 26.37 4.51
C PHE A 178 9.38 26.09 3.58
N ALA A 179 10.20 27.12 3.40
CA ALA A 179 11.39 27.03 2.56
C ALA A 179 12.22 25.84 3.02
N ASP A 180 12.44 25.74 4.33
CA ASP A 180 13.21 24.64 4.91
C ASP A 180 12.64 23.33 4.42
N GLU A 181 11.33 23.16 4.64
CA GLU A 181 10.62 21.94 4.24
C GLU A 181 10.81 21.64 2.75
N VAL A 182 10.74 22.68 1.92
CA VAL A 182 10.91 22.53 0.48
C VAL A 182 12.26 21.89 0.15
N ILE A 183 13.33 22.48 0.66
CA ILE A 183 14.65 21.95 0.42
C ILE A 183 14.77 20.50 0.88
N ASN A 184 14.15 20.18 2.01
CA ASN A 184 14.22 18.80 2.50
C ASN A 184 13.38 17.87 1.63
N GLN A 185 12.21 18.34 1.21
CA GLN A 185 11.35 17.53 0.38
C GLN A 185 11.93 17.28 -1.01
N GLU A 186 12.81 18.18 -1.46
CA GLU A 186 13.45 18.02 -2.77
C GLU A 186 14.38 16.83 -2.61
N VAL A 187 14.98 16.73 -1.44
CA VAL A 187 15.88 15.63 -1.16
C VAL A 187 15.11 14.32 -1.17
N GLU A 188 13.95 14.25 -0.51
CA GLU A 188 13.22 13.00 -0.50
C GLU A 188 12.55 12.64 -1.82
N LEU A 189 12.28 13.63 -2.67
CA LEU A 189 11.66 13.35 -3.97
C LEU A 189 12.72 12.98 -5.00
N GLY A 190 13.95 13.39 -4.71
CA GLY A 190 15.05 13.12 -5.62
C GLY A 190 15.03 14.10 -6.78
N ILE A 191 14.36 15.22 -6.58
CA ILE A 191 14.28 16.23 -7.64
C ILE A 191 14.52 17.62 -7.04
N LYS A 192 14.60 18.61 -7.92
CA LYS A 192 14.82 19.97 -7.46
C LYS A 192 13.80 20.85 -8.16
N PHE A 193 13.16 21.72 -7.41
CA PHE A 193 12.17 22.60 -8.01
C PHE A 193 12.90 23.82 -8.56
N ASP A 194 12.57 24.17 -9.80
CA ASP A 194 13.19 25.30 -10.47
C ASP A 194 12.52 26.60 -10.07
N LYS A 195 11.21 26.53 -9.88
CA LYS A 195 10.44 27.71 -9.49
C LYS A 195 9.34 27.39 -8.48
N ILE A 196 8.95 28.40 -7.73
CA ILE A 196 7.89 28.27 -6.74
C ILE A 196 6.88 29.38 -6.99
N VAL A 197 5.66 28.99 -7.33
CA VAL A 197 4.58 29.94 -7.60
C VAL A 197 3.62 30.04 -6.42
N VAL A 198 3.33 31.25 -5.95
CA VAL A 198 2.43 31.41 -4.81
C VAL A 198 1.67 32.75 -4.80
N CYS A 199 0.40 32.69 -4.40
CA CYS A 199 -0.44 33.88 -4.32
C CYS A 199 0.10 34.86 -3.29
N CYS A 200 -0.24 36.14 -3.46
CA CYS A 200 0.27 37.17 -2.56
C CYS A 200 -0.68 38.36 -2.40
N VAL A 201 -1.05 38.67 -1.15
CA VAL A 201 -1.91 39.81 -0.84
C VAL A 201 -1.30 40.66 0.26
N THR A 202 -1.45 40.24 1.53
CA THR A 202 -0.88 41.01 2.64
C THR A 202 0.64 40.88 2.74
N GLY A 203 1.22 39.91 2.05
CA GLY A 203 2.67 39.76 2.03
C GLY A 203 3.46 38.82 2.94
N SER A 204 2.92 38.43 4.09
CA SER A 204 3.66 37.56 5.01
C SER A 204 4.10 36.20 4.42
N THR A 205 3.20 35.54 3.68
CA THR A 205 3.54 34.25 3.08
C THR A 205 4.76 34.35 2.16
N THR A 206 4.64 35.13 1.09
CA THR A 206 5.73 35.33 0.13
C THR A 206 7.02 35.82 0.80
N ALA A 207 6.89 36.78 1.69
CA ALA A 207 8.05 37.32 2.39
C ALA A 207 8.77 36.21 3.15
N GLY A 208 7.99 35.34 3.79
CA GLY A 208 8.57 34.23 4.53
C GLY A 208 9.33 33.31 3.58
N ILE A 209 8.67 32.92 2.50
CA ILE A 209 9.28 32.04 1.50
C ILE A 209 10.54 32.69 0.93
N LEU A 210 10.48 33.99 0.68
CA LEU A 210 11.62 34.73 0.14
C LEU A 210 12.82 34.69 1.10
N ALA A 211 12.60 35.14 2.33
CA ALA A 211 13.67 35.17 3.33
C ALA A 211 14.19 33.75 3.55
N GLY A 212 13.29 32.78 3.54
CA GLY A 212 13.66 31.40 3.73
C GLY A 212 14.53 30.86 2.60
N MET A 213 14.03 30.97 1.37
CA MET A 213 14.78 30.49 0.21
C MET A 213 16.14 31.17 0.12
N ALA A 214 16.22 32.37 0.67
CA ALA A 214 17.46 33.14 0.66
C ALA A 214 18.53 32.42 1.48
N GLN A 215 18.11 31.66 2.48
CA GLN A 215 19.06 30.92 3.32
C GLN A 215 19.91 30.04 2.41
N TYR A 216 19.35 29.68 1.26
CA TYR A 216 20.04 28.82 0.30
C TYR A 216 20.33 29.59 -0.99
N GLY A 217 20.19 30.91 -0.93
CA GLY A 217 20.43 31.73 -2.10
C GLY A 217 19.52 31.46 -3.28
N ARG A 218 18.31 30.94 -3.01
CA ARG A 218 17.36 30.60 -4.05
C ARG A 218 16.14 31.52 -4.08
N GLN A 219 16.27 32.74 -3.54
CA GLN A 219 15.15 33.67 -3.51
C GLN A 219 14.58 34.00 -4.88
N ASP A 220 15.39 33.85 -5.93
CA ASP A 220 14.94 34.14 -7.28
C ASP A 220 14.03 33.06 -7.86
N ASP A 221 13.93 31.94 -7.17
CA ASP A 221 13.08 30.85 -7.62
C ASP A 221 11.62 31.17 -7.31
N VAL A 222 11.42 32.18 -6.46
CA VAL A 222 10.08 32.57 -6.04
C VAL A 222 9.35 33.46 -7.05
N ILE A 223 8.09 33.11 -7.33
CA ILE A 223 7.25 33.85 -8.25
C ILE A 223 5.89 34.09 -7.60
N ALA A 224 5.70 35.29 -7.08
CA ALA A 224 4.43 35.61 -6.44
C ALA A 224 3.41 36.11 -7.45
N ILE A 225 2.18 35.60 -7.34
CA ILE A 225 1.09 36.02 -8.20
C ILE A 225 0.20 36.91 -7.35
N ASP A 226 0.14 38.19 -7.70
CA ASP A 226 -0.66 39.14 -6.95
C ASP A 226 -2.17 38.90 -7.10
N ALA A 227 -2.92 39.24 -6.05
CA ALA A 227 -4.36 39.08 -6.07
C ALA A 227 -5.00 40.24 -5.34
N SER A 228 -4.19 41.24 -5.00
CA SER A 228 -4.67 42.43 -4.32
C SER A 228 -5.14 43.52 -5.28
N PHE A 229 -4.45 43.61 -6.42
CA PHE A 229 -4.72 44.60 -7.46
C PHE A 229 -4.18 45.96 -7.05
N THR A 230 -3.29 45.94 -6.07
CA THR A 230 -2.65 47.15 -5.57
C THR A 230 -1.16 46.83 -5.52
N SER A 231 -0.54 46.79 -6.69
CA SER A 231 0.88 46.49 -6.81
C SER A 231 1.78 47.14 -5.75
N GLU A 232 1.88 48.47 -5.82
CA GLU A 232 2.70 49.24 -4.89
C GLU A 232 2.72 48.78 -3.42
N LYS A 233 1.61 48.94 -2.71
CA LYS A 233 1.59 48.56 -1.30
C LYS A 233 1.93 47.08 -1.06
N THR A 234 1.26 46.18 -1.77
CA THR A 234 1.53 44.76 -1.60
C THR A 234 3.02 44.48 -1.83
N LYS A 235 3.60 45.00 -2.91
CA LYS A 235 5.01 44.78 -3.15
C LYS A 235 5.84 45.39 -2.04
N GLU A 236 5.50 46.62 -1.66
CA GLU A 236 6.22 47.33 -0.62
C GLU A 236 6.12 46.70 0.77
N GLN A 237 4.93 46.22 1.13
CA GLN A 237 4.77 45.60 2.44
C GLN A 237 5.43 44.22 2.47
N THR A 238 5.33 43.49 1.36
CA THR A 238 5.94 42.17 1.25
C THR A 238 7.44 42.33 1.38
N LEU A 239 7.97 43.35 0.71
CA LEU A 239 9.38 43.67 0.71
C LEU A 239 9.84 44.06 2.11
N ARG A 240 8.95 44.70 2.86
CA ARG A 240 9.24 45.13 4.22
C ARG A 240 9.30 43.95 5.17
N ILE A 241 8.31 43.07 5.10
CA ILE A 241 8.23 41.89 5.94
C ILE A 241 9.40 40.96 5.65
N ALA A 242 9.72 40.80 4.37
CA ALA A 242 10.81 39.93 3.94
C ALA A 242 12.17 40.34 4.51
N ASN A 243 12.39 41.64 4.62
CA ASN A 243 13.66 42.14 5.15
C ASN A 243 13.76 42.04 6.67
N ASN A 244 12.64 42.21 7.38
CA ASN A 244 12.65 42.11 8.84
C ASN A 244 12.90 40.65 9.22
N THR A 245 12.16 39.76 8.58
CA THR A 245 12.28 38.33 8.82
C THR A 245 13.70 37.89 8.47
N ALA A 246 14.28 38.55 7.49
CA ALA A 246 15.64 38.24 7.06
C ALA A 246 16.61 38.43 8.23
N LYS A 247 16.43 39.51 8.97
CA LYS A 247 17.28 39.80 10.12
C LYS A 247 17.03 38.81 11.24
N LEU A 248 15.77 38.66 11.63
CA LEU A 248 15.41 37.75 12.71
C LEU A 248 16.10 36.40 12.60
N ILE A 249 15.94 35.73 11.47
CA ILE A 249 16.56 34.43 11.28
C ILE A 249 18.07 34.55 11.18
N GLY A 250 18.57 35.56 10.47
CA GLY A 250 20.00 35.74 10.36
C GLY A 250 20.54 35.98 8.95
N VAL A 251 19.65 35.98 7.97
CA VAL A 251 20.05 36.21 6.58
C VAL A 251 20.48 37.65 6.37
N GLU A 252 21.65 37.84 5.77
CA GLU A 252 22.17 39.16 5.50
C GLU A 252 21.50 39.80 4.28
N HIS A 253 21.57 39.10 3.16
CA HIS A 253 20.96 39.58 1.91
C HIS A 253 19.72 40.41 2.17
N GLU A 254 19.62 41.53 1.45
CA GLU A 254 18.47 42.43 1.58
C GLU A 254 17.69 42.45 0.28
N PHE A 255 16.36 42.37 0.40
CA PHE A 255 15.48 42.35 -0.76
C PHE A 255 15.08 43.76 -1.18
N LYS A 256 15.48 44.14 -2.39
CA LYS A 256 15.16 45.45 -2.94
C LYS A 256 14.03 45.30 -3.94
N ASP A 257 13.72 44.05 -4.29
CA ASP A 257 12.64 43.76 -5.23
C ASP A 257 12.49 42.26 -5.36
N PHE A 258 11.37 41.83 -5.93
CA PHE A 258 11.10 40.41 -6.12
C PHE A 258 10.04 40.24 -7.21
N THR A 259 9.97 39.06 -7.79
CA THR A 259 9.03 38.78 -8.86
C THR A 259 7.56 38.75 -8.40
N LEU A 260 6.78 39.72 -8.86
CA LEU A 260 5.36 39.79 -8.51
C LEU A 260 4.50 40.01 -9.77
N ASP A 261 4.04 38.92 -10.37
CA ASP A 261 3.22 39.01 -11.57
C ASP A 261 1.83 39.56 -11.23
N THR A 262 1.59 40.82 -11.62
CA THR A 262 0.33 41.49 -11.35
C THR A 262 -0.70 41.37 -12.46
N ARG A 263 -0.43 40.52 -13.45
CA ARG A 263 -1.33 40.35 -14.57
C ARG A 263 -2.71 39.79 -14.28
N PHE A 264 -2.88 39.14 -13.14
CA PHE A 264 -4.17 38.50 -12.92
C PHE A 264 -5.09 38.98 -11.80
N ALA A 265 -4.63 39.93 -11.00
CA ALA A 265 -5.45 40.43 -9.90
C ALA A 265 -6.80 40.95 -10.41
N TYR A 266 -6.81 41.49 -11.62
CA TYR A 266 -8.01 42.03 -12.26
C TYR A 266 -9.26 41.17 -12.03
N PRO A 267 -10.42 41.81 -11.80
CA PRO A 267 -10.65 43.25 -11.74
C PRO A 267 -10.38 43.90 -10.40
N CYS A 268 -10.24 43.09 -9.35
CA CYS A 268 -9.95 43.61 -8.01
C CYS A 268 -9.93 42.51 -6.96
N TYR A 269 -9.44 42.85 -5.77
CA TYR A 269 -9.37 41.90 -4.67
C TYR A 269 -10.74 41.33 -4.33
N GLY A 270 -10.80 40.00 -4.23
CA GLY A 270 -12.03 39.33 -3.87
C GLY A 270 -12.96 39.02 -5.02
N VAL A 271 -12.60 39.45 -6.22
CA VAL A 271 -13.44 39.19 -7.38
C VAL A 271 -12.60 38.55 -8.45
N PRO A 272 -13.09 37.43 -9.04
CA PRO A 272 -12.37 36.70 -10.08
C PRO A 272 -12.71 37.22 -11.47
N ASN A 273 -11.83 36.95 -12.43
CA ASN A 273 -12.08 37.34 -13.81
C ASN A 273 -12.37 36.02 -14.51
N GLU A 274 -12.80 36.07 -15.76
CA GLU A 274 -13.12 34.84 -16.49
C GLU A 274 -11.95 33.88 -16.58
N GLY A 275 -10.74 34.42 -16.47
CA GLY A 275 -9.55 33.58 -16.53
C GLY A 275 -9.38 32.79 -15.24
N THR A 276 -9.76 33.42 -14.13
CA THR A 276 -9.68 32.81 -12.81
C THR A 276 -10.64 31.63 -12.78
N ILE A 277 -11.89 31.87 -13.17
CA ILE A 277 -12.89 30.82 -13.18
C ILE A 277 -12.44 29.67 -14.06
N GLU A 278 -11.84 30.01 -15.20
CA GLU A 278 -11.34 29.00 -16.13
C GLU A 278 -10.25 28.16 -15.49
N ALA A 279 -9.34 28.82 -14.76
CA ALA A 279 -8.23 28.15 -14.09
C ALA A 279 -8.75 27.21 -13.00
N ILE A 280 -9.58 27.73 -12.12
CA ILE A 280 -10.18 26.94 -11.05
C ILE A 280 -10.74 25.66 -11.66
N ARG A 281 -11.58 25.84 -12.68
CA ARG A 281 -12.21 24.73 -13.37
C ARG A 281 -11.21 23.75 -13.97
N THR A 282 -10.20 24.27 -14.65
CA THR A 282 -9.19 23.40 -15.28
C THR A 282 -8.45 22.55 -14.24
N CYS A 283 -8.08 23.17 -13.12
CA CYS A 283 -7.38 22.42 -12.07
C CYS A 283 -8.32 21.38 -11.48
N ALA A 284 -9.53 21.80 -11.11
CA ALA A 284 -10.55 20.92 -10.55
C ALA A 284 -10.87 19.74 -11.46
N GLU A 285 -11.05 20.02 -12.74
CA GLU A 285 -11.38 19.00 -13.74
C GLU A 285 -10.21 18.09 -14.05
N GLN A 286 -8.99 18.58 -13.88
CA GLN A 286 -7.81 17.78 -14.16
C GLN A 286 -7.30 16.97 -12.96
N GLU A 287 -7.25 17.60 -11.79
CA GLU A 287 -6.73 16.93 -10.60
C GLU A 287 -7.74 16.61 -9.50
N GLY A 288 -8.87 17.33 -9.48
CA GLY A 288 -9.85 17.10 -8.45
C GLY A 288 -9.46 17.97 -7.27
N VAL A 289 -8.57 18.92 -7.56
CA VAL A 289 -8.06 19.85 -6.57
C VAL A 289 -8.84 21.16 -6.67
N LEU A 290 -9.30 21.66 -5.52
CA LEU A 290 -10.09 22.87 -5.45
C LEU A 290 -9.30 24.13 -5.12
N THR A 291 -9.54 25.17 -5.91
CA THR A 291 -8.89 26.46 -5.73
C THR A 291 -9.99 27.51 -5.60
N ASP A 292 -9.70 28.63 -4.93
CA ASP A 292 -10.70 29.66 -4.72
C ASP A 292 -10.60 30.89 -5.65
N PRO A 293 -11.74 31.55 -5.89
CA PRO A 293 -11.87 32.74 -6.74
C PRO A 293 -11.10 33.96 -6.25
N VAL A 294 -10.69 33.95 -4.99
CA VAL A 294 -9.98 35.09 -4.44
C VAL A 294 -8.47 34.96 -4.41
N TYR A 295 -7.97 33.81 -3.98
CA TYR A 295 -6.52 33.66 -3.88
C TYR A 295 -5.83 32.63 -4.77
N GLU A 296 -6.17 31.35 -4.57
CA GLU A 296 -5.54 30.27 -5.33
C GLU A 296 -5.99 30.17 -6.79
N GLY A 297 -7.20 30.60 -7.09
CA GLY A 297 -7.69 30.54 -8.45
C GLY A 297 -6.87 31.46 -9.34
N LYS A 298 -6.52 32.62 -8.80
CA LYS A 298 -5.72 33.58 -9.53
C LYS A 298 -4.25 33.13 -9.63
N SER A 299 -3.69 32.63 -8.53
CA SER A 299 -2.30 32.18 -8.57
C SER A 299 -2.23 31.01 -9.55
N MET A 300 -3.32 30.25 -9.65
CA MET A 300 -3.37 29.11 -10.55
C MET A 300 -3.52 29.55 -12.02
N GLN A 301 -4.28 30.60 -12.28
CA GLN A 301 -4.42 31.06 -13.66
C GLN A 301 -3.08 31.64 -14.08
N GLY A 302 -2.39 32.26 -13.12
CA GLY A 302 -1.08 32.83 -13.39
C GLY A 302 -0.12 31.73 -13.77
N LEU A 303 -0.26 30.59 -13.09
CA LEU A 303 0.59 29.44 -13.35
C LEU A 303 0.36 28.93 -14.74
N ILE A 304 -0.91 28.80 -15.11
CA ILE A 304 -1.29 28.31 -16.43
C ILE A 304 -0.82 29.27 -17.54
N ALA A 305 -1.04 30.58 -17.36
CA ALA A 305 -0.63 31.56 -18.36
C ALA A 305 0.88 31.50 -18.58
N LEU A 306 1.62 31.44 -17.48
CA LEU A 306 3.07 31.37 -17.54
C LEU A 306 3.55 30.13 -18.28
N ILE A 307 2.81 29.03 -18.14
CA ILE A 307 3.20 27.79 -18.82
C ILE A 307 2.92 27.87 -20.31
N LYS A 308 1.86 28.58 -20.69
CA LYS A 308 1.51 28.72 -22.10
C LYS A 308 2.62 29.51 -22.81
N GLU A 309 2.92 30.68 -22.28
CA GLU A 309 3.95 31.55 -22.86
C GLU A 309 5.35 30.99 -22.70
N ASP A 310 5.44 29.68 -22.43
CA ASP A 310 6.71 29.00 -22.25
C ASP A 310 7.67 29.75 -21.33
N TYR A 311 7.15 30.26 -20.22
CA TYR A 311 7.98 31.00 -19.27
C TYR A 311 9.02 30.10 -18.59
N PHE A 312 8.71 28.81 -18.43
CA PHE A 312 9.64 27.90 -17.77
C PHE A 312 10.48 27.06 -18.74
N LYS A 313 11.66 26.66 -18.29
CA LYS A 313 12.53 25.82 -19.08
C LYS A 313 11.80 24.51 -19.31
N PRO A 314 11.98 23.88 -20.48
CA PRO A 314 11.29 22.61 -20.73
C PRO A 314 11.63 21.58 -19.67
N GLY A 315 10.61 20.85 -19.20
CA GLY A 315 10.87 19.84 -18.19
C GLY A 315 11.18 20.42 -16.82
N ALA A 316 10.88 21.69 -16.64
CA ALA A 316 11.11 22.35 -15.36
C ALA A 316 10.14 21.82 -14.31
N ASN A 317 10.62 21.70 -13.08
CA ASN A 317 9.77 21.25 -12.00
C ASN A 317 9.32 22.50 -11.27
N VAL A 318 8.03 22.83 -11.40
CA VAL A 318 7.47 24.02 -10.76
C VAL A 318 6.60 23.67 -9.56
N LEU A 319 6.93 24.24 -8.39
CA LEU A 319 6.15 23.96 -7.19
C LEU A 319 5.09 25.01 -6.93
N TYR A 320 3.84 24.64 -7.18
CA TYR A 320 2.70 25.51 -6.94
C TYR A 320 2.34 25.42 -5.45
N VAL A 321 2.08 26.56 -4.84
CA VAL A 321 1.76 26.59 -3.42
C VAL A 321 0.28 26.77 -3.14
N HIS A 322 -0.36 25.73 -2.63
CA HIS A 322 -1.78 25.82 -2.30
C HIS A 322 -1.90 26.29 -0.86
N LEU A 323 -2.42 27.50 -0.67
CA LEU A 323 -2.55 28.09 0.65
C LEU A 323 -3.94 27.93 1.27
N GLY A 324 -4.80 27.16 0.62
CA GLY A 324 -6.13 26.93 1.11
C GLY A 324 -7.18 27.80 0.43
N GLY A 325 -8.03 28.45 1.22
CA GLY A 325 -9.05 29.32 0.69
C GLY A 325 -10.31 28.68 0.14
N ALA A 326 -10.24 27.41 -0.24
CA ALA A 326 -11.39 26.72 -0.80
C ALA A 326 -12.69 26.79 0.03
N PRO A 327 -12.59 26.91 1.36
CA PRO A 327 -13.81 26.98 2.20
C PRO A 327 -14.74 28.14 1.84
N ALA A 328 -14.17 29.21 1.29
CA ALA A 328 -14.92 30.40 0.89
C ALA A 328 -15.61 30.19 -0.45
N LEU A 329 -15.28 29.10 -1.13
CA LEU A 329 -15.84 28.80 -2.43
C LEU A 329 -17.36 28.79 -2.44
N SER A 330 -17.95 28.65 -1.25
CA SER A 330 -19.41 28.62 -1.12
C SER A 330 -20.08 29.97 -1.33
N ALA A 331 -19.32 31.05 -1.19
CA ALA A 331 -19.86 32.39 -1.37
C ALA A 331 -19.71 32.88 -2.80
N TYR A 332 -19.29 31.98 -3.69
CA TYR A 332 -19.11 32.31 -5.10
C TYR A 332 -19.71 31.28 -6.04
N SER A 333 -20.80 30.64 -5.60
CA SER A 333 -21.46 29.60 -6.40
C SER A 333 -22.00 30.08 -7.73
N SER A 334 -22.39 31.35 -7.81
CA SER A 334 -22.94 31.90 -9.05
C SER A 334 -21.94 31.78 -10.18
N PHE A 335 -20.66 31.86 -9.86
CA PHE A 335 -19.60 31.80 -10.86
C PHE A 335 -19.32 30.44 -11.48
N PHE A 336 -19.86 29.38 -10.90
CA PHE A 336 -19.61 28.04 -11.43
C PHE A 336 -20.84 27.26 -11.82
N PRO A 337 -21.43 27.57 -12.99
CA PRO A 337 -22.63 26.87 -13.45
C PRO A 337 -22.31 25.46 -13.92
N THR A 338 -23.27 24.55 -13.77
CA THR A 338 -23.07 23.16 -14.18
C THR A 338 -22.61 23.08 -15.64
N LYS A 339 -21.46 22.46 -15.85
CA LYS A 339 -20.91 22.30 -17.19
C LYS A 339 -21.83 21.38 -18.00
N THR A 340 -21.64 21.39 -19.32
CA THR A 340 -22.46 20.56 -20.20
C THR A 340 -21.65 19.42 -20.83
N ALA A 341 -22.35 18.33 -21.14
CA ALA A 341 -21.71 17.16 -21.74
C ALA A 341 -22.30 16.89 -23.12
N ALA B 1 -8.05 -13.62 6.95
CA ALA B 1 -7.36 -12.31 7.09
C ALA B 1 -6.65 -11.87 5.81
N GLY B 2 -6.52 -10.56 5.64
CA GLY B 2 -5.85 -10.04 4.47
C GLY B 2 -6.68 -9.21 3.52
N VAL B 3 -6.55 -7.89 3.63
CA VAL B 3 -7.23 -6.97 2.73
C VAL B 3 -6.17 -6.79 1.64
N ALA B 4 -4.95 -7.17 2.01
CA ALA B 4 -3.79 -7.08 1.14
C ALA B 4 -3.90 -7.90 -0.14
N LYS B 5 -4.81 -8.86 -0.18
CA LYS B 5 -4.94 -9.65 -1.41
C LYS B 5 -5.78 -8.92 -2.47
N PHE B 6 -6.20 -7.70 -2.14
CA PHE B 6 -7.00 -6.92 -3.07
C PHE B 6 -6.23 -5.71 -3.58
N ALA B 7 -6.40 -5.45 -4.87
CA ALA B 7 -5.74 -4.32 -5.52
C ALA B 7 -6.21 -3.00 -4.92
N LYS B 8 -5.25 -2.13 -4.63
CA LYS B 8 -5.54 -0.82 -4.06
C LYS B 8 -4.93 0.30 -4.91
N TYR B 9 -5.69 1.37 -5.11
CA TYR B 9 -5.23 2.53 -5.88
C TYR B 9 -5.14 3.71 -4.90
N PRO B 10 -3.94 4.23 -4.65
CA PRO B 10 -3.76 5.36 -3.73
C PRO B 10 -4.51 6.64 -4.10
N LEU B 11 -5.24 7.18 -3.12
CA LEU B 11 -6.03 8.40 -3.30
C LEU B 11 -5.89 9.29 -2.07
N THR B 12 -5.08 8.83 -1.11
CA THR B 12 -4.87 9.58 0.12
C THR B 12 -3.39 9.70 0.37
N PHE B 13 -3.01 10.59 1.28
CA PHE B 13 -1.62 10.81 1.64
C PHE B 13 -1.03 9.64 2.41
N GLY B 14 -1.91 8.72 2.82
CA GLY B 14 -1.46 7.57 3.60
C GLY B 14 -2.37 7.38 4.82
N PRO B 15 -1.84 6.86 5.94
CA PRO B 15 -2.66 6.66 7.15
C PRO B 15 -3.23 7.95 7.71
N SER B 16 -4.55 8.04 7.79
CA SER B 16 -5.18 9.25 8.32
C SER B 16 -4.66 9.50 9.73
N PRO B 17 -4.39 10.77 10.08
CA PRO B 17 -3.89 11.14 11.40
C PRO B 17 -4.91 10.99 12.54
N ILE B 18 -4.43 11.05 13.78
CA ILE B 18 -5.31 10.94 14.94
C ILE B 18 -5.14 12.18 15.81
N SER B 19 -6.27 12.85 16.09
CA SER B 19 -6.26 14.07 16.88
C SER B 19 -6.52 13.80 18.37
N ASN B 20 -5.81 14.55 19.21
CA ASN B 20 -5.95 14.45 20.67
C ASN B 20 -6.86 15.56 21.18
N LEU B 21 -8.16 15.31 21.21
CA LEU B 21 -9.12 16.30 21.68
C LEU B 21 -9.13 16.35 23.21
N ASN B 22 -7.99 16.71 23.79
CA ASN B 22 -7.84 16.77 25.25
C ASN B 22 -8.65 17.90 25.88
N ARG B 23 -8.75 19.03 25.17
CA ARG B 23 -9.48 20.17 25.68
C ARG B 23 -10.99 19.87 25.76
N LEU B 24 -11.49 19.12 24.79
CA LEU B 24 -12.90 18.76 24.79
C LEU B 24 -13.13 17.71 25.88
N SER B 25 -12.05 17.01 26.24
CA SER B 25 -12.11 15.97 27.26
C SER B 25 -12.53 16.60 28.59
N GLN B 26 -11.72 17.55 29.07
CA GLN B 26 -11.98 18.24 30.32
C GLN B 26 -13.36 18.91 30.35
N HIS B 27 -13.72 19.53 29.23
CA HIS B 27 -15.01 20.20 29.13
C HIS B 27 -16.15 19.22 29.35
N LEU B 28 -15.89 17.93 29.16
CA LEU B 28 -16.94 16.93 29.34
C LEU B 28 -16.87 16.16 30.67
N GLY B 29 -15.92 16.54 31.51
CA GLY B 29 -15.79 15.88 32.80
C GLY B 29 -14.52 15.08 33.04
N SER B 30 -13.56 15.17 32.13
CA SER B 30 -12.31 14.45 32.25
C SER B 30 -12.53 12.96 32.55
N LYS B 31 -13.74 12.49 32.29
CA LYS B 31 -14.11 11.10 32.53
C LYS B 31 -13.35 10.20 31.57
N VAL B 32 -13.28 10.62 30.31
CA VAL B 32 -12.60 9.86 29.27
C VAL B 32 -11.60 10.75 28.53
N ASN B 33 -10.71 10.10 27.78
CA ASN B 33 -9.72 10.81 26.98
C ASN B 33 -10.16 10.63 25.53
N VAL B 34 -10.85 11.64 25.00
CA VAL B 34 -11.34 11.58 23.62
C VAL B 34 -10.24 11.83 22.61
N TYR B 35 -10.29 11.06 21.51
CA TYR B 35 -9.33 11.17 20.41
C TYR B 35 -10.11 11.13 19.10
N ALA B 36 -9.52 11.68 18.04
CA ALA B 36 -10.21 11.70 16.74
C ALA B 36 -9.35 11.27 15.55
N LYS B 37 -9.86 10.27 14.82
CA LYS B 37 -9.20 9.75 13.63
C LYS B 37 -9.72 10.67 12.52
N ARG B 38 -8.82 11.44 11.94
CA ARG B 38 -9.19 12.40 10.91
C ARG B 38 -9.27 11.90 9.47
N GLU B 39 -10.40 11.32 9.10
CA GLU B 39 -10.62 10.83 7.74
C GLU B 39 -11.02 12.02 6.88
N ASP B 40 -11.30 13.15 7.54
CA ASP B 40 -11.68 14.38 6.86
C ASP B 40 -10.42 15.15 6.48
N CYS B 41 -9.27 14.57 6.80
CA CYS B 41 -7.98 15.17 6.49
C CYS B 41 -7.23 14.11 5.66
N ASN B 42 -8.02 13.42 4.84
CA ASN B 42 -7.63 12.35 3.92
C ASN B 42 -6.58 12.63 2.84
N SER B 43 -6.98 13.44 1.85
CA SER B 43 -6.11 13.76 0.73
C SER B 43 -6.35 15.15 0.16
N GLY B 44 -5.71 15.42 -0.98
CA GLY B 44 -5.86 16.72 -1.64
C GLY B 44 -7.04 16.73 -2.56
N LEU B 45 -7.70 15.59 -2.71
CA LEU B 45 -8.85 15.49 -3.60
C LEU B 45 -10.12 16.07 -2.98
N ALA B 46 -10.41 17.32 -3.32
CA ALA B 46 -11.60 18.01 -2.86
C ALA B 46 -11.98 17.79 -1.38
N PHE B 47 -11.06 18.09 -0.47
CA PHE B 47 -11.30 17.98 0.97
C PHE B 47 -11.20 16.61 1.64
N GLY B 48 -11.03 15.56 0.86
CA GLY B 48 -10.92 14.24 1.46
C GLY B 48 -12.23 13.70 2.00
N GLY B 49 -12.14 12.73 2.91
CA GLY B 49 -13.34 12.14 3.47
C GLY B 49 -13.37 10.63 3.34
N ASN B 50 -14.23 10.01 4.14
CA ASN B 50 -14.37 8.56 4.16
C ASN B 50 -14.55 7.85 2.83
N THR B 51 -15.32 8.43 1.91
CA THR B 51 -15.55 7.78 0.62
C THR B 51 -14.25 7.51 -0.15
N LEU B 52 -13.23 8.35 0.05
CA LEU B 52 -11.95 8.15 -0.63
C LEU B 52 -11.30 6.85 -0.20
N ARG B 53 -11.42 6.50 1.08
CA ARG B 53 -10.84 5.26 1.57
C ARG B 53 -11.50 4.09 0.85
N LYS B 54 -12.82 4.13 0.75
CA LYS B 54 -13.59 3.09 0.06
C LYS B 54 -13.22 2.96 -1.42
N LEU B 55 -13.11 4.10 -2.10
CA LEU B 55 -12.79 4.13 -3.53
C LEU B 55 -11.44 3.53 -3.92
N GLU B 56 -10.46 3.60 -3.03
CA GLU B 56 -9.13 3.05 -3.31
C GLU B 56 -9.18 1.60 -3.75
N TYR B 57 -10.12 0.83 -3.19
CA TYR B 57 -10.22 -0.57 -3.55
C TYR B 57 -11.17 -0.83 -4.69
N ILE B 58 -11.82 0.23 -5.17
CA ILE B 58 -12.76 0.09 -6.29
C ILE B 58 -12.11 0.56 -7.59
N VAL B 59 -11.29 1.61 -7.49
CA VAL B 59 -10.61 2.17 -8.67
C VAL B 59 -9.87 1.17 -9.55
N PRO B 60 -9.08 0.26 -8.95
CA PRO B 60 -8.37 -0.70 -9.79
C PRO B 60 -9.26 -1.29 -10.88
N ASP B 61 -10.44 -1.77 -10.48
CA ASP B 61 -11.38 -2.37 -11.42
C ASP B 61 -11.80 -1.39 -12.51
N ILE B 62 -12.01 -0.13 -12.12
CA ILE B 62 -12.40 0.92 -13.05
C ILE B 62 -11.33 1.10 -14.13
N VAL B 63 -10.09 1.26 -13.68
CA VAL B 63 -8.96 1.46 -14.57
C VAL B 63 -8.66 0.22 -15.42
N GLU B 64 -8.59 -0.94 -14.76
CA GLU B 64 -8.30 -2.18 -15.48
C GLU B 64 -9.32 -2.37 -16.57
N GLY B 65 -10.57 -2.02 -16.27
CA GLY B 65 -11.62 -2.14 -17.27
C GLY B 65 -11.32 -1.09 -18.32
N ASP B 66 -12.36 -0.53 -18.92
CA ASP B 66 -12.16 0.48 -19.94
C ASP B 66 -13.37 1.40 -19.92
N TYR B 67 -13.91 1.59 -18.73
CA TYR B 67 -15.07 2.44 -18.54
C TYR B 67 -14.72 3.86 -18.96
N THR B 68 -15.74 4.71 -19.05
CA THR B 68 -15.51 6.08 -19.48
C THR B 68 -16.34 7.06 -18.66
N HIS B 69 -17.12 6.54 -17.71
CA HIS B 69 -17.96 7.36 -16.87
C HIS B 69 -18.08 6.80 -15.46
N LEU B 70 -17.97 7.67 -14.46
CA LEU B 70 -18.12 7.23 -13.08
C LEU B 70 -19.46 7.77 -12.62
N VAL B 71 -20.46 6.90 -12.58
CA VAL B 71 -21.80 7.32 -12.15
C VAL B 71 -22.10 6.89 -10.73
N SER B 72 -22.40 7.87 -9.89
CA SER B 72 -22.73 7.61 -8.48
C SER B 72 -24.10 8.19 -8.18
N ILE B 73 -24.44 8.29 -6.89
CA ILE B 73 -25.75 8.82 -6.49
C ILE B 73 -25.81 9.17 -5.02
N GLY B 74 -26.61 10.19 -4.69
CA GLY B 74 -26.75 10.61 -3.31
C GLY B 74 -27.82 11.68 -3.16
N GLY B 75 -27.79 12.40 -2.04
CA GLY B 75 -28.78 13.44 -1.84
C GLY B 75 -28.20 14.84 -1.72
N ARG B 76 -28.74 15.78 -2.50
CA ARG B 76 -28.31 17.18 -2.51
C ARG B 76 -26.86 17.42 -2.07
N GLN B 77 -26.66 17.52 -0.76
CA GLN B 77 -25.34 17.76 -0.19
C GLN B 77 -24.51 16.48 -0.03
N SER B 78 -24.84 15.46 -0.81
CA SER B 78 -24.13 14.20 -0.75
C SER B 78 -22.61 14.38 -0.78
N ASN B 79 -21.92 13.83 0.21
CA ASN B 79 -20.48 13.94 0.26
C ASN B 79 -19.84 13.03 -0.77
N GLN B 80 -20.34 11.81 -0.86
CA GLN B 80 -19.81 10.85 -1.82
C GLN B 80 -19.75 11.36 -3.25
N THR B 81 -20.85 11.95 -3.73
CA THR B 81 -20.89 12.46 -5.08
C THR B 81 -19.73 13.42 -5.33
N ARG B 82 -19.46 14.28 -4.36
CA ARG B 82 -18.38 15.25 -4.48
C ARG B 82 -17.03 14.53 -4.63
N MET B 83 -16.79 13.50 -3.83
CA MET B 83 -15.53 12.77 -3.91
C MET B 83 -15.42 11.87 -5.14
N VAL B 84 -16.57 11.45 -5.67
CA VAL B 84 -16.54 10.62 -6.88
C VAL B 84 -16.19 11.52 -8.06
N ALA B 85 -16.69 12.76 -8.03
CA ALA B 85 -16.40 13.70 -9.10
C ALA B 85 -14.89 13.95 -9.07
N ALA B 86 -14.36 14.12 -7.87
CA ALA B 86 -12.93 14.36 -7.69
C ALA B 86 -12.14 13.19 -8.23
N LEU B 87 -12.68 11.98 -8.07
CA LEU B 87 -12.00 10.79 -8.54
C LEU B 87 -12.03 10.70 -10.05
N ALA B 88 -13.19 10.99 -10.64
CA ALA B 88 -13.33 10.95 -12.09
C ALA B 88 -12.34 11.94 -12.69
N ALA B 89 -12.27 13.14 -12.11
CA ALA B 89 -11.34 14.14 -12.60
C ALA B 89 -9.95 13.56 -12.59
N LYS B 90 -9.48 13.14 -11.42
CA LYS B 90 -8.14 12.56 -11.29
C LYS B 90 -7.91 11.39 -12.24
N LEU B 91 -8.94 10.61 -12.52
CA LEU B 91 -8.80 9.46 -13.41
C LEU B 91 -8.93 9.88 -14.87
N GLY B 92 -9.29 11.14 -15.10
CA GLY B 92 -9.46 11.60 -16.45
C GLY B 92 -10.64 10.90 -17.09
N LYS B 93 -11.74 10.81 -16.35
CA LYS B 93 -12.94 10.15 -16.84
C LYS B 93 -14.15 11.05 -16.61
N LYS B 94 -15.24 10.75 -17.31
CA LYS B 94 -16.47 11.50 -17.17
C LYS B 94 -17.16 11.14 -15.86
N CYS B 95 -18.10 11.97 -15.44
CA CYS B 95 -18.82 11.73 -14.19
C CYS B 95 -20.26 12.23 -14.25
N VAL B 96 -21.19 11.38 -13.82
CA VAL B 96 -22.60 11.72 -13.79
C VAL B 96 -23.14 11.50 -12.38
N LEU B 97 -23.55 12.59 -11.73
CA LEU B 97 -24.06 12.50 -10.38
C LEU B 97 -25.58 12.63 -10.34
N ILE B 98 -26.18 12.07 -9.29
CA ILE B 98 -27.63 12.13 -9.12
C ILE B 98 -27.92 12.68 -7.72
N GLN B 99 -28.30 13.95 -7.65
CA GLN B 99 -28.57 14.57 -6.35
C GLN B 99 -30.07 14.61 -6.06
N GLU B 100 -30.60 13.50 -5.55
CA GLU B 100 -32.01 13.41 -5.21
C GLU B 100 -32.30 14.12 -3.89
N ASP B 101 -33.58 14.21 -3.53
CA ASP B 101 -33.97 14.87 -2.30
C ASP B 101 -34.21 13.83 -1.22
N TRP B 102 -33.25 13.70 -0.31
CA TRP B 102 -33.37 12.74 0.78
C TRP B 102 -33.59 13.47 2.11
N VAL B 103 -33.41 14.79 2.08
CA VAL B 103 -33.59 15.59 3.28
C VAL B 103 -34.59 16.72 3.06
N PRO B 104 -35.59 16.85 3.95
CA PRO B 104 -36.59 17.91 3.82
C PRO B 104 -35.93 19.28 3.97
N ILE B 105 -35.40 19.78 2.86
CA ILE B 105 -34.72 21.07 2.82
C ILE B 105 -35.38 22.12 3.70
N PRO B 106 -34.83 22.36 4.90
CA PRO B 106 -35.37 23.35 5.84
C PRO B 106 -35.56 24.71 5.15
N GLU B 107 -36.82 25.07 4.93
CA GLU B 107 -37.17 26.33 4.27
C GLU B 107 -36.12 27.43 4.39
N ALA B 108 -35.61 27.64 5.60
CA ALA B 108 -34.60 28.67 5.83
C ALA B 108 -33.29 28.32 5.12
N GLU B 109 -33.39 27.55 4.05
CA GLU B 109 -32.21 27.13 3.30
C GLU B 109 -32.60 26.60 1.92
N LYS B 110 -33.89 26.65 1.62
CA LYS B 110 -34.39 26.16 0.34
C LYS B 110 -33.74 26.82 -0.86
N ASP B 111 -32.94 27.86 -0.60
CA ASP B 111 -32.25 28.57 -1.66
C ASP B 111 -30.83 28.05 -1.87
N VAL B 112 -29.96 28.32 -0.91
CA VAL B 112 -28.57 27.92 -0.97
C VAL B 112 -28.32 26.41 -0.92
N TYR B 113 -29.29 25.67 -0.39
CA TYR B 113 -29.16 24.22 -0.27
C TYR B 113 -28.84 23.48 -1.56
N ASN B 114 -29.24 24.04 -2.70
CA ASN B 114 -28.99 23.38 -3.97
C ASN B 114 -27.94 24.09 -4.81
N ARG B 115 -27.49 25.25 -4.34
CA ARG B 115 -26.49 26.03 -5.07
C ARG B 115 -25.12 26.01 -4.41
N VAL B 116 -25.07 25.69 -3.12
CA VAL B 116 -23.81 25.70 -2.40
C VAL B 116 -23.41 24.31 -1.88
N GLY B 117 -22.45 24.29 -0.95
CA GLY B 117 -22.02 23.02 -0.38
C GLY B 117 -21.30 22.07 -1.31
N ASN B 118 -21.49 20.79 -1.07
CA ASN B 118 -20.84 19.76 -1.87
C ASN B 118 -21.29 19.70 -3.32
N ILE B 119 -22.54 20.04 -3.59
CA ILE B 119 -23.04 20.00 -4.96
C ILE B 119 -22.33 21.03 -5.84
N GLU B 120 -21.95 22.17 -5.26
CA GLU B 120 -21.24 23.21 -6.02
C GLU B 120 -19.90 22.65 -6.47
N LEU B 121 -19.21 21.99 -5.54
CA LEU B 121 -17.89 21.43 -5.79
C LEU B 121 -17.86 20.36 -6.89
N SER B 122 -18.98 19.65 -7.06
CA SER B 122 -19.05 18.62 -8.08
C SER B 122 -19.16 19.28 -9.45
N ARG B 123 -19.85 20.41 -9.49
CA ARG B 123 -20.03 21.15 -10.72
C ARG B 123 -18.69 21.75 -11.14
N ILE B 124 -18.02 22.37 -10.19
CA ILE B 124 -16.72 22.98 -10.46
C ILE B 124 -15.77 21.94 -11.04
N MET B 125 -15.88 20.69 -10.57
CA MET B 125 -15.01 19.63 -11.06
C MET B 125 -15.48 19.06 -12.40
N GLY B 126 -16.50 19.70 -12.99
CA GLY B 126 -17.00 19.29 -14.29
C GLY B 126 -17.81 18.02 -14.43
N ALA B 127 -18.53 17.62 -13.38
CA ALA B 127 -19.33 16.41 -13.45
C ALA B 127 -20.75 16.75 -13.91
N ASP B 128 -21.38 15.83 -14.64
CA ASP B 128 -22.75 16.01 -15.13
C ASP B 128 -23.69 15.84 -13.94
N VAL B 129 -23.87 16.89 -13.16
CA VAL B 129 -24.73 16.87 -11.99
C VAL B 129 -26.20 17.03 -12.37
N ARG B 130 -27.02 16.05 -12.00
CA ARG B 130 -28.45 16.08 -12.30
C ARG B 130 -29.26 16.17 -11.02
N VAL B 131 -30.02 17.25 -10.89
CA VAL B 131 -30.83 17.49 -9.70
C VAL B 131 -32.21 16.83 -9.78
N ILE B 132 -32.30 15.60 -9.32
CA ILE B 132 -33.56 14.87 -9.32
C ILE B 132 -34.18 15.07 -7.94
N GLU B 133 -35.38 14.56 -7.73
CA GLU B 133 -36.04 14.70 -6.44
C GLU B 133 -36.91 13.49 -6.11
N ASP B 134 -36.26 12.45 -5.58
CA ASP B 134 -36.96 11.22 -5.22
C ASP B 134 -36.73 10.91 -3.73
N GLY B 135 -37.51 9.99 -3.18
CA GLY B 135 -37.39 9.62 -1.79
C GLY B 135 -36.02 9.15 -1.30
N PHE B 136 -35.85 9.19 0.01
CA PHE B 136 -34.59 8.76 0.65
C PHE B 136 -34.54 7.24 0.79
N ASP B 137 -33.42 6.66 0.43
CA ASP B 137 -33.24 5.21 0.51
C ASP B 137 -31.77 4.85 0.41
N ILE B 138 -31.23 4.28 1.48
CA ILE B 138 -29.83 3.87 1.53
C ILE B 138 -29.62 2.61 0.69
N GLY B 139 -30.54 2.37 -0.24
CA GLY B 139 -30.45 1.20 -1.09
C GLY B 139 -30.45 1.59 -2.56
N MET B 140 -30.56 0.62 -3.44
CA MET B 140 -30.57 0.87 -4.88
C MET B 140 -31.77 1.73 -5.28
N ARG B 141 -31.53 2.72 -6.14
CA ARG B 141 -32.60 3.62 -6.57
C ARG B 141 -33.03 3.38 -8.03
N LYS B 142 -34.28 3.71 -8.32
CA LYS B 142 -34.87 3.53 -9.65
C LYS B 142 -34.58 4.70 -10.58
N SER B 143 -33.40 5.30 -10.43
CA SER B 143 -33.00 6.43 -11.26
C SER B 143 -31.53 6.22 -11.61
N PHE B 144 -30.79 5.70 -10.64
CA PHE B 144 -29.37 5.42 -10.80
C PHE B 144 -29.17 4.44 -11.95
N ALA B 145 -30.12 3.52 -12.10
CA ALA B 145 -30.05 2.53 -13.16
C ALA B 145 -30.39 3.14 -14.51
N ASN B 146 -31.30 4.11 -14.49
CA ASN B 146 -31.70 4.78 -15.72
C ASN B 146 -30.54 5.53 -16.33
N ALA B 147 -29.81 6.26 -15.49
CA ALA B 147 -28.65 7.00 -15.93
C ALA B 147 -27.67 6.03 -16.58
N LEU B 148 -27.53 4.86 -15.97
CA LEU B 148 -26.63 3.83 -16.47
C LEU B 148 -27.07 3.41 -17.87
N GLN B 149 -28.33 2.99 -17.99
CA GLN B 149 -28.89 2.56 -19.27
C GLN B 149 -28.76 3.70 -20.28
N GLU B 150 -28.85 4.93 -19.78
CA GLU B 150 -28.75 6.13 -20.61
C GLU B 150 -27.39 6.24 -21.28
N LEU B 151 -26.33 6.28 -20.46
CA LEU B 151 -24.97 6.39 -20.98
C LEU B 151 -24.57 5.20 -21.85
N GLU B 152 -25.09 4.02 -21.54
CA GLU B 152 -24.78 2.83 -22.32
C GLU B 152 -25.31 2.98 -23.74
N ASP B 153 -26.57 3.40 -23.85
CA ASP B 153 -27.17 3.58 -25.16
C ASP B 153 -26.38 4.62 -25.94
N ALA B 154 -25.90 5.63 -25.24
CA ALA B 154 -25.12 6.69 -25.87
C ALA B 154 -23.82 6.14 -26.46
N GLY B 155 -23.46 4.93 -26.05
CA GLY B 155 -22.25 4.31 -26.55
C GLY B 155 -21.07 4.44 -25.60
N HIS B 156 -21.36 4.64 -24.32
CA HIS B 156 -20.30 4.78 -23.31
C HIS B 156 -20.25 3.58 -22.37
N LYS B 157 -19.18 3.47 -21.61
CA LYS B 157 -18.99 2.38 -20.65
C LYS B 157 -19.05 2.98 -19.25
N PRO B 158 -20.25 3.05 -18.66
CA PRO B 158 -20.46 3.60 -17.32
C PRO B 158 -20.06 2.66 -16.19
N TYR B 159 -19.46 3.21 -15.14
CA TYR B 159 -19.07 2.41 -13.99
C TYR B 159 -19.96 2.83 -12.84
N PRO B 160 -20.73 1.88 -12.28
CA PRO B 160 -21.64 2.15 -11.17
C PRO B 160 -21.02 2.22 -9.79
N ILE B 161 -21.44 3.20 -9.01
CA ILE B 161 -20.96 3.37 -7.65
C ILE B 161 -22.12 3.76 -6.74
N PRO B 162 -22.85 2.77 -6.21
CA PRO B 162 -24.01 2.96 -5.33
C PRO B 162 -23.74 3.84 -4.11
N ALA B 163 -24.82 4.37 -3.54
CA ALA B 163 -24.74 5.26 -2.38
C ALA B 163 -23.89 4.66 -1.24
N GLY B 164 -22.90 5.43 -0.80
CA GLY B 164 -22.03 4.96 0.26
C GLY B 164 -21.18 3.78 -0.16
N CYS B 165 -21.33 3.35 -1.41
CA CYS B 165 -20.60 2.21 -1.96
C CYS B 165 -21.05 0.96 -1.22
N SER B 166 -21.95 1.18 -0.26
CA SER B 166 -22.50 0.13 0.57
C SER B 166 -22.95 -1.13 -0.14
N GLU B 167 -23.36 -1.01 -1.40
CA GLU B 167 -23.79 -2.19 -2.13
C GLU B 167 -22.84 -2.59 -3.23
N HIS B 168 -21.61 -2.11 -3.12
CA HIS B 168 -20.57 -2.45 -4.07
C HIS B 168 -19.78 -3.58 -3.41
N LYS B 169 -19.51 -4.64 -4.16
CA LYS B 169 -18.79 -5.78 -3.63
C LYS B 169 -17.58 -5.45 -2.75
N TYR B 170 -16.86 -4.38 -3.10
CA TYR B 170 -15.66 -3.99 -2.36
C TYR B 170 -15.90 -2.77 -1.48
N GLY B 171 -17.18 -2.44 -1.30
CA GLY B 171 -17.54 -1.28 -0.50
C GLY B 171 -17.04 -1.29 0.93
N GLY B 172 -16.75 -2.47 1.47
CA GLY B 172 -16.29 -2.55 2.84
C GLY B 172 -14.81 -2.77 3.07
N LEU B 173 -14.05 -2.93 1.99
CA LEU B 173 -12.63 -3.17 2.11
C LEU B 173 -11.83 -2.00 2.67
N GLY B 174 -12.13 -0.80 2.21
CA GLY B 174 -11.42 0.38 2.67
C GLY B 174 -11.37 0.51 4.19
N PHE B 175 -12.51 0.40 4.86
CA PHE B 175 -12.43 0.55 6.31
C PHE B 175 -11.87 -0.66 7.05
N VAL B 176 -11.71 -1.78 6.33
CA VAL B 176 -11.08 -2.94 6.93
C VAL B 176 -9.62 -2.48 7.08
N GLY B 177 -9.15 -1.74 6.07
CA GLY B 177 -7.79 -1.23 6.13
C GLY B 177 -7.72 -0.17 7.21
N PHE B 178 -8.86 0.44 7.49
CA PHE B 178 -8.96 1.45 8.54
C PHE B 178 -8.57 0.79 9.88
N ALA B 179 -9.12 -0.40 10.13
CA ALA B 179 -8.82 -1.14 11.36
C ALA B 179 -7.34 -1.45 11.46
N ASP B 180 -6.77 -1.96 10.39
CA ASP B 180 -5.35 -2.28 10.34
C ASP B 180 -4.56 -1.07 10.76
N GLU B 181 -4.96 0.10 10.27
CA GLU B 181 -4.28 1.36 10.60
C GLU B 181 -4.32 1.70 12.09
N VAL B 182 -5.52 1.69 12.67
CA VAL B 182 -5.70 2.00 14.09
C VAL B 182 -4.81 1.13 14.96
N ILE B 183 -4.81 -0.17 14.68
CA ILE B 183 -4.00 -1.11 15.44
C ILE B 183 -2.54 -0.71 15.38
N ASN B 184 -2.10 -0.30 14.20
CA ASN B 184 -0.71 0.08 14.02
C ASN B 184 -0.43 1.40 14.71
N GLN B 185 -1.39 2.31 14.64
CA GLN B 185 -1.24 3.64 15.25
C GLN B 185 -1.29 3.58 16.79
N GLU B 186 -2.07 2.67 17.34
CA GLU B 186 -2.12 2.54 18.80
C GLU B 186 -0.70 2.33 19.28
N VAL B 187 0.04 1.48 18.56
CA VAL B 187 1.42 1.18 18.91
C VAL B 187 2.38 2.33 18.69
N GLU B 188 2.15 3.15 17.66
CA GLU B 188 3.04 4.28 17.40
C GLU B 188 2.78 5.37 18.42
N LEU B 189 1.52 5.59 18.73
CA LEU B 189 1.15 6.61 19.70
C LEU B 189 1.36 6.08 21.12
N GLY B 190 1.20 4.76 21.29
CA GLY B 190 1.35 4.16 22.60
C GLY B 190 0.09 4.46 23.40
N ILE B 191 -1.05 4.31 22.71
CA ILE B 191 -2.34 4.58 23.29
C ILE B 191 -3.33 3.53 22.80
N LYS B 192 -3.95 2.82 23.73
CA LYS B 192 -4.91 1.79 23.36
C LYS B 192 -6.31 2.36 23.39
N PHE B 193 -7.03 2.19 22.29
CA PHE B 193 -8.39 2.67 22.20
C PHE B 193 -9.34 1.56 22.63
N ASP B 194 -10.13 1.85 23.66
CA ASP B 194 -11.09 0.90 24.20
C ASP B 194 -12.35 0.82 23.37
N LYS B 195 -12.70 1.93 22.73
CA LYS B 195 -13.90 1.97 21.90
C LYS B 195 -13.76 2.85 20.67
N ILE B 196 -14.58 2.60 19.67
CA ILE B 196 -14.57 3.36 18.44
C ILE B 196 -15.95 3.88 18.10
N VAL B 197 -16.10 5.19 18.18
CA VAL B 197 -17.37 5.83 17.88
C VAL B 197 -17.38 6.38 16.46
N VAL B 198 -18.35 5.94 15.67
CA VAL B 198 -18.45 6.38 14.28
C VAL B 198 -19.91 6.44 13.83
N CYS B 199 -20.24 7.45 13.03
CA CYS B 199 -21.59 7.62 12.51
C CYS B 199 -21.93 6.52 11.50
N CYS B 200 -23.22 6.28 11.30
CA CYS B 200 -23.64 5.22 10.38
C CYS B 200 -24.97 5.48 9.70
N VAL B 201 -25.05 5.19 8.40
CA VAL B 201 -26.30 5.37 7.67
C VAL B 201 -26.46 4.40 6.49
N THR B 202 -25.44 4.22 5.66
CA THR B 202 -25.56 3.27 4.55
C THR B 202 -24.79 1.98 4.84
N GLY B 203 -23.94 2.01 5.86
CA GLY B 203 -23.21 0.80 6.21
C GLY B 203 -21.70 0.71 6.06
N SER B 204 -21.25 0.36 4.85
CA SER B 204 -19.83 0.17 4.52
C SER B 204 -18.79 0.67 5.52
N THR B 205 -18.85 1.94 5.92
CA THR B 205 -17.86 2.43 6.88
C THR B 205 -17.83 1.58 8.15
N THR B 206 -18.95 1.55 8.87
CA THR B 206 -19.06 0.78 10.11
C THR B 206 -18.72 -0.69 9.89
N ALA B 207 -19.36 -1.30 8.90
CA ALA B 207 -19.15 -2.70 8.57
C ALA B 207 -17.68 -3.02 8.32
N GLY B 208 -17.04 -2.20 7.51
CA GLY B 208 -15.63 -2.43 7.22
C GLY B 208 -14.83 -2.37 8.50
N ILE B 209 -15.25 -1.51 9.42
CA ILE B 209 -14.56 -1.35 10.68
C ILE B 209 -14.82 -2.56 11.58
N LEU B 210 -16.02 -3.13 11.46
CA LEU B 210 -16.39 -4.31 12.22
C LEU B 210 -15.55 -5.50 11.74
N ALA B 211 -15.74 -5.86 10.48
CA ALA B 211 -15.01 -6.97 9.87
C ALA B 211 -13.51 -6.82 10.02
N GLY B 212 -13.02 -5.58 9.99
CA GLY B 212 -11.60 -5.36 10.11
C GLY B 212 -11.08 -5.50 11.54
N MET B 213 -11.84 -4.94 12.48
CA MET B 213 -11.45 -5.02 13.88
C MET B 213 -11.57 -6.47 14.34
N ALA B 214 -12.49 -7.21 13.74
CA ALA B 214 -12.69 -8.60 14.06
C ALA B 214 -11.41 -9.40 13.81
N GLN B 215 -10.58 -8.93 12.88
CA GLN B 215 -9.32 -9.61 12.57
C GLN B 215 -8.53 -9.79 13.87
N TYR B 216 -8.72 -8.84 14.78
CA TYR B 216 -8.04 -8.86 16.07
C TYR B 216 -8.98 -9.20 17.22
N GLY B 217 -10.17 -9.68 16.87
CA GLY B 217 -11.15 -10.04 17.90
C GLY B 217 -11.65 -8.85 18.69
N ARG B 218 -11.58 -7.66 18.08
CA ARG B 218 -12.01 -6.44 18.73
C ARG B 218 -13.23 -5.77 18.12
N GLN B 219 -14.11 -6.54 17.49
CA GLN B 219 -15.31 -5.97 16.91
C GLN B 219 -16.05 -5.14 17.96
N ASP B 220 -16.17 -5.71 19.15
CA ASP B 220 -16.86 -5.07 20.26
C ASP B 220 -16.44 -3.64 20.59
N ASP B 221 -15.21 -3.26 20.25
CA ASP B 221 -14.73 -1.91 20.52
C ASP B 221 -15.59 -0.88 19.76
N VAL B 222 -16.25 -1.34 18.70
CA VAL B 222 -17.07 -0.50 17.85
C VAL B 222 -18.37 -0.01 18.47
N ILE B 223 -18.67 1.27 18.23
CA ILE B 223 -19.89 1.91 18.71
C ILE B 223 -20.40 2.81 17.59
N ALA B 224 -21.35 2.29 16.81
CA ALA B 224 -21.92 3.02 15.69
C ALA B 224 -23.13 3.88 16.05
N ILE B 225 -22.93 5.20 16.07
CA ILE B 225 -23.99 6.14 16.37
C ILE B 225 -24.82 6.34 15.09
N ASP B 226 -26.02 5.77 15.06
CA ASP B 226 -26.89 5.91 13.89
C ASP B 226 -27.12 7.36 13.53
N ALA B 227 -27.59 7.59 12.31
CA ALA B 227 -27.87 8.94 11.82
C ALA B 227 -28.83 8.90 10.65
N SER B 228 -29.32 7.70 10.31
CA SER B 228 -30.25 7.56 9.21
C SER B 228 -31.69 7.59 9.70
N PHE B 229 -31.86 7.41 11.01
CA PHE B 229 -33.18 7.40 11.64
C PHE B 229 -34.05 6.29 11.05
N THR B 230 -33.39 5.21 10.64
CA THR B 230 -34.08 4.04 10.08
C THR B 230 -33.34 2.79 10.54
N SER B 231 -33.02 2.75 11.83
CA SER B 231 -32.30 1.62 12.45
C SER B 231 -32.63 0.29 11.79
N GLU B 232 -33.88 0.14 11.36
CA GLU B 232 -34.33 -1.07 10.70
C GLU B 232 -33.35 -1.49 9.62
N LYS B 233 -33.61 -1.06 8.39
CA LYS B 233 -32.76 -1.38 7.25
C LYS B 233 -31.29 -1.06 7.50
N THR B 234 -31.02 0.07 8.14
CA THR B 234 -29.66 0.51 8.42
C THR B 234 -28.81 -0.52 9.16
N LYS B 235 -29.32 -1.05 10.27
CA LYS B 235 -28.57 -2.03 11.05
C LYS B 235 -28.50 -3.38 10.33
N GLU B 236 -29.47 -3.65 9.48
CA GLU B 236 -29.50 -4.90 8.74
C GLU B 236 -28.49 -4.89 7.60
N GLN B 237 -28.51 -3.82 6.80
CA GLN B 237 -27.60 -3.71 5.67
C GLN B 237 -26.15 -3.67 6.13
N THR B 238 -25.88 -2.91 7.21
CA THR B 238 -24.53 -2.82 7.74
C THR B 238 -24.03 -4.22 8.11
N LEU B 239 -24.95 -5.03 8.63
CA LEU B 239 -24.62 -6.40 9.03
C LEU B 239 -24.40 -7.28 7.80
N ARG B 240 -25.20 -7.04 6.76
CA ARG B 240 -25.08 -7.80 5.52
C ARG B 240 -23.70 -7.52 4.90
N ILE B 241 -23.24 -6.29 5.09
CA ILE B 241 -21.94 -5.87 4.57
C ILE B 241 -20.83 -6.41 5.44
N ALA B 242 -21.04 -6.37 6.75
CA ALA B 242 -20.04 -6.84 7.70
C ALA B 242 -19.71 -8.32 7.46
N ASN B 243 -20.72 -9.13 7.20
CA ASN B 243 -20.49 -10.55 6.95
C ASN B 243 -19.79 -10.77 5.62
N ASN B 244 -20.32 -10.18 4.55
CA ASN B 244 -19.73 -10.33 3.23
C ASN B 244 -18.25 -9.92 3.22
N THR B 245 -17.95 -8.72 3.70
CA THR B 245 -16.58 -8.22 3.75
C THR B 245 -15.68 -9.17 4.54
N ALA B 246 -16.24 -9.75 5.60
CA ALA B 246 -15.50 -10.70 6.42
C ALA B 246 -15.04 -11.89 5.59
N LYS B 247 -15.91 -12.37 4.70
CA LYS B 247 -15.60 -13.49 3.83
C LYS B 247 -14.51 -13.14 2.85
N LEU B 248 -14.61 -11.95 2.26
CA LEU B 248 -13.63 -11.49 1.31
C LEU B 248 -12.24 -11.47 1.92
N ILE B 249 -12.13 -10.88 3.11
CA ILE B 249 -10.84 -10.77 3.76
C ILE B 249 -10.40 -11.99 4.54
N GLY B 250 -11.21 -13.04 4.54
CA GLY B 250 -10.84 -14.26 5.25
C GLY B 250 -11.23 -14.41 6.70
N VAL B 251 -11.88 -13.41 7.28
CA VAL B 251 -12.29 -13.52 8.67
C VAL B 251 -13.53 -14.41 8.74
N GLU B 252 -13.42 -15.49 9.50
CA GLU B 252 -14.52 -16.45 9.64
C GLU B 252 -15.63 -15.96 10.56
N HIS B 253 -15.27 -15.08 11.51
CA HIS B 253 -16.24 -14.54 12.46
C HIS B 253 -17.56 -14.20 11.79
N GLU B 254 -18.66 -14.45 12.50
CA GLU B 254 -19.99 -14.16 11.96
C GLU B 254 -20.66 -13.04 12.75
N PHE B 255 -20.95 -11.93 12.07
CA PHE B 255 -21.59 -10.81 12.74
C PHE B 255 -23.10 -11.00 12.77
N LYS B 256 -23.63 -11.09 13.99
CA LYS B 256 -25.06 -11.28 14.20
C LYS B 256 -25.71 -9.98 14.63
N ASP B 257 -24.91 -9.10 15.24
CA ASP B 257 -25.41 -7.82 15.71
C ASP B 257 -24.25 -6.93 16.16
N PHE B 258 -24.51 -5.63 16.30
CA PHE B 258 -23.48 -4.70 16.75
C PHE B 258 -24.07 -3.48 17.46
N THR B 259 -23.26 -2.85 18.29
CA THR B 259 -23.68 -1.67 19.05
C THR B 259 -24.09 -0.56 18.09
N LEU B 260 -25.38 -0.27 18.02
CA LEU B 260 -25.89 0.78 17.14
C LEU B 260 -26.86 1.71 17.87
N ASP B 261 -26.32 2.67 18.62
CA ASP B 261 -27.15 3.62 19.35
C ASP B 261 -28.09 4.26 18.33
N THR B 262 -29.27 4.70 18.76
CA THR B 262 -30.22 5.30 17.84
C THR B 262 -30.96 6.48 18.45
N ARG B 263 -30.46 6.94 19.59
CA ARG B 263 -31.07 8.05 20.31
C ARG B 263 -30.70 9.43 19.77
N PHE B 264 -30.02 9.50 18.63
CA PHE B 264 -29.64 10.79 18.10
C PHE B 264 -29.88 10.97 16.60
N ALA B 265 -30.65 10.06 16.02
CA ALA B 265 -30.95 10.13 14.59
C ALA B 265 -32.03 11.17 14.31
N TYR B 266 -32.98 11.32 15.23
CA TYR B 266 -34.08 12.26 15.09
C TYR B 266 -33.56 13.67 14.81
N PRO B 267 -34.38 14.53 14.18
CA PRO B 267 -35.75 14.26 13.71
C PRO B 267 -35.85 13.52 12.38
N CYS B 268 -34.75 13.46 11.64
CA CYS B 268 -34.76 12.80 10.34
C CYS B 268 -33.38 12.87 9.68
N TYR B 269 -33.19 12.07 8.64
CA TYR B 269 -31.92 12.05 7.93
C TYR B 269 -31.63 13.40 7.27
N GLY B 270 -30.57 14.05 7.73
CA GLY B 270 -30.20 15.34 7.16
C GLY B 270 -30.55 16.51 8.05
N VAL B 271 -31.63 16.37 8.81
CA VAL B 271 -32.08 17.42 9.71
C VAL B 271 -31.53 17.19 11.11
N PRO B 272 -30.92 18.23 11.71
CA PRO B 272 -30.35 18.13 13.05
C PRO B 272 -31.40 18.38 14.12
N ASN B 273 -30.93 18.51 15.35
CA ASN B 273 -31.78 18.80 16.49
C ASN B 273 -30.95 19.62 17.46
N GLU B 274 -31.62 20.35 18.35
CA GLU B 274 -30.94 21.20 19.32
C GLU B 274 -29.68 20.56 19.89
N GLY B 275 -29.73 19.25 20.10
CA GLY B 275 -28.58 18.53 20.62
C GLY B 275 -27.47 18.46 19.59
N THR B 276 -27.83 18.13 18.36
CA THR B 276 -26.86 18.02 17.28
C THR B 276 -26.05 19.31 17.20
N ILE B 277 -26.76 20.41 16.92
CA ILE B 277 -26.13 21.73 16.80
C ILE B 277 -25.31 22.07 18.03
N GLU B 278 -25.79 21.65 19.19
CA GLU B 278 -25.12 21.92 20.46
C GLU B 278 -23.80 21.15 20.50
N ALA B 279 -23.78 19.98 19.87
CA ALA B 279 -22.58 19.15 19.83
C ALA B 279 -21.56 19.83 18.93
N ILE B 280 -22.02 20.24 17.74
CA ILE B 280 -21.14 20.92 16.79
C ILE B 280 -20.51 22.14 17.44
N ARG B 281 -21.35 22.99 18.02
CA ARG B 281 -20.89 24.19 18.70
C ARG B 281 -19.82 23.87 19.74
N THR B 282 -20.14 22.87 20.57
CA THR B 282 -19.24 22.43 21.65
C THR B 282 -17.92 21.91 21.10
N CYS B 283 -18.01 21.01 20.14
CA CYS B 283 -16.80 20.44 19.55
C CYS B 283 -15.99 21.56 18.89
N ALA B 284 -16.66 22.32 18.03
CA ALA B 284 -16.02 23.44 17.34
C ALA B 284 -15.47 24.45 18.34
N GLU B 285 -16.29 24.78 19.34
CA GLU B 285 -15.90 25.73 20.35
C GLU B 285 -14.72 25.26 21.20
N GLN B 286 -14.66 23.96 21.44
CA GLN B 286 -13.60 23.39 22.26
C GLN B 286 -12.33 22.96 21.50
N GLU B 287 -12.51 22.25 20.39
CA GLU B 287 -11.36 21.75 19.64
C GLU B 287 -11.00 22.45 18.33
N GLY B 288 -11.86 23.37 17.89
CA GLY B 288 -11.57 24.04 16.63
C GLY B 288 -11.82 23.07 15.49
N VAL B 289 -12.46 21.95 15.81
CA VAL B 289 -12.78 20.94 14.82
C VAL B 289 -14.22 21.13 14.38
N LEU B 290 -14.44 21.17 13.07
CA LEU B 290 -15.77 21.36 12.53
C LEU B 290 -16.48 20.06 12.24
N THR B 291 -17.79 20.05 12.46
CA THR B 291 -18.61 18.88 12.22
C THR B 291 -19.90 19.36 11.57
N ASP B 292 -20.47 18.53 10.71
CA ASP B 292 -21.70 18.90 10.01
C ASP B 292 -22.94 18.43 10.75
N PRO B 293 -24.11 19.01 10.41
CA PRO B 293 -25.41 18.70 11.01
C PRO B 293 -26.02 17.37 10.56
N VAL B 294 -25.47 16.77 9.51
CA VAL B 294 -26.02 15.52 9.01
C VAL B 294 -25.41 14.25 9.61
N TYR B 295 -24.10 14.10 9.47
CA TYR B 295 -23.44 12.90 9.98
C TYR B 295 -22.60 13.13 11.24
N GLU B 296 -21.38 13.59 11.03
CA GLU B 296 -20.45 13.81 12.13
C GLU B 296 -21.01 14.66 13.28
N GLY B 297 -22.07 15.40 13.01
CA GLY B 297 -22.65 16.21 14.06
C GLY B 297 -23.38 15.35 15.07
N LYS B 298 -24.31 14.55 14.57
CA LYS B 298 -25.09 13.67 15.42
C LYS B 298 -24.21 12.65 16.12
N SER B 299 -23.30 12.00 15.38
CA SER B 299 -22.42 11.01 15.98
C SER B 299 -21.58 11.65 17.07
N MET B 300 -21.40 12.97 17.00
CA MET B 300 -20.62 13.68 18.00
C MET B 300 -21.50 14.01 19.22
N GLN B 301 -22.78 14.25 18.98
CA GLN B 301 -23.68 14.55 20.09
C GLN B 301 -23.78 13.27 20.93
N GLY B 302 -23.96 12.15 20.23
CA GLY B 302 -24.06 10.87 20.88
C GLY B 302 -22.81 10.58 21.69
N LEU B 303 -21.66 10.97 21.16
CA LEU B 303 -20.39 10.75 21.86
C LEU B 303 -20.37 11.54 23.15
N ILE B 304 -20.82 12.80 23.08
CA ILE B 304 -20.85 13.66 24.26
C ILE B 304 -21.91 13.17 25.25
N ALA B 305 -22.96 12.55 24.72
CA ALA B 305 -24.04 12.03 25.55
C ALA B 305 -23.48 10.88 26.39
N LEU B 306 -22.88 9.90 25.71
CA LEU B 306 -22.31 8.74 26.37
C LEU B 306 -21.31 9.17 27.44
N ILE B 307 -20.44 10.12 27.11
CA ILE B 307 -19.44 10.58 28.07
C ILE B 307 -20.14 11.13 29.32
N LYS B 308 -21.33 11.68 29.12
CA LYS B 308 -22.10 12.22 30.24
C LYS B 308 -22.57 11.07 31.12
N GLU B 309 -23.41 10.21 30.54
CA GLU B 309 -23.95 9.06 31.27
C GLU B 309 -22.90 8.03 31.70
N ASP B 310 -21.69 8.50 31.97
CA ASP B 310 -20.57 7.66 32.40
C ASP B 310 -20.58 6.25 31.78
N TYR B 311 -20.98 6.19 30.51
CA TYR B 311 -21.05 4.94 29.76
C TYR B 311 -19.70 4.25 29.66
N PHE B 312 -18.65 5.03 29.47
CA PHE B 312 -17.32 4.48 29.32
C PHE B 312 -16.60 4.39 30.66
N LYS B 313 -15.75 3.38 30.79
CA LYS B 313 -14.99 3.19 32.03
C LYS B 313 -14.15 4.42 32.28
N PRO B 314 -14.07 4.86 33.54
CA PRO B 314 -13.28 6.03 33.92
C PRO B 314 -11.83 6.00 33.41
N GLY B 315 -11.49 6.93 32.53
CA GLY B 315 -10.13 7.00 31.99
C GLY B 315 -9.95 6.24 30.69
N ALA B 316 -11.07 5.86 30.08
CA ALA B 316 -11.06 5.12 28.83
C ALA B 316 -10.64 6.02 27.67
N ASN B 317 -9.92 5.44 26.71
CA ASN B 317 -9.48 6.15 25.53
C ASN B 317 -10.45 5.83 24.40
N VAL B 318 -11.27 6.81 24.03
CA VAL B 318 -12.25 6.59 22.98
C VAL B 318 -11.78 7.23 21.66
N LEU B 319 -11.95 6.50 20.56
CA LEU B 319 -11.52 6.98 19.25
C LEU B 319 -12.70 7.48 18.42
N TYR B 320 -12.87 8.79 18.34
CA TYR B 320 -13.94 9.33 17.53
C TYR B 320 -13.49 9.30 16.07
N VAL B 321 -14.36 8.79 15.20
CA VAL B 321 -14.03 8.71 13.78
C VAL B 321 -14.65 9.84 12.95
N HIS B 322 -13.86 10.87 12.65
CA HIS B 322 -14.36 11.98 11.85
C HIS B 322 -14.28 11.60 10.38
N LEU B 323 -15.43 11.29 9.81
CA LEU B 323 -15.52 10.88 8.42
C LEU B 323 -15.57 12.03 7.41
N GLY B 324 -15.45 13.27 7.90
CA GLY B 324 -15.50 14.42 7.02
C GLY B 324 -16.86 15.08 7.00
N GLY B 325 -17.31 15.46 5.80
CA GLY B 325 -18.62 16.08 5.65
C GLY B 325 -18.80 17.52 6.08
N ALA B 326 -17.73 18.19 6.48
CA ALA B 326 -17.85 19.59 6.92
C ALA B 326 -18.18 20.59 5.79
N PRO B 327 -17.90 20.24 4.52
CA PRO B 327 -18.19 21.15 3.41
C PRO B 327 -19.68 21.39 3.14
N ALA B 328 -20.53 20.71 3.88
CA ALA B 328 -21.96 20.87 3.72
C ALA B 328 -22.47 21.90 4.73
N LEU B 329 -21.61 22.28 5.65
CA LEU B 329 -21.95 23.25 6.68
C LEU B 329 -22.60 24.51 6.09
N SER B 330 -22.14 24.91 4.91
CA SER B 330 -22.64 26.10 4.23
C SER B 330 -24.13 26.03 3.87
N ALA B 331 -24.66 24.82 3.72
CA ALA B 331 -26.07 24.65 3.38
C ALA B 331 -26.90 24.59 4.66
N TYR B 332 -26.27 24.94 5.79
CA TYR B 332 -26.94 24.92 7.09
C TYR B 332 -26.48 26.11 7.94
N SER B 333 -26.16 27.22 7.27
CA SER B 333 -25.70 28.41 7.96
C SER B 333 -26.74 29.02 8.90
N SER B 334 -28.01 28.71 8.65
CA SER B 334 -29.09 29.26 9.47
C SER B 334 -29.14 28.70 10.89
N PHE B 335 -28.71 27.46 11.07
CA PHE B 335 -28.74 26.84 12.40
C PHE B 335 -27.64 27.35 13.34
N PHE B 336 -26.74 28.20 12.85
CA PHE B 336 -25.66 28.69 13.69
C PHE B 336 -25.54 30.21 13.84
N PRO B 337 -26.41 30.83 14.66
CA PRO B 337 -26.33 32.28 14.84
C PRO B 337 -25.00 32.66 15.49
N THR B 338 -24.76 33.96 15.65
CA THR B 338 -23.50 34.40 16.25
C THR B 338 -23.56 34.33 17.78
N LYS B 339 -22.44 33.94 18.38
CA LYS B 339 -22.31 33.82 19.83
C LYS B 339 -22.99 34.93 20.63
N THR B 340 -23.78 34.53 21.62
CA THR B 340 -24.49 35.48 22.47
C THR B 340 -23.48 36.16 23.39
N ALA B 341 -23.28 37.46 23.19
CA ALA B 341 -22.34 38.24 23.98
C ALA B 341 -20.93 37.69 23.85
N ALA C 1 -21.73 -33.34 -1.92
CA ALA C 1 -20.26 -33.12 -1.90
C ALA C 1 -19.78 -32.86 -0.48
N GLY C 2 -18.48 -33.02 -0.24
CA GLY C 2 -17.94 -32.78 1.08
C GLY C 2 -16.52 -33.24 1.27
N VAL C 3 -15.56 -32.35 1.04
CA VAL C 3 -14.15 -32.69 1.24
C VAL C 3 -13.83 -32.28 2.66
N ALA C 4 -14.70 -31.42 3.21
CA ALA C 4 -14.54 -30.90 4.55
C ALA C 4 -14.65 -32.00 5.60
N LYS C 5 -15.28 -33.12 5.23
CA LYS C 5 -15.46 -34.24 6.14
C LYS C 5 -14.16 -35.02 6.38
N PHE C 6 -13.17 -34.79 5.52
CA PHE C 6 -11.90 -35.49 5.69
C PHE C 6 -10.90 -34.62 6.43
N ALA C 7 -10.21 -35.21 7.40
CA ALA C 7 -9.22 -34.48 8.20
C ALA C 7 -8.18 -33.80 7.31
N LYS C 8 -7.73 -32.64 7.73
CA LYS C 8 -6.73 -31.87 6.99
C LYS C 8 -5.70 -31.27 7.95
N TYR C 9 -4.44 -31.36 7.57
CA TYR C 9 -3.34 -30.84 8.38
C TYR C 9 -2.64 -29.73 7.58
N PRO C 10 -2.68 -28.49 8.09
CA PRO C 10 -2.07 -27.34 7.42
C PRO C 10 -0.58 -27.45 7.16
N LEU C 11 -0.21 -27.38 5.89
CA LEU C 11 1.18 -27.43 5.46
C LEU C 11 1.46 -26.21 4.58
N THR C 12 0.41 -25.48 4.25
CA THR C 12 0.52 -24.30 3.41
C THR C 12 0.16 -23.03 4.16
N PHE C 13 0.32 -21.88 3.51
CA PHE C 13 -0.01 -20.60 4.14
C PHE C 13 -1.50 -20.29 4.06
N GLY C 14 -2.21 -21.03 3.22
CA GLY C 14 -3.64 -20.79 3.04
C GLY C 14 -3.96 -20.89 1.56
N PRO C 15 -5.13 -20.42 1.11
CA PRO C 15 -5.50 -20.49 -0.31
C PRO C 15 -4.41 -19.89 -1.19
N SER C 16 -3.90 -20.68 -2.12
CA SER C 16 -2.84 -20.20 -3.02
C SER C 16 -3.32 -18.96 -3.78
N PRO C 17 -2.47 -17.93 -3.87
CA PRO C 17 -2.84 -16.70 -4.58
C PRO C 17 -2.97 -16.89 -6.09
N ILE C 18 -3.60 -15.91 -6.74
CA ILE C 18 -3.80 -15.97 -8.18
C ILE C 18 -3.15 -14.76 -8.82
N SER C 19 -2.24 -15.01 -9.75
CA SER C 19 -1.53 -13.93 -10.45
C SER C 19 -2.24 -13.55 -11.74
N ASN C 20 -2.30 -12.26 -12.02
CA ASN C 20 -2.92 -11.75 -13.24
C ASN C 20 -1.77 -11.56 -14.24
N LEU C 21 -1.61 -12.49 -15.20
CA LEU C 21 -0.54 -12.41 -16.20
C LEU C 21 -0.95 -11.58 -17.43
N ASN C 22 -1.23 -10.31 -17.19
CA ASN C 22 -1.69 -9.43 -18.24
C ASN C 22 -0.64 -9.12 -19.29
N ARG C 23 0.62 -9.09 -18.90
CA ARG C 23 1.67 -8.79 -19.85
C ARG C 23 1.77 -9.93 -20.85
N LEU C 24 1.78 -11.16 -20.33
CA LEU C 24 1.83 -12.33 -21.20
C LEU C 24 0.59 -12.34 -22.09
N SER C 25 -0.53 -11.92 -21.54
CA SER C 25 -1.81 -11.89 -22.26
C SER C 25 -1.80 -10.96 -23.47
N GLN C 26 -1.26 -9.75 -23.31
CA GLN C 26 -1.19 -8.80 -24.41
C GLN C 26 -0.21 -9.29 -25.46
N HIS C 27 0.92 -9.84 -24.98
CA HIS C 27 1.96 -10.37 -25.86
C HIS C 27 1.39 -11.45 -26.78
N LEU C 28 0.45 -12.23 -26.27
CA LEU C 28 -0.15 -13.31 -27.04
C LEU C 28 -1.36 -12.88 -27.88
N GLY C 29 -1.42 -11.60 -28.23
CA GLY C 29 -2.52 -11.09 -29.04
C GLY C 29 -3.76 -10.55 -28.34
N SER C 30 -3.73 -10.47 -27.01
CA SER C 30 -4.88 -9.99 -26.25
C SER C 30 -6.15 -10.77 -26.62
N LYS C 31 -6.00 -12.08 -26.77
CA LYS C 31 -7.11 -12.96 -27.12
C LYS C 31 -7.77 -13.56 -25.87
N VAL C 32 -7.00 -13.66 -24.79
CA VAL C 32 -7.53 -14.21 -23.53
C VAL C 32 -6.87 -13.49 -22.36
N ASN C 33 -7.47 -13.62 -21.20
CA ASN C 33 -6.93 -13.02 -19.98
C ASN C 33 -6.39 -14.19 -19.19
N VAL C 34 -5.07 -14.30 -19.16
CA VAL C 34 -4.40 -15.37 -18.45
C VAL C 34 -4.16 -15.00 -16.98
N TYR C 35 -4.46 -15.95 -16.10
CA TYR C 35 -4.25 -15.82 -14.67
C TYR C 35 -3.53 -17.08 -14.28
N ALA C 36 -2.86 -17.06 -13.13
CA ALA C 36 -2.11 -18.23 -12.67
C ALA C 36 -2.30 -18.47 -11.17
N LYS C 37 -2.86 -19.62 -10.81
CA LYS C 37 -3.03 -19.95 -9.41
C LYS C 37 -1.68 -20.51 -8.98
N ARG C 38 -1.06 -19.85 -8.02
CA ARG C 38 0.28 -20.20 -7.59
C ARG C 38 0.53 -21.25 -6.52
N GLU C 39 0.41 -22.52 -6.89
CA GLU C 39 0.67 -23.60 -5.97
C GLU C 39 2.17 -23.57 -5.61
N ASP C 40 2.96 -22.99 -6.51
CA ASP C 40 4.41 -22.89 -6.31
C ASP C 40 4.80 -21.86 -5.25
N CYS C 41 3.83 -21.07 -4.81
CA CYS C 41 4.06 -20.05 -3.78
C CYS C 41 3.11 -20.31 -2.59
N ASN C 42 2.92 -21.57 -2.22
CA ASN C 42 1.97 -21.91 -1.18
C ASN C 42 2.52 -22.23 0.21
N SER C 43 3.83 -22.40 0.33
CA SER C 43 4.40 -22.79 1.61
C SER C 43 5.83 -22.39 1.88
N GLY C 44 6.20 -22.45 3.15
CA GLY C 44 7.57 -22.13 3.56
C GLY C 44 8.41 -23.40 3.59
N LEU C 45 7.79 -24.52 3.23
CA LEU C 45 8.47 -25.81 3.20
C LEU C 45 9.15 -26.14 1.86
N ALA C 46 10.46 -25.93 1.83
CA ALA C 46 11.29 -26.22 0.66
C ALA C 46 10.71 -25.81 -0.70
N PHE C 47 10.24 -24.57 -0.79
CA PHE C 47 9.68 -23.98 -2.02
C PHE C 47 8.21 -24.29 -2.26
N GLY C 48 7.71 -25.34 -1.62
CA GLY C 48 6.31 -25.70 -1.80
C GLY C 48 6.02 -26.39 -3.12
N GLY C 49 4.74 -26.40 -3.50
CA GLY C 49 4.35 -27.05 -4.75
C GLY C 49 3.08 -27.83 -4.53
N ASN C 50 2.58 -28.44 -5.60
CA ASN C 50 1.35 -29.20 -5.54
C ASN C 50 1.37 -30.42 -4.60
N THR C 51 2.50 -31.11 -4.44
CA THR C 51 2.45 -32.28 -3.57
C THR C 51 2.14 -31.92 -2.12
N LEU C 52 2.43 -30.68 -1.72
CA LEU C 52 2.13 -30.24 -0.36
C LEU C 52 0.61 -30.20 -0.18
N ARG C 53 -0.10 -29.64 -1.18
CA ARG C 53 -1.55 -29.58 -1.10
C ARG C 53 -2.12 -30.98 -0.96
N LYS C 54 -1.47 -31.96 -1.58
CA LYS C 54 -1.93 -33.34 -1.50
C LYS C 54 -1.70 -33.97 -0.12
N LEU C 55 -0.54 -33.71 0.44
CA LEU C 55 -0.15 -34.25 1.73
C LEU C 55 -0.95 -33.71 2.92
N GLU C 56 -1.61 -32.57 2.76
CA GLU C 56 -2.37 -32.00 3.86
C GLU C 56 -3.48 -32.94 4.34
N TYR C 57 -4.00 -33.75 3.43
CA TYR C 57 -5.06 -34.69 3.77
C TYR C 57 -4.52 -36.10 4.02
N ILE C 58 -3.20 -36.23 3.95
CA ILE C 58 -2.55 -37.52 4.16
C ILE C 58 -1.84 -37.56 5.52
N VAL C 59 -1.37 -36.40 5.96
CA VAL C 59 -0.67 -36.28 7.24
C VAL C 59 -1.51 -36.78 8.43
N PRO C 60 -2.81 -36.44 8.46
CA PRO C 60 -3.66 -36.88 9.58
C PRO C 60 -3.48 -38.37 9.82
N ASP C 61 -3.49 -39.12 8.73
CA ASP C 61 -3.35 -40.57 8.76
C ASP C 61 -1.94 -41.05 9.15
N ILE C 62 -0.98 -40.13 9.19
CA ILE C 62 0.40 -40.49 9.56
C ILE C 62 0.64 -40.20 11.04
N VAL C 63 0.10 -39.08 11.52
CA VAL C 63 0.25 -38.69 12.91
C VAL C 63 -0.68 -39.54 13.77
N GLU C 64 -1.84 -39.87 13.21
CA GLU C 64 -2.82 -40.67 13.91
C GLU C 64 -2.23 -42.06 14.17
N GLY C 65 -1.62 -42.63 13.14
CA GLY C 65 -1.00 -43.93 13.29
C GLY C 65 0.29 -43.82 14.07
N ASP C 66 1.16 -44.81 13.94
CA ASP C 66 2.44 -44.78 14.64
C ASP C 66 3.53 -45.13 13.64
N TYR C 67 4.14 -44.12 13.03
CA TYR C 67 5.18 -44.38 12.05
C TYR C 67 6.53 -43.77 12.37
N THR C 68 7.56 -44.41 11.84
CA THR C 68 8.94 -44.00 12.05
C THR C 68 9.56 -43.35 10.82
N HIS C 69 9.19 -43.86 9.63
CA HIS C 69 9.74 -43.35 8.37
C HIS C 69 8.67 -43.03 7.34
N LEU C 70 8.90 -41.98 6.56
CA LEU C 70 8.00 -41.61 5.47
C LEU C 70 8.80 -42.08 4.26
N VAL C 71 8.17 -42.85 3.39
CA VAL C 71 8.84 -43.39 2.21
C VAL C 71 8.15 -42.97 0.92
N SER C 72 8.91 -42.37 0.00
CA SER C 72 8.33 -41.95 -1.26
C SER C 72 9.24 -42.30 -2.43
N ILE C 73 8.81 -41.94 -3.64
CA ILE C 73 9.57 -42.27 -4.82
C ILE C 73 9.29 -41.32 -5.97
N GLY C 74 10.22 -41.25 -6.91
CA GLY C 74 10.07 -40.39 -8.06
C GLY C 74 11.34 -40.44 -8.89
N GLY C 75 11.44 -39.56 -9.89
CA GLY C 75 12.63 -39.53 -10.71
C GLY C 75 13.75 -38.79 -10.00
N ARG C 76 14.89 -38.64 -10.66
CA ARG C 76 16.03 -37.95 -10.07
C ARG C 76 15.69 -36.53 -9.61
N GLN C 77 15.07 -35.75 -10.49
CA GLN C 77 14.71 -34.38 -10.14
C GLN C 77 13.29 -34.23 -9.61
N SER C 78 12.74 -35.34 -9.12
CA SER C 78 11.38 -35.34 -8.58
C SER C 78 11.13 -34.24 -7.55
N ASN C 79 10.02 -33.54 -7.72
CA ASN C 79 9.61 -32.49 -6.80
C ASN C 79 8.91 -33.16 -5.61
N GLN C 80 8.21 -34.26 -5.90
CA GLN C 80 7.47 -35.02 -4.90
C GLN C 80 8.41 -35.45 -3.76
N THR C 81 9.48 -36.16 -4.11
CA THR C 81 10.44 -36.62 -3.13
C THR C 81 11.00 -35.48 -2.29
N ARG C 82 11.22 -34.31 -2.90
CA ARG C 82 11.75 -33.17 -2.17
C ARG C 82 10.76 -32.68 -1.10
N MET C 83 9.48 -32.62 -1.45
CA MET C 83 8.49 -32.16 -0.48
C MET C 83 8.22 -33.20 0.60
N VAL C 84 8.35 -34.47 0.26
CA VAL C 84 8.15 -35.51 1.25
C VAL C 84 9.26 -35.38 2.27
N ALA C 85 10.47 -35.04 1.81
CA ALA C 85 11.60 -34.89 2.70
C ALA C 85 11.33 -33.73 3.65
N ALA C 86 10.72 -32.67 3.13
CA ALA C 86 10.41 -31.52 3.96
C ALA C 86 9.31 -31.84 4.98
N LEU C 87 8.39 -32.73 4.59
CA LEU C 87 7.28 -33.13 5.46
C LEU C 87 7.83 -33.95 6.61
N ALA C 88 8.69 -34.91 6.27
CA ALA C 88 9.32 -35.78 7.25
C ALA C 88 10.03 -34.93 8.30
N ALA C 89 10.70 -33.87 7.85
CA ALA C 89 11.40 -32.97 8.76
C ALA C 89 10.39 -32.24 9.63
N LYS C 90 9.30 -31.82 9.01
CA LYS C 90 8.25 -31.10 9.71
C LYS C 90 7.54 -32.00 10.73
N LEU C 91 7.47 -33.29 10.44
CA LEU C 91 6.81 -34.25 11.34
C LEU C 91 7.79 -34.97 12.25
N GLY C 92 9.06 -34.57 12.23
CA GLY C 92 10.05 -35.21 13.07
C GLY C 92 10.23 -36.69 12.80
N LYS C 93 9.91 -37.11 11.59
CA LYS C 93 10.05 -38.51 11.19
C LYS C 93 11.29 -38.68 10.31
N LYS C 94 11.71 -39.92 10.13
CA LYS C 94 12.86 -40.21 9.26
C LYS C 94 12.32 -40.35 7.85
N CYS C 95 13.20 -40.25 6.85
CA CYS C 95 12.75 -40.31 5.47
C CYS C 95 13.65 -41.10 4.51
N VAL C 96 13.01 -41.97 3.73
CA VAL C 96 13.69 -42.79 2.74
C VAL C 96 13.12 -42.40 1.38
N LEU C 97 13.99 -42.03 0.45
CA LEU C 97 13.56 -41.60 -0.87
C LEU C 97 14.21 -42.37 -2.00
N ILE C 98 13.37 -42.96 -2.85
CA ILE C 98 13.84 -43.73 -3.99
C ILE C 98 13.81 -42.84 -5.23
N GLN C 99 14.99 -42.55 -5.77
CA GLN C 99 15.10 -41.71 -6.96
C GLN C 99 15.42 -42.58 -8.16
N GLU C 100 14.39 -43.03 -8.89
CA GLU C 100 14.60 -43.89 -10.05
C GLU C 100 15.12 -43.10 -11.25
N ASP C 101 15.70 -43.80 -12.21
CA ASP C 101 16.25 -43.18 -13.40
C ASP C 101 15.14 -43.05 -14.44
N TRP C 102 14.30 -42.03 -14.29
CA TRP C 102 13.16 -41.80 -15.17
C TRP C 102 13.43 -40.99 -16.43
N VAL C 103 14.54 -40.27 -16.44
CA VAL C 103 14.85 -39.40 -17.56
C VAL C 103 16.19 -39.62 -18.26
N PRO C 104 16.18 -39.62 -19.60
CA PRO C 104 17.39 -39.80 -20.39
C PRO C 104 18.18 -38.51 -20.16
N ILE C 105 19.16 -38.57 -19.27
CA ILE C 105 19.95 -37.38 -18.95
C ILE C 105 20.75 -36.86 -20.14
N PRO C 106 20.55 -35.59 -20.52
CA PRO C 106 21.27 -34.99 -21.64
C PRO C 106 22.76 -34.99 -21.36
N GLU C 107 23.56 -35.26 -22.39
CA GLU C 107 25.00 -35.30 -22.27
C GLU C 107 25.59 -34.13 -21.46
N ALA C 108 25.21 -32.90 -21.82
CA ALA C 108 25.71 -31.72 -21.13
C ALA C 108 25.24 -31.57 -19.68
N GLU C 109 24.36 -32.46 -19.23
CA GLU C 109 23.82 -32.39 -17.86
C GLU C 109 24.19 -33.62 -17.02
N LYS C 110 24.95 -34.54 -17.61
CA LYS C 110 25.36 -35.78 -16.94
C LYS C 110 26.05 -35.67 -15.58
N ASP C 111 26.91 -34.68 -15.41
CA ASP C 111 27.63 -34.51 -14.15
C ASP C 111 26.91 -33.60 -13.17
N VAL C 112 25.76 -33.09 -13.57
CA VAL C 112 25.01 -32.20 -12.70
C VAL C 112 23.60 -32.69 -12.39
N TYR C 113 23.02 -33.48 -13.30
CA TYR C 113 21.66 -33.97 -13.12
C TYR C 113 21.34 -34.66 -11.80
N ASN C 114 22.26 -35.49 -11.31
CA ASN C 114 22.03 -36.22 -10.06
C ASN C 114 22.58 -35.52 -8.80
N ARG C 115 22.98 -34.26 -8.93
CA ARG C 115 23.55 -33.56 -7.78
C ARG C 115 22.92 -32.23 -7.39
N VAL C 116 22.44 -31.47 -8.37
CA VAL C 116 21.86 -30.18 -8.05
C VAL C 116 20.34 -30.28 -7.97
N GLY C 117 19.68 -29.13 -7.91
CA GLY C 117 18.23 -29.09 -7.89
C GLY C 117 17.55 -29.82 -6.75
N ASN C 118 16.42 -30.43 -7.04
CA ASN C 118 15.63 -31.13 -6.03
C ASN C 118 16.33 -32.19 -5.19
N ILE C 119 17.07 -33.08 -5.83
CA ILE C 119 17.76 -34.15 -5.12
C ILE C 119 18.76 -33.61 -4.10
N GLU C 120 19.28 -32.42 -4.36
CA GLU C 120 20.24 -31.80 -3.46
C GLU C 120 19.48 -31.35 -2.21
N LEU C 121 18.30 -30.78 -2.44
CA LEU C 121 17.48 -30.29 -1.33
C LEU C 121 17.08 -31.43 -0.40
N SER C 122 16.74 -32.59 -0.93
CA SER C 122 16.36 -33.70 -0.07
C SER C 122 17.57 -34.14 0.77
N ARG C 123 18.77 -34.04 0.21
CA ARG C 123 19.99 -34.41 0.95
C ARG C 123 20.20 -33.44 2.11
N ILE C 124 19.97 -32.16 1.85
CA ILE C 124 20.12 -31.14 2.87
C ILE C 124 19.13 -31.37 4.02
N MET C 125 17.93 -31.84 3.67
CA MET C 125 16.91 -32.10 4.67
C MET C 125 17.11 -33.43 5.39
N GLY C 126 18.32 -34.00 5.25
CA GLY C 126 18.66 -35.23 5.92
C GLY C 126 17.97 -36.50 5.47
N ALA C 127 17.43 -36.48 4.26
CA ALA C 127 16.74 -37.67 3.75
C ALA C 127 17.73 -38.72 3.30
N ASP C 128 17.33 -39.97 3.43
CA ASP C 128 18.12 -41.11 3.00
C ASP C 128 17.80 -41.26 1.51
N VAL C 129 18.58 -40.59 0.66
CA VAL C 129 18.35 -40.60 -0.78
C VAL C 129 18.99 -41.79 -1.47
N ARG C 130 18.16 -42.60 -2.12
CA ARG C 130 18.62 -43.79 -2.83
C ARG C 130 18.46 -43.66 -4.34
N VAL C 131 19.59 -43.71 -5.04
CA VAL C 131 19.63 -43.60 -6.49
C VAL C 131 19.67 -44.97 -7.13
N ILE C 132 18.61 -45.32 -7.86
CA ILE C 132 18.53 -46.61 -8.52
C ILE C 132 18.27 -46.46 -10.02
N GLU C 133 18.55 -47.52 -10.78
CA GLU C 133 18.42 -47.51 -12.24
C GLU C 133 17.10 -47.92 -12.89
N ASP C 134 16.04 -48.09 -12.10
CA ASP C 134 14.75 -48.48 -12.66
C ASP C 134 14.22 -47.35 -13.56
N GLY C 135 13.37 -47.71 -14.52
CA GLY C 135 12.84 -46.72 -15.44
C GLY C 135 11.56 -45.99 -15.07
N PHE C 136 11.10 -45.12 -15.97
CA PHE C 136 9.90 -44.32 -15.79
C PHE C 136 8.61 -45.13 -15.85
N ASP C 137 7.72 -44.88 -14.90
CA ASP C 137 6.43 -45.55 -14.82
C ASP C 137 5.62 -44.90 -13.69
N ILE C 138 4.38 -44.51 -14.00
CA ILE C 138 3.51 -43.85 -13.03
C ILE C 138 2.79 -44.80 -12.08
N GLY C 139 2.93 -46.10 -12.31
CA GLY C 139 2.27 -47.07 -11.45
C GLY C 139 3.14 -47.49 -10.28
N MET C 140 2.61 -48.39 -9.45
CA MET C 140 3.36 -48.87 -8.29
C MET C 140 4.65 -49.52 -8.76
N ARG C 141 5.73 -49.32 -7.99
CA ARG C 141 7.04 -49.85 -8.34
C ARG C 141 7.57 -50.92 -7.40
N LYS C 142 8.40 -51.81 -7.93
CA LYS C 142 8.99 -52.88 -7.13
C LYS C 142 9.96 -52.27 -6.13
N SER C 143 10.79 -51.35 -6.61
CA SER C 143 11.78 -50.68 -5.78
C SER C 143 11.09 -50.13 -4.53
N PHE C 144 9.91 -49.59 -4.71
CA PHE C 144 9.14 -49.03 -3.62
C PHE C 144 8.77 -50.14 -2.62
N ALA C 145 8.12 -51.18 -3.11
CA ALA C 145 7.71 -52.30 -2.28
C ALA C 145 8.91 -52.93 -1.56
N ASN C 146 10.06 -52.95 -2.22
CA ASN C 146 11.26 -53.54 -1.64
C ASN C 146 11.76 -52.68 -0.48
N ALA C 147 11.72 -51.36 -0.68
CA ALA C 147 12.16 -50.41 0.33
C ALA C 147 11.29 -50.55 1.58
N LEU C 148 10.00 -50.79 1.39
CA LEU C 148 9.08 -50.93 2.51
C LEU C 148 9.35 -52.21 3.30
N GLN C 149 9.53 -53.31 2.58
CA GLN C 149 9.80 -54.59 3.23
C GLN C 149 11.07 -54.49 4.06
N GLU C 150 12.06 -53.80 3.52
CA GLU C 150 13.33 -53.62 4.20
C GLU C 150 13.15 -52.95 5.56
N LEU C 151 12.65 -51.72 5.54
CA LEU C 151 12.43 -50.96 6.76
C LEU C 151 11.64 -51.72 7.82
N GLU C 152 10.72 -52.57 7.37
CA GLU C 152 9.90 -53.33 8.31
C GLU C 152 10.67 -54.50 8.90
N ASP C 153 11.48 -55.17 8.10
CA ASP C 153 12.26 -56.30 8.60
C ASP C 153 13.28 -55.83 9.64
N ALA C 154 13.63 -54.56 9.58
CA ALA C 154 14.59 -53.98 10.51
C ALA C 154 13.88 -53.47 11.77
N GLY C 155 12.56 -53.64 11.82
CA GLY C 155 11.78 -53.22 12.97
C GLY C 155 11.19 -51.83 12.97
N HIS C 156 11.21 -51.15 11.82
CA HIS C 156 10.68 -49.79 11.71
C HIS C 156 9.25 -49.79 11.17
N LYS C 157 8.55 -48.68 11.34
CA LYS C 157 7.18 -48.55 10.84
C LYS C 157 7.14 -47.51 9.73
N PRO C 158 7.26 -47.96 8.47
CA PRO C 158 7.24 -47.02 7.34
C PRO C 158 5.86 -46.66 6.80
N TYR C 159 5.67 -45.39 6.48
CA TYR C 159 4.42 -44.93 5.92
C TYR C 159 4.68 -44.72 4.42
N PRO C 160 3.99 -45.49 3.56
CA PRO C 160 4.17 -45.38 2.10
C PRO C 160 3.51 -44.19 1.45
N ILE C 161 4.22 -43.58 0.51
CA ILE C 161 3.70 -42.44 -0.23
C ILE C 161 4.14 -42.67 -1.67
N PRO C 162 3.27 -43.29 -2.47
CA PRO C 162 3.48 -43.62 -3.89
C PRO C 162 3.77 -42.39 -4.75
N ALA C 163 4.31 -42.64 -5.94
CA ALA C 163 4.65 -41.57 -6.88
C ALA C 163 3.55 -40.53 -7.01
N GLY C 164 3.86 -39.31 -6.61
CA GLY C 164 2.90 -38.22 -6.69
C GLY C 164 1.67 -38.34 -5.79
N CYS C 165 1.69 -39.28 -4.85
CA CYS C 165 0.56 -39.51 -3.93
C CYS C 165 -0.64 -40.04 -4.71
N SER C 166 -0.52 -40.00 -6.03
CA SER C 166 -1.58 -40.44 -6.93
C SER C 166 -2.32 -41.72 -6.58
N GLU C 167 -1.60 -42.80 -6.31
CA GLU C 167 -2.27 -44.05 -5.98
C GLU C 167 -2.50 -44.27 -4.49
N HIS C 168 -2.44 -43.19 -3.73
CA HIS C 168 -2.71 -43.24 -2.29
C HIS C 168 -4.21 -43.01 -2.17
N LYS C 169 -4.85 -43.70 -1.24
CA LYS C 169 -6.31 -43.57 -1.07
C LYS C 169 -6.80 -42.13 -1.13
N TYR C 170 -6.13 -41.23 -0.44
CA TYR C 170 -6.54 -39.83 -0.40
C TYR C 170 -5.77 -38.93 -1.38
N GLY C 171 -5.04 -39.53 -2.30
CA GLY C 171 -4.28 -38.76 -3.25
C GLY C 171 -4.96 -37.60 -3.97
N GLY C 172 -6.27 -37.74 -4.24
CA GLY C 172 -6.97 -36.69 -4.96
C GLY C 172 -7.75 -35.67 -4.15
N LEU C 173 -7.86 -35.87 -2.85
CA LEU C 173 -8.61 -34.94 -2.01
C LEU C 173 -8.06 -33.52 -2.09
N GLY C 174 -6.75 -33.38 -1.96
CA GLY C 174 -6.11 -32.09 -2.01
C GLY C 174 -6.60 -31.19 -3.14
N PHE C 175 -6.59 -31.68 -4.36
CA PHE C 175 -7.03 -30.81 -5.42
C PHE C 175 -8.54 -30.66 -5.59
N VAL C 176 -9.32 -31.29 -4.71
CA VAL C 176 -10.76 -31.10 -4.74
C VAL C 176 -10.87 -29.76 -4.00
N GLY C 177 -10.07 -29.61 -2.95
CA GLY C 177 -10.07 -28.37 -2.18
C GLY C 177 -9.58 -27.21 -3.04
N PHE C 178 -8.72 -27.52 -4.01
CA PHE C 178 -8.19 -26.52 -4.93
C PHE C 178 -9.39 -25.91 -5.68
N ALA C 179 -10.24 -26.80 -6.23
CA ALA C 179 -11.43 -26.37 -6.96
C ALA C 179 -12.31 -25.46 -6.10
N ASP C 180 -12.53 -25.86 -4.85
CA ASP C 180 -13.35 -25.07 -3.93
C ASP C 180 -12.75 -23.68 -3.82
N GLU C 181 -11.42 -23.62 -3.75
CA GLU C 181 -10.72 -22.35 -3.63
C GLU C 181 -10.99 -21.50 -4.88
N VAL C 182 -10.87 -22.12 -6.05
CA VAL C 182 -11.09 -21.41 -7.31
C VAL C 182 -12.46 -20.76 -7.30
N ILE C 183 -13.49 -21.53 -6.95
CA ILE C 183 -14.85 -20.98 -6.88
C ILE C 183 -14.89 -19.77 -5.93
N ASN C 184 -14.29 -19.88 -4.75
CA ASN C 184 -14.30 -18.75 -3.82
C ASN C 184 -13.49 -17.56 -4.34
N GLN C 185 -12.42 -17.83 -5.08
CA GLN C 185 -11.59 -16.76 -5.60
C GLN C 185 -12.26 -16.05 -6.77
N GLU C 186 -13.10 -16.76 -7.53
CA GLU C 186 -13.79 -16.11 -8.63
C GLU C 186 -14.70 -15.07 -8.00
N VAL C 187 -15.30 -15.41 -6.87
CA VAL C 187 -16.19 -14.48 -6.19
C VAL C 187 -15.45 -13.26 -5.69
N GLU C 188 -14.27 -13.45 -5.10
CA GLU C 188 -13.54 -12.31 -4.59
C GLU C 188 -12.88 -11.48 -5.70
N LEU C 189 -12.62 -12.09 -6.84
CA LEU C 189 -12.04 -11.35 -7.95
C LEU C 189 -13.15 -10.69 -8.77
N GLY C 190 -14.35 -11.27 -8.70
CA GLY C 190 -15.46 -10.70 -9.44
C GLY C 190 -15.48 -11.15 -10.90
N ILE C 191 -14.82 -12.27 -11.19
CA ILE C 191 -14.79 -12.79 -12.56
C ILE C 191 -14.99 -14.28 -12.54
N LYS C 192 -15.15 -14.86 -13.71
CA LYS C 192 -15.36 -16.29 -13.85
C LYS C 192 -14.27 -16.86 -14.75
N PHE C 193 -13.68 -17.98 -14.36
CA PHE C 193 -12.67 -18.60 -15.19
C PHE C 193 -13.37 -19.55 -16.13
N ASP C 194 -13.15 -19.36 -17.43
CA ASP C 194 -13.77 -20.20 -18.43
C ASP C 194 -13.09 -21.55 -18.54
N LYS C 195 -11.77 -21.56 -18.35
CA LYS C 195 -11.01 -22.80 -18.42
C LYS C 195 -9.85 -22.79 -17.44
N ILE C 196 -9.40 -23.97 -17.09
CA ILE C 196 -8.29 -24.18 -16.17
C ILE C 196 -7.34 -25.05 -16.97
N VAL C 197 -6.07 -24.64 -17.04
CA VAL C 197 -5.04 -25.38 -17.76
C VAL C 197 -3.99 -25.86 -16.76
N VAL C 198 -3.73 -27.16 -16.74
CA VAL C 198 -2.79 -27.72 -15.78
C VAL C 198 -2.02 -28.91 -16.34
N CYS C 199 -0.78 -29.07 -15.89
CA CYS C 199 0.07 -30.16 -16.33
C CYS C 199 -0.42 -31.46 -15.68
N CYS C 200 -0.20 -32.59 -16.36
CA CYS C 200 -0.65 -33.87 -15.85
C CYS C 200 0.30 -35.01 -16.18
N VAL C 201 0.69 -35.77 -15.16
CA VAL C 201 1.58 -36.91 -15.35
C VAL C 201 1.13 -38.15 -14.59
N THR C 202 1.20 -38.15 -13.26
CA THR C 202 0.77 -39.33 -12.50
C THR C 202 -0.74 -39.31 -12.24
N GLY C 203 -1.39 -38.16 -12.46
CA GLY C 203 -2.83 -38.10 -12.30
C GLY C 203 -3.63 -37.48 -11.16
N SER C 204 -3.18 -37.61 -9.91
CA SER C 204 -3.96 -37.08 -8.78
C SER C 204 -4.27 -35.58 -8.78
N THR C 205 -3.41 -34.77 -9.35
CA THR C 205 -3.66 -33.33 -9.39
C THR C 205 -4.89 -33.06 -10.26
N THR C 206 -4.81 -33.46 -11.53
CA THR C 206 -5.92 -33.28 -12.47
C THR C 206 -7.19 -33.98 -11.97
N ALA C 207 -7.07 -35.24 -11.53
CA ALA C 207 -8.22 -35.98 -11.03
C ALA C 207 -8.88 -35.21 -9.89
N GLY C 208 -8.08 -34.73 -8.95
CA GLY C 208 -8.63 -33.98 -7.85
C GLY C 208 -9.38 -32.77 -8.37
N ILE C 209 -8.80 -32.09 -9.36
CA ILE C 209 -9.43 -30.90 -9.93
C ILE C 209 -10.70 -31.28 -10.69
N LEU C 210 -10.66 -32.41 -11.38
CA LEU C 210 -11.82 -32.88 -12.11
C LEU C 210 -12.95 -33.14 -11.12
N ALA C 211 -12.68 -33.97 -10.11
CA ALA C 211 -13.68 -34.29 -9.10
C ALA C 211 -14.19 -33.03 -8.41
N GLY C 212 -13.28 -32.11 -8.10
CA GLY C 212 -13.67 -30.88 -7.44
C GLY C 212 -14.58 -29.97 -8.25
N MET C 213 -14.27 -29.80 -9.53
CA MET C 213 -15.09 -28.95 -10.40
C MET C 213 -16.44 -29.59 -10.70
N ALA C 214 -16.53 -30.91 -10.54
CA ALA C 214 -17.77 -31.63 -10.79
C ALA C 214 -18.84 -31.27 -9.75
N GLN C 215 -18.42 -30.84 -8.58
CA GLN C 215 -19.36 -30.45 -7.53
C GLN C 215 -20.14 -29.23 -8.01
N TYR C 216 -19.60 -28.56 -9.02
CA TYR C 216 -20.22 -27.35 -9.55
C TYR C 216 -20.65 -27.51 -11.01
N GLY C 217 -20.57 -28.74 -11.50
CA GLY C 217 -20.94 -29.04 -12.87
C GLY C 217 -19.99 -28.46 -13.90
N ARG C 218 -18.76 -28.16 -13.46
CA ARG C 218 -17.77 -27.56 -14.34
C ARG C 218 -16.53 -28.40 -14.67
N GLN C 219 -16.64 -29.73 -14.58
CA GLN C 219 -15.46 -30.55 -14.88
C GLN C 219 -14.93 -30.32 -16.30
N ASP C 220 -15.79 -29.91 -17.22
CA ASP C 220 -15.37 -29.68 -18.60
C ASP C 220 -14.49 -28.43 -18.74
N ASP C 221 -14.44 -27.63 -17.70
CA ASP C 221 -13.61 -26.42 -17.70
C ASP C 221 -12.14 -26.83 -17.68
N VAL C 222 -11.88 -28.06 -17.26
CA VAL C 222 -10.51 -28.58 -17.14
C VAL C 222 -9.77 -29.04 -18.39
N ILE C 223 -8.64 -28.40 -18.65
CA ILE C 223 -7.78 -28.73 -19.79
C ILE C 223 -6.42 -29.19 -19.24
N ALA C 224 -6.15 -30.48 -19.36
CA ALA C 224 -4.89 -31.03 -18.88
C ALA C 224 -3.92 -31.18 -20.04
N ILE C 225 -2.65 -30.86 -19.78
CA ILE C 225 -1.60 -30.98 -20.79
C ILE C 225 -0.70 -32.11 -20.31
N ASP C 226 -0.61 -33.18 -21.10
CA ASP C 226 0.22 -34.32 -20.73
C ASP C 226 1.71 -33.94 -20.76
N ALA C 227 2.50 -34.56 -19.89
CA ALA C 227 3.94 -34.30 -19.83
C ALA C 227 4.64 -35.62 -19.52
N SER C 228 3.86 -36.68 -19.56
CA SER C 228 4.37 -38.02 -19.27
C SER C 228 4.85 -38.74 -20.52
N PHE C 229 4.34 -38.30 -21.67
CA PHE C 229 4.66 -38.91 -22.96
C PHE C 229 4.18 -40.36 -22.98
N THR C 230 3.14 -40.63 -22.19
CA THR C 230 2.52 -41.95 -22.10
C THR C 230 1.02 -41.69 -21.92
N SER C 231 0.48 -40.83 -22.78
CA SER C 231 -0.93 -40.44 -22.74
C SER C 231 -1.91 -41.52 -22.28
N GLU C 232 -1.99 -42.60 -23.05
CA GLU C 232 -2.89 -43.70 -22.73
C GLU C 232 -2.95 -44.02 -21.24
N LYS C 233 -1.88 -44.57 -20.69
CA LYS C 233 -1.86 -44.94 -19.28
C LYS C 233 -2.17 -43.75 -18.37
N THR C 234 -1.61 -42.59 -18.68
CA THR C 234 -1.86 -41.41 -17.88
C THR C 234 -3.35 -41.11 -17.80
N LYS C 235 -4.03 -41.16 -18.95
CA LYS C 235 -5.46 -40.90 -18.96
C LYS C 235 -6.24 -41.95 -18.19
N GLU C 236 -5.81 -43.22 -18.26
CA GLU C 236 -6.52 -44.27 -17.54
C GLU C 236 -6.30 -44.12 -16.05
N GLN C 237 -5.07 -43.78 -15.65
CA GLN C 237 -4.77 -43.64 -14.23
C GLN C 237 -5.51 -42.44 -13.65
N THR C 238 -5.53 -41.35 -14.39
CA THR C 238 -6.22 -40.13 -13.96
C THR C 238 -7.72 -40.38 -13.83
N LEU C 239 -8.29 -41.06 -14.82
CA LEU C 239 -9.73 -41.37 -14.83
C LEU C 239 -10.08 -42.18 -13.58
N ARG C 240 -9.26 -43.20 -13.31
CA ARG C 240 -9.45 -44.07 -12.16
C ARG C 240 -9.44 -43.31 -10.83
N ILE C 241 -8.51 -42.37 -10.69
CA ILE C 241 -8.41 -41.58 -9.47
C ILE C 241 -9.55 -40.55 -9.38
N ALA C 242 -10.01 -40.09 -10.54
CA ALA C 242 -11.09 -39.11 -10.58
C ALA C 242 -12.35 -39.76 -10.03
N ASN C 243 -12.64 -40.98 -10.49
CA ASN C 243 -13.82 -41.71 -10.02
C ASN C 243 -13.75 -42.11 -8.56
N ASN C 244 -12.59 -42.58 -8.10
CA ASN C 244 -12.44 -42.97 -6.70
C ASN C 244 -12.61 -41.74 -5.81
N THR C 245 -11.98 -40.64 -6.22
CA THR C 245 -12.08 -39.41 -5.44
C THR C 245 -13.51 -38.87 -5.48
N ALA C 246 -14.16 -39.01 -6.62
CA ALA C 246 -15.54 -38.54 -6.78
C ALA C 246 -16.41 -39.17 -5.70
N LYS C 247 -16.34 -40.49 -5.59
CA LYS C 247 -17.13 -41.20 -4.58
C LYS C 247 -16.88 -40.69 -3.16
N LEU C 248 -15.61 -40.63 -2.77
CA LEU C 248 -15.23 -40.17 -1.43
C LEU C 248 -15.86 -38.85 -0.98
N ILE C 249 -16.07 -37.91 -1.91
CA ILE C 249 -16.62 -36.62 -1.53
C ILE C 249 -18.11 -36.44 -1.82
N GLY C 250 -18.76 -37.47 -2.35
CA GLY C 250 -20.18 -37.37 -2.63
C GLY C 250 -20.57 -36.94 -4.03
N VAL C 251 -19.60 -36.80 -4.92
CA VAL C 251 -19.92 -36.42 -6.29
C VAL C 251 -20.40 -37.68 -7.03
N GLU C 252 -21.49 -37.54 -7.78
CA GLU C 252 -22.08 -38.67 -8.50
C GLU C 252 -21.62 -38.85 -9.95
N HIS C 253 -21.08 -37.78 -10.52
CA HIS C 253 -20.62 -37.83 -11.91
C HIS C 253 -19.63 -38.96 -12.13
N GLU C 254 -19.75 -39.62 -13.28
CA GLU C 254 -18.84 -40.71 -13.63
C GLU C 254 -17.93 -40.22 -14.75
N PHE C 255 -16.63 -40.27 -14.51
CA PHE C 255 -15.69 -39.81 -15.52
C PHE C 255 -15.34 -40.92 -16.50
N LYS C 256 -15.60 -40.67 -17.77
CA LYS C 256 -15.30 -41.63 -18.82
C LYS C 256 -14.23 -41.05 -19.73
N ASP C 257 -13.98 -39.76 -19.58
CA ASP C 257 -12.99 -39.09 -20.39
C ASP C 257 -12.77 -37.67 -19.88
N PHE C 258 -11.74 -37.02 -20.42
CA PHE C 258 -11.44 -35.65 -20.06
C PHE C 258 -10.44 -35.09 -21.08
N THR C 259 -10.33 -33.77 -21.14
CA THR C 259 -9.42 -33.13 -22.07
C THR C 259 -7.98 -33.31 -21.64
N LEU C 260 -7.21 -34.01 -22.47
CA LEU C 260 -5.79 -34.25 -22.25
C LEU C 260 -5.03 -33.99 -23.55
N ASP C 261 -4.49 -32.79 -23.70
CA ASP C 261 -3.74 -32.46 -24.92
C ASP C 261 -2.37 -33.15 -24.87
N THR C 262 -2.08 -33.93 -25.90
CA THR C 262 -0.83 -34.70 -25.98
C THR C 262 0.20 -34.20 -26.98
N ARG C 263 -0.02 -33.01 -27.52
CA ARG C 263 0.90 -32.46 -28.51
C ARG C 263 2.21 -31.91 -27.97
N PHE C 264 2.36 -31.84 -26.64
CA PHE C 264 3.57 -31.23 -26.08
C PHE C 264 4.48 -32.04 -25.15
N ALA C 265 4.15 -33.30 -24.91
CA ALA C 265 4.98 -34.12 -24.04
C ALA C 265 6.30 -34.58 -24.66
N TYR C 266 6.33 -34.71 -25.99
CA TYR C 266 7.51 -35.18 -26.69
C TYR C 266 8.75 -34.35 -26.36
N PRO C 267 9.95 -34.94 -26.54
CA PRO C 267 10.15 -36.32 -27.00
C PRO C 267 10.13 -37.37 -25.90
N CYS C 268 9.98 -36.94 -24.65
CA CYS C 268 10.01 -37.89 -23.54
C CYS C 268 9.76 -37.16 -22.22
N TYR C 269 9.34 -37.93 -21.21
CA TYR C 269 9.10 -37.36 -19.89
C TYR C 269 10.43 -36.79 -19.38
N GLY C 270 10.37 -35.63 -18.75
CA GLY C 270 11.60 -35.04 -18.23
C GLY C 270 12.50 -34.40 -19.27
N VAL C 271 12.13 -34.48 -20.55
CA VAL C 271 12.94 -33.88 -21.61
C VAL C 271 12.18 -32.79 -22.35
N PRO C 272 12.69 -31.56 -22.30
CA PRO C 272 11.99 -30.47 -22.99
C PRO C 272 12.25 -30.50 -24.50
N ASN C 273 11.27 -30.03 -25.27
CA ASN C 273 11.46 -29.91 -26.71
C ASN C 273 11.74 -28.42 -26.92
N GLU C 274 12.10 -28.05 -28.14
CA GLU C 274 12.40 -26.66 -28.46
C GLU C 274 11.24 -25.76 -28.06
N GLY C 275 10.03 -26.25 -28.26
CA GLY C 275 8.84 -25.49 -27.91
C GLY C 275 8.76 -25.25 -26.42
N THR C 276 9.03 -26.29 -25.64
CA THR C 276 9.01 -26.18 -24.18
C THR C 276 9.96 -25.04 -23.79
N ILE C 277 11.21 -25.13 -24.25
CA ILE C 277 12.20 -24.11 -23.97
C ILE C 277 11.68 -22.72 -24.37
N GLU C 278 11.04 -22.62 -25.53
CA GLU C 278 10.52 -21.32 -25.95
C GLU C 278 9.35 -20.88 -25.08
N ALA C 279 8.54 -21.83 -24.59
CA ALA C 279 7.41 -21.49 -23.73
C ALA C 279 7.94 -20.91 -22.40
N ILE C 280 8.96 -21.57 -21.85
CA ILE C 280 9.57 -21.12 -20.59
C ILE C 280 10.16 -19.71 -20.72
N ARG C 281 10.87 -19.46 -21.81
CA ARG C 281 11.49 -18.16 -22.03
C ARG C 281 10.47 -17.04 -22.16
N THR C 282 9.40 -17.31 -22.91
CA THR C 282 8.35 -16.33 -23.13
C THR C 282 7.66 -15.97 -21.81
N CYS C 283 7.31 -16.98 -21.03
CA CYS C 283 6.66 -16.71 -19.75
C CYS C 283 7.61 -15.89 -18.86
N ALA C 284 8.86 -16.33 -18.75
CA ALA C 284 9.86 -15.64 -17.94
C ALA C 284 10.10 -14.20 -18.41
N GLU C 285 10.28 -14.02 -19.71
CA GLU C 285 10.54 -12.69 -20.27
C GLU C 285 9.36 -11.75 -20.11
N GLN C 286 8.15 -12.30 -20.23
CA GLN C 286 6.96 -11.47 -20.14
C GLN C 286 6.48 -11.22 -18.70
N GLU C 287 6.58 -12.22 -17.83
CA GLU C 287 6.07 -12.05 -16.47
C GLU C 287 7.05 -12.19 -15.30
N GLY C 288 8.26 -12.65 -15.56
CA GLY C 288 9.21 -12.82 -14.49
C GLY C 288 8.83 -14.07 -13.70
N VAL C 289 7.97 -14.88 -14.32
CA VAL C 289 7.48 -16.13 -13.75
C VAL C 289 8.24 -17.30 -14.35
N LEU C 290 8.81 -18.12 -13.49
CA LEU C 290 9.61 -19.29 -13.85
C LEU C 290 8.87 -20.63 -13.90
N THR C 291 9.08 -21.36 -15.00
CA THR C 291 8.50 -22.67 -15.23
C THR C 291 9.66 -23.60 -15.54
N ASP C 292 9.47 -24.91 -15.35
CA ASP C 292 10.54 -25.88 -15.56
C ASP C 292 10.37 -26.67 -16.85
N PRO C 293 11.46 -27.27 -17.35
CA PRO C 293 11.48 -28.06 -18.60
C PRO C 293 10.73 -29.39 -18.51
N VAL C 294 10.41 -29.82 -17.29
CA VAL C 294 9.72 -31.08 -17.11
C VAL C 294 8.20 -31.02 -17.03
N TYR C 295 7.66 -30.08 -16.27
CA TYR C 295 6.22 -30.00 -16.11
C TYR C 295 5.54 -28.73 -16.56
N GLU C 296 5.74 -27.67 -15.78
CA GLU C 296 5.11 -26.40 -16.08
C GLU C 296 5.52 -25.80 -17.42
N GLY C 297 6.73 -26.10 -17.87
CA GLY C 297 7.18 -25.57 -19.14
C GLY C 297 6.26 -26.12 -20.23
N LYS C 298 5.94 -27.41 -20.11
CA LYS C 298 5.09 -28.08 -21.08
C LYS C 298 3.62 -27.65 -21.03
N SER C 299 3.07 -27.48 -19.83
CA SER C 299 1.69 -27.03 -19.73
C SER C 299 1.61 -25.57 -20.19
N MET C 300 2.66 -24.79 -19.92
CA MET C 300 2.67 -23.38 -20.36
C MET C 300 2.78 -23.31 -21.89
N GLN C 301 3.49 -24.27 -22.45
CA GLN C 301 3.69 -24.39 -23.90
C GLN C 301 2.32 -24.71 -24.50
N GLY C 302 1.61 -25.67 -23.89
CA GLY C 302 0.28 -26.02 -24.36
C GLY C 302 -0.65 -24.82 -24.28
N LEU C 303 -0.60 -24.10 -23.17
CA LEU C 303 -1.42 -22.91 -22.97
C LEU C 303 -1.19 -21.90 -24.10
N ILE C 304 0.08 -21.62 -24.41
CA ILE C 304 0.41 -20.67 -25.48
C ILE C 304 -0.13 -21.10 -26.84
N ALA C 305 0.04 -22.37 -27.18
CA ALA C 305 -0.46 -22.89 -28.46
C ALA C 305 -1.99 -22.75 -28.55
N LEU C 306 -2.68 -23.23 -27.51
CA LEU C 306 -4.14 -23.14 -27.46
C LEU C 306 -4.59 -21.70 -27.65
N ILE C 307 -3.94 -20.77 -26.97
CA ILE C 307 -4.30 -19.37 -27.12
C ILE C 307 -4.06 -18.90 -28.55
N LYS C 308 -2.89 -19.25 -29.10
CA LYS C 308 -2.53 -18.84 -30.45
C LYS C 308 -3.51 -19.32 -31.52
N GLU C 309 -3.98 -20.56 -31.40
CA GLU C 309 -4.93 -21.11 -32.37
C GLU C 309 -6.39 -20.74 -32.13
N ASP C 310 -6.63 -19.75 -31.27
CA ASP C 310 -7.98 -19.30 -30.97
C ASP C 310 -8.85 -20.42 -30.42
N TYR C 311 -8.27 -21.29 -29.61
CA TYR C 311 -9.00 -22.39 -29.01
C TYR C 311 -10.01 -21.88 -27.99
N PHE C 312 -9.73 -20.71 -27.41
CA PHE C 312 -10.63 -20.13 -26.41
C PHE C 312 -11.42 -19.01 -27.02
N LYS C 313 -12.60 -18.76 -26.45
CA LYS C 313 -13.44 -17.68 -26.93
C LYS C 313 -12.77 -16.36 -26.59
N PRO C 314 -13.01 -15.32 -27.41
CA PRO C 314 -12.42 -14.00 -27.20
C PRO C 314 -12.67 -13.47 -25.79
N GLY C 315 -11.63 -12.92 -25.16
CA GLY C 315 -11.77 -12.36 -23.83
C GLY C 315 -11.97 -13.37 -22.72
N ALA C 316 -11.78 -14.65 -23.01
CA ALA C 316 -11.93 -15.69 -22.00
C ALA C 316 -10.86 -15.61 -20.90
N ASN C 317 -11.27 -15.85 -19.66
CA ASN C 317 -10.31 -15.82 -18.56
C ASN C 317 -9.86 -17.25 -18.37
N VAL C 318 -8.55 -17.48 -18.52
CA VAL C 318 -8.01 -18.81 -18.40
C VAL C 318 -7.08 -18.91 -17.19
N LEU C 319 -7.38 -19.89 -16.33
CA LEU C 319 -6.61 -20.12 -15.12
C LEU C 319 -5.53 -21.15 -15.31
N TYR C 320 -4.30 -20.68 -15.50
CA TYR C 320 -3.18 -21.58 -15.65
C TYR C 320 -2.87 -22.05 -14.22
N VAL C 321 -2.45 -23.28 -14.06
CA VAL C 321 -2.14 -23.72 -12.71
C VAL C 321 -0.64 -23.99 -12.59
N HIS C 322 0.05 -23.15 -11.82
CA HIS C 322 1.47 -23.36 -11.64
C HIS C 322 1.71 -24.25 -10.43
N LEU C 323 1.99 -25.53 -10.69
CA LEU C 323 2.20 -26.52 -9.66
C LEU C 323 3.58 -26.48 -8.98
N GLY C 324 4.48 -25.63 -9.48
CA GLY C 324 5.83 -25.53 -8.92
C GLY C 324 6.85 -26.20 -9.84
N GLY C 325 7.87 -26.83 -9.28
CA GLY C 325 8.85 -27.52 -10.11
C GLY C 325 10.08 -26.75 -10.59
N ALA C 326 10.12 -25.44 -10.36
CA ALA C 326 11.24 -24.62 -10.78
C ALA C 326 12.61 -24.96 -10.13
N PRO C 327 12.60 -25.50 -8.90
CA PRO C 327 13.90 -25.83 -8.30
C PRO C 327 14.73 -26.81 -9.16
N ALA C 328 14.08 -27.44 -10.13
CA ALA C 328 14.77 -28.39 -11.01
C ALA C 328 15.52 -27.72 -12.17
N LEU C 329 15.27 -26.44 -12.39
CA LEU C 329 15.92 -25.72 -13.48
C LEU C 329 17.43 -25.84 -13.56
N SER C 330 18.10 -25.89 -12.41
CA SER C 330 19.56 -25.99 -12.38
C SER C 330 20.09 -27.26 -13.01
N ALA C 331 19.22 -28.22 -13.28
CA ALA C 331 19.68 -29.46 -13.90
C ALA C 331 19.45 -29.37 -15.41
N TYR C 332 19.02 -28.21 -15.88
CA TYR C 332 18.74 -28.00 -17.30
C TYR C 332 19.35 -26.68 -17.83
N SER C 333 20.45 -26.22 -17.22
CA SER C 333 21.05 -24.96 -17.65
C SER C 333 21.57 -24.99 -19.12
N SER C 334 21.96 -26.16 -19.61
CA SER C 334 22.44 -26.26 -20.97
C SER C 334 21.40 -25.76 -21.97
N PHE C 335 20.12 -25.84 -21.61
CA PHE C 335 19.04 -25.41 -22.50
C PHE C 335 18.73 -23.91 -22.54
N PHE C 336 19.41 -23.10 -21.73
CA PHE C 336 19.10 -21.68 -21.77
C PHE C 336 20.30 -20.72 -21.96
N PRO C 337 20.91 -20.72 -23.16
CA PRO C 337 22.04 -19.80 -23.34
C PRO C 337 21.61 -18.36 -23.17
N THR C 338 22.54 -17.50 -22.77
CA THR C 338 22.22 -16.08 -22.62
C THR C 338 21.62 -15.61 -23.94
N LYS C 339 20.61 -14.76 -23.86
CA LYS C 339 19.94 -14.21 -25.04
C LYS C 339 20.77 -13.05 -25.59
N THR C 340 21.15 -13.14 -26.87
CA THR C 340 21.95 -12.09 -27.49
C THR C 340 21.23 -10.75 -27.50
N ALA C 341 21.89 -9.72 -26.99
CA ALA C 341 21.28 -8.39 -26.97
C ALA C 341 21.35 -7.77 -28.35
N ALA D 1 6.55 12.05 8.08
CA ALA D 1 5.70 11.08 8.84
C ALA D 1 6.34 9.69 8.90
N GLY D 2 6.01 8.84 7.93
CA GLY D 2 6.56 7.49 7.89
C GLY D 2 6.94 7.13 6.46
N VAL D 3 7.02 5.84 6.17
CA VAL D 3 7.37 5.39 4.82
C VAL D 3 6.21 5.64 3.87
N ALA D 4 5.05 5.94 4.44
CA ALA D 4 3.84 6.18 3.66
C ALA D 4 3.94 7.40 2.74
N LYS D 5 4.87 8.30 3.01
CA LYS D 5 4.98 9.48 2.16
C LYS D 5 5.60 9.13 0.80
N PHE D 6 6.04 7.90 0.62
CA PHE D 6 6.65 7.47 -0.64
C PHE D 6 5.80 6.50 -1.45
N ALA D 7 5.73 6.72 -2.75
CA ALA D 7 4.95 5.87 -3.63
C ALA D 7 5.50 4.45 -3.63
N LYS D 8 4.59 3.48 -3.66
CA LYS D 8 4.96 2.07 -3.66
C LYS D 8 4.28 1.30 -4.79
N TYR D 9 5.06 0.49 -5.49
CA TYR D 9 4.57 -0.33 -6.58
C TYR D 9 4.59 -1.78 -6.08
N PRO D 10 3.42 -2.41 -5.92
CA PRO D 10 3.31 -3.79 -5.44
C PRO D 10 3.98 -4.85 -6.30
N LEU D 11 4.88 -5.61 -5.68
CA LEU D 11 5.59 -6.70 -6.35
C LEU D 11 5.44 -7.97 -5.52
N THR D 12 4.80 -7.84 -4.35
CA THR D 12 4.60 -8.97 -3.44
C THR D 12 3.11 -9.28 -3.27
N PHE D 13 2.81 -10.42 -2.65
CA PHE D 13 1.43 -10.81 -2.39
C PHE D 13 0.86 -9.99 -1.25
N GLY D 14 1.74 -9.40 -0.46
CA GLY D 14 1.33 -8.60 0.68
C GLY D 14 2.30 -8.84 1.83
N PRO D 15 1.86 -8.67 3.08
CA PRO D 15 2.79 -8.90 4.21
C PRO D 15 3.34 -10.32 4.15
N SER D 16 4.66 -10.46 4.27
CA SER D 16 5.23 -11.80 4.25
C SER D 16 4.80 -12.53 5.52
N PRO D 17 4.54 -13.82 5.41
CA PRO D 17 4.11 -14.62 6.56
C PRO D 17 5.21 -14.90 7.57
N ILE D 18 4.80 -15.24 8.79
CA ILE D 18 5.74 -15.58 9.85
C ILE D 18 5.53 -17.04 10.21
N SER D 19 6.59 -17.84 10.15
CA SER D 19 6.52 -19.26 10.49
C SER D 19 6.94 -19.52 11.94
N ASN D 20 6.31 -20.52 12.54
CA ASN D 20 6.63 -20.88 13.92
C ASN D 20 7.59 -22.05 13.82
N LEU D 21 8.87 -21.81 14.12
CA LEU D 21 9.85 -22.89 14.04
C LEU D 21 9.95 -23.61 15.39
N ASN D 22 8.84 -24.21 15.81
CA ASN D 22 8.75 -24.92 17.09
C ASN D 22 9.70 -26.10 17.23
N ARG D 23 9.81 -26.92 16.19
CA ARG D 23 10.72 -28.08 16.23
C ARG D 23 12.18 -27.66 16.43
N LEU D 24 12.60 -26.63 15.69
CA LEU D 24 13.97 -26.14 15.79
C LEU D 24 14.22 -25.58 17.18
N SER D 25 13.20 -24.94 17.73
CA SER D 25 13.31 -24.37 19.07
C SER D 25 13.50 -25.50 20.09
N GLN D 26 12.72 -26.57 19.98
CA GLN D 26 12.81 -27.71 20.87
C GLN D 26 14.17 -28.39 20.75
N HIS D 27 14.63 -28.53 19.51
CA HIS D 27 15.90 -29.17 19.21
C HIS D 27 17.07 -28.40 19.80
N LEU D 28 16.93 -27.09 19.94
CA LEU D 28 18.00 -26.28 20.48
C LEU D 28 17.90 -26.05 21.98
N GLY D 29 17.29 -27.00 22.69
CA GLY D 29 17.17 -26.89 24.14
C GLY D 29 15.98 -26.12 24.68
N SER D 30 15.10 -25.69 23.77
CA SER D 30 13.91 -24.95 24.16
C SER D 30 14.27 -23.69 24.93
N LYS D 31 15.40 -23.08 24.62
CA LYS D 31 15.83 -21.87 25.31
C LYS D 31 15.09 -20.63 24.81
N VAL D 32 14.68 -20.64 23.55
CA VAL D 32 13.96 -19.52 22.98
C VAL D 32 12.92 -19.99 21.98
N ASN D 33 11.96 -19.13 21.66
CA ASN D 33 10.92 -19.47 20.69
C ASN D 33 11.32 -18.80 19.38
N VAL D 34 11.77 -19.62 18.43
CA VAL D 34 12.19 -19.11 17.13
C VAL D 34 11.05 -18.97 16.14
N TYR D 35 10.95 -17.79 15.54
CA TYR D 35 9.96 -17.51 14.51
C TYR D 35 10.78 -17.01 13.31
N ALA D 36 10.22 -17.14 12.12
CA ALA D 36 10.92 -16.72 10.91
C ALA D 36 10.00 -15.94 9.95
N LYS D 37 10.33 -14.68 9.69
CA LYS D 37 9.51 -13.91 8.76
C LYS D 37 10.04 -14.32 7.37
N ARG D 38 9.14 -14.81 6.52
CA ARG D 38 9.50 -15.30 5.20
C ARG D 38 9.53 -14.34 4.02
N GLU D 39 10.60 -13.57 3.92
CA GLU D 39 10.75 -12.66 2.79
C GLU D 39 10.93 -13.57 1.56
N ASP D 40 11.29 -14.82 1.81
CA ASP D 40 11.52 -15.80 0.74
C ASP D 40 10.23 -16.39 0.18
N CYS D 41 9.09 -15.95 0.70
CA CYS D 41 7.78 -16.45 0.22
C CYS D 41 6.86 -15.26 -0.03
N ASN D 42 7.45 -14.14 -0.41
CA ASN D 42 6.68 -12.91 -0.63
C ASN D 42 6.17 -12.62 -2.01
N SER D 43 6.56 -13.40 -3.01
CA SER D 43 6.16 -13.08 -4.38
C SER D 43 6.23 -14.21 -5.42
N GLY D 44 5.46 -14.06 -6.50
CA GLY D 44 5.46 -15.03 -7.57
C GLY D 44 6.53 -14.71 -8.62
N LEU D 45 7.30 -13.65 -8.38
CA LEU D 45 8.37 -13.25 -9.30
C LEU D 45 9.71 -13.93 -8.99
N ALA D 46 10.04 -14.93 -9.78
CA ALA D 46 11.30 -15.64 -9.67
C ALA D 46 11.81 -15.96 -8.26
N PHE D 47 10.90 -16.52 -7.44
CA PHE D 47 11.15 -16.92 -6.05
C PHE D 47 11.10 -15.83 -4.99
N GLY D 48 10.97 -14.58 -5.39
CA GLY D 48 10.92 -13.50 -4.41
C GLY D 48 12.15 -13.41 -3.53
N GLY D 49 12.08 -12.57 -2.50
CA GLY D 49 13.22 -12.42 -1.63
C GLY D 49 13.29 -10.98 -1.25
N ASN D 50 14.24 -10.62 -0.39
CA ASN D 50 14.35 -9.25 0.09
C ASN D 50 14.53 -8.12 -0.93
N THR D 51 15.23 -8.39 -2.03
CA THR D 51 15.46 -7.32 -2.99
C THR D 51 14.12 -6.82 -3.53
N LEU D 52 13.17 -7.72 -3.66
CA LEU D 52 11.84 -7.36 -4.13
C LEU D 52 11.20 -6.33 -3.22
N ARG D 53 11.37 -6.49 -1.91
CA ARG D 53 10.77 -5.54 -0.98
C ARG D 53 11.41 -4.15 -1.17
N LYS D 54 12.71 -4.12 -1.41
CA LYS D 54 13.39 -2.85 -1.63
C LYS D 54 12.90 -2.20 -2.92
N LEU D 55 12.79 -2.98 -3.99
CA LEU D 55 12.39 -2.45 -5.30
C LEU D 55 11.02 -1.81 -5.35
N GLU D 56 10.11 -2.24 -4.47
CA GLU D 56 8.76 -1.68 -4.47
C GLU D 56 8.75 -0.17 -4.34
N TYR D 57 9.74 0.41 -3.67
CA TYR D 57 9.80 1.87 -3.51
C TYR D 57 10.70 2.56 -4.55
N ILE D 58 11.35 1.76 -5.40
CA ILE D 58 12.21 2.31 -6.45
C ILE D 58 11.49 2.27 -7.80
N VAL D 59 10.68 1.24 -8.02
CA VAL D 59 9.95 1.12 -9.28
C VAL D 59 9.18 2.37 -9.73
N PRO D 60 8.47 3.06 -8.81
CA PRO D 60 7.73 4.27 -9.20
C PRO D 60 8.57 5.30 -9.96
N ASP D 61 9.84 5.41 -9.61
CA ASP D 61 10.74 6.36 -10.26
C ASP D 61 11.11 5.83 -11.66
N ILE D 62 11.36 4.53 -11.75
CA ILE D 62 11.72 3.87 -13.00
C ILE D 62 10.64 4.10 -14.06
N VAL D 63 9.40 3.84 -13.68
CA VAL D 63 8.25 3.98 -14.57
C VAL D 63 7.90 5.43 -14.91
N GLU D 64 7.90 6.29 -13.90
CA GLU D 64 7.56 7.70 -14.09
C GLU D 64 8.52 8.42 -15.04
N GLY D 65 9.78 7.99 -15.09
CA GLY D 65 10.74 8.64 -15.95
C GLY D 65 10.99 7.93 -17.26
N ASP D 66 10.16 6.93 -17.55
CA ASP D 66 10.28 6.13 -18.76
C ASP D 66 11.70 5.71 -19.13
N TYR D 67 12.31 4.85 -18.31
CA TYR D 67 13.66 4.37 -18.58
C TYR D 67 13.58 3.15 -19.49
N THR D 68 14.62 2.93 -20.29
CA THR D 68 14.62 1.80 -21.21
C THR D 68 15.27 0.54 -20.65
N HIS D 69 16.28 0.71 -19.79
CA HIS D 69 17.01 -0.43 -19.23
C HIS D 69 17.23 -0.36 -17.72
N LEU D 70 17.16 -1.52 -17.07
CA LEU D 70 17.43 -1.61 -15.65
C LEU D 70 18.85 -2.17 -15.58
N VAL D 71 19.73 -1.47 -14.88
CA VAL D 71 21.11 -1.93 -14.76
C VAL D 71 21.45 -2.27 -13.33
N SER D 72 22.00 -3.45 -13.12
CA SER D 72 22.37 -3.86 -11.79
C SER D 72 23.66 -4.66 -11.78
N ILE D 73 24.18 -4.90 -10.58
CA ILE D 73 25.43 -5.61 -10.40
C ILE D 73 25.42 -6.47 -9.15
N GLY D 74 26.25 -7.51 -9.16
CA GLY D 74 26.35 -8.41 -8.02
C GLY D 74 27.35 -9.50 -8.34
N GLY D 75 27.43 -10.51 -7.47
CA GLY D 75 28.34 -11.61 -7.68
C GLY D 75 27.73 -12.55 -8.70
N ARG D 76 28.43 -13.63 -9.03
CA ARG D 76 27.91 -14.56 -9.99
C ARG D 76 26.57 -15.16 -9.54
N GLN D 77 26.40 -15.37 -8.24
CA GLN D 77 25.15 -15.93 -7.73
C GLN D 77 24.27 -14.94 -6.96
N SER D 78 24.32 -13.66 -7.32
CA SER D 78 23.49 -12.66 -6.66
C SER D 78 22.02 -12.96 -6.78
N ASN D 79 21.30 -12.65 -5.71
CA ASN D 79 19.87 -12.84 -5.68
C ASN D 79 19.28 -11.57 -6.27
N GLN D 80 19.94 -10.45 -5.98
CA GLN D 80 19.48 -9.16 -6.47
C GLN D 80 19.44 -9.03 -7.98
N THR D 81 20.48 -9.50 -8.66
CA THR D 81 20.48 -9.37 -10.11
C THR D 81 19.33 -10.21 -10.67
N ARG D 82 19.13 -11.38 -10.09
CA ARG D 82 18.08 -12.29 -10.50
C ARG D 82 16.71 -11.64 -10.31
N MET D 83 16.50 -10.92 -9.20
CA MET D 83 15.22 -10.27 -8.97
C MET D 83 15.10 -9.01 -9.83
N VAL D 84 16.22 -8.43 -10.23
CA VAL D 84 16.14 -7.26 -11.12
C VAL D 84 15.73 -7.75 -12.52
N ALA D 85 16.18 -8.94 -12.88
CA ALA D 85 15.82 -9.49 -14.18
C ALA D 85 14.31 -9.68 -14.21
N ALA D 86 13.74 -10.17 -13.09
CA ALA D 86 12.29 -10.40 -12.98
C ALA D 86 11.53 -9.09 -13.04
N LEU D 87 12.05 -8.06 -12.38
CA LEU D 87 11.39 -6.77 -12.44
C LEU D 87 11.39 -6.20 -13.88
N ALA D 88 12.54 -6.24 -14.55
CA ALA D 88 12.63 -5.73 -15.93
C ALA D 88 11.57 -6.42 -16.80
N ALA D 89 11.48 -7.74 -16.65
CA ALA D 89 10.52 -8.54 -17.38
C ALA D 89 9.10 -8.06 -17.07
N LYS D 90 8.80 -7.92 -15.78
CA LYS D 90 7.50 -7.48 -15.31
C LYS D 90 7.13 -6.08 -15.81
N LEU D 91 8.12 -5.20 -15.91
CA LEU D 91 7.88 -3.85 -16.36
C LEU D 91 7.99 -3.71 -17.88
N GLY D 92 8.40 -4.77 -18.57
CA GLY D 92 8.55 -4.69 -20.01
C GLY D 92 9.75 -3.84 -20.42
N LYS D 93 10.84 -3.96 -19.67
CA LYS D 93 12.02 -3.18 -19.98
C LYS D 93 13.21 -4.08 -20.18
N LYS D 94 14.29 -3.52 -20.73
CA LYS D 94 15.48 -4.31 -20.97
C LYS D 94 16.32 -4.33 -19.73
N CYS D 95 17.24 -5.28 -19.68
CA CYS D 95 18.04 -5.44 -18.49
C CYS D 95 19.49 -5.82 -18.73
N VAL D 96 20.40 -5.10 -18.08
CA VAL D 96 21.82 -5.38 -18.16
C VAL D 96 22.31 -5.76 -16.77
N LEU D 97 22.89 -6.95 -16.64
CA LEU D 97 23.37 -7.43 -15.34
C LEU D 97 24.88 -7.70 -15.36
N ILE D 98 25.60 -7.06 -14.44
CA ILE D 98 27.03 -7.23 -14.32
C ILE D 98 27.27 -8.16 -13.15
N GLN D 99 27.82 -9.33 -13.44
CA GLN D 99 28.08 -10.31 -12.40
C GLN D 99 29.59 -10.34 -12.15
N GLU D 100 30.04 -9.60 -11.15
CA GLU D 100 31.46 -9.56 -10.82
C GLU D 100 31.91 -10.85 -10.15
N ASP D 101 33.22 -11.01 -10.04
CA ASP D 101 33.84 -12.19 -9.43
C ASP D 101 34.06 -11.95 -7.93
N TRP D 102 32.97 -11.84 -7.17
CA TRP D 102 33.04 -11.57 -5.74
C TRP D 102 33.35 -12.75 -4.83
N VAL D 103 33.29 -13.96 -5.37
CA VAL D 103 33.52 -15.14 -4.54
C VAL D 103 34.56 -16.11 -5.08
N PRO D 104 35.53 -16.50 -4.24
CA PRO D 104 36.53 -17.45 -4.73
C PRO D 104 35.77 -18.76 -4.89
N ILE D 105 35.45 -19.10 -6.14
CA ILE D 105 34.70 -20.31 -6.45
C ILE D 105 35.29 -21.61 -5.93
N PRO D 106 34.50 -22.40 -5.18
CA PRO D 106 34.99 -23.68 -4.66
C PRO D 106 35.36 -24.59 -5.83
N GLU D 107 36.59 -25.10 -5.81
CA GLU D 107 37.09 -25.97 -6.86
C GLU D 107 36.07 -26.97 -7.40
N ALA D 108 35.32 -27.60 -6.50
CA ALA D 108 34.33 -28.60 -6.88
C ALA D 108 33.10 -28.00 -7.57
N GLU D 109 33.03 -26.67 -7.61
CA GLU D 109 31.89 -26.00 -8.22
C GLU D 109 32.26 -25.19 -9.46
N LYS D 110 33.54 -25.19 -9.83
CA LYS D 110 33.99 -24.41 -10.97
C LYS D 110 33.19 -24.59 -12.27
N ASP D 111 32.79 -25.81 -12.60
CA ASP D 111 32.02 -26.02 -13.84
C ASP D 111 30.51 -25.90 -13.64
N VAL D 112 30.07 -25.12 -12.66
CA VAL D 112 28.65 -24.98 -12.38
C VAL D 112 28.30 -23.63 -11.79
N TYR D 113 29.23 -23.07 -11.02
CA TYR D 113 29.03 -21.80 -10.34
C TYR D 113 28.56 -20.65 -11.22
N ASN D 114 29.03 -20.62 -12.47
CA ASN D 114 28.63 -19.55 -13.37
C ASN D 114 27.53 -19.95 -14.33
N ARG D 115 26.98 -21.15 -14.16
CA ARG D 115 25.91 -21.67 -15.03
C ARG D 115 24.56 -21.89 -14.34
N VAL D 116 24.54 -22.50 -13.17
CA VAL D 116 23.29 -22.78 -12.48
C VAL D 116 22.85 -21.71 -11.50
N GLY D 117 21.88 -22.06 -10.65
CA GLY D 117 21.40 -21.14 -9.64
C GLY D 117 20.77 -19.86 -10.17
N ASN D 118 21.10 -18.75 -9.52
CA ASN D 118 20.54 -17.47 -9.89
C ASN D 118 20.89 -16.94 -11.28
N ILE D 119 22.15 -17.07 -11.70
CA ILE D 119 22.57 -16.53 -12.99
C ILE D 119 21.79 -17.20 -14.13
N GLU D 120 21.50 -18.49 -13.99
CA GLU D 120 20.73 -19.20 -14.99
C GLU D 120 19.32 -18.60 -15.14
N LEU D 121 18.73 -18.25 -14.01
CA LEU D 121 17.39 -17.70 -13.99
C LEU D 121 17.32 -16.34 -14.68
N SER D 122 18.33 -15.50 -14.44
CA SER D 122 18.34 -14.18 -15.07
C SER D 122 18.41 -14.35 -16.59
N ARG D 123 19.21 -15.31 -17.04
CA ARG D 123 19.34 -15.57 -18.46
C ARG D 123 17.98 -16.00 -19.00
N ILE D 124 17.36 -16.97 -18.33
CA ILE D 124 16.05 -17.45 -18.74
C ILE D 124 15.07 -16.30 -18.88
N MET D 125 15.22 -15.29 -18.05
CA MET D 125 14.33 -14.15 -18.11
C MET D 125 14.74 -13.10 -19.14
N GLY D 126 15.69 -13.47 -20.02
CA GLY D 126 16.13 -12.58 -21.09
C GLY D 126 17.03 -11.40 -20.75
N ALA D 127 17.68 -11.44 -19.60
CA ALA D 127 18.55 -10.34 -19.24
C ALA D 127 19.87 -10.44 -19.98
N ASP D 128 20.49 -9.31 -20.25
CA ASP D 128 21.80 -9.31 -20.91
C ASP D 128 22.82 -9.49 -19.78
N VAL D 129 23.25 -10.73 -19.57
CA VAL D 129 24.18 -11.04 -18.50
C VAL D 129 25.66 -11.06 -18.89
N ARG D 130 26.48 -10.29 -18.16
CA ARG D 130 27.91 -10.27 -18.45
C ARG D 130 28.76 -10.73 -17.27
N VAL D 131 29.50 -11.81 -17.48
CA VAL D 131 30.37 -12.37 -16.46
C VAL D 131 31.74 -11.70 -16.49
N ILE D 132 31.95 -10.75 -15.58
CA ILE D 132 33.21 -10.02 -15.49
C ILE D 132 34.11 -10.56 -14.38
N GLU D 133 35.18 -9.84 -14.04
CA GLU D 133 36.08 -10.31 -12.98
C GLU D 133 36.69 -9.27 -12.04
N ASP D 134 35.83 -8.58 -11.30
CA ASP D 134 36.28 -7.59 -10.33
C ASP D 134 36.07 -8.20 -8.93
N GLY D 135 36.81 -7.72 -7.94
CA GLY D 135 36.68 -8.27 -6.60
C GLY D 135 35.44 -7.84 -5.83
N PHE D 136 35.18 -8.52 -4.71
CA PHE D 136 34.02 -8.19 -3.88
C PHE D 136 34.16 -6.81 -3.25
N ASP D 137 33.03 -6.14 -3.10
CA ASP D 137 32.99 -4.82 -2.50
C ASP D 137 31.55 -4.34 -2.45
N ILE D 138 31.13 -3.83 -1.29
CA ILE D 138 29.77 -3.34 -1.11
C ILE D 138 29.61 -1.90 -1.58
N GLY D 139 30.72 -1.26 -1.93
CA GLY D 139 30.69 0.12 -2.40
C GLY D 139 30.52 0.25 -3.91
N MET D 140 30.22 1.45 -4.37
CA MET D 140 30.02 1.71 -5.80
C MET D 140 31.17 1.12 -6.64
N ARG D 141 30.82 0.56 -7.80
CA ARG D 141 31.81 -0.05 -8.67
C ARG D 141 31.97 0.71 -9.98
N LYS D 142 33.12 0.51 -10.65
CA LYS D 142 33.39 1.17 -11.92
C LYS D 142 32.82 0.42 -13.11
N SER D 143 32.78 -0.91 -13.03
CA SER D 143 32.23 -1.71 -14.10
C SER D 143 30.76 -1.34 -14.25
N PHE D 144 30.15 -0.98 -13.12
CA PHE D 144 28.75 -0.56 -13.06
C PHE D 144 28.65 0.76 -13.84
N ALA D 145 29.47 1.73 -13.45
CA ALA D 145 29.47 3.02 -14.12
C ALA D 145 29.77 2.87 -15.62
N ASN D 146 30.72 2.00 -15.97
CA ASN D 146 31.09 1.76 -17.37
C ASN D 146 29.83 1.35 -18.11
N ALA D 147 29.13 0.35 -17.58
CA ALA D 147 27.91 -0.16 -18.18
C ALA D 147 26.91 0.95 -18.45
N LEU D 148 26.66 1.79 -17.44
CA LEU D 148 25.72 2.89 -17.60
C LEU D 148 26.15 3.81 -18.74
N GLN D 149 27.44 4.15 -18.76
CA GLN D 149 27.98 5.03 -19.80
C GLN D 149 27.76 4.40 -21.17
N GLU D 150 28.09 3.12 -21.30
CA GLU D 150 27.90 2.41 -22.56
C GLU D 150 26.48 2.56 -23.08
N LEU D 151 25.51 2.15 -22.27
CA LEU D 151 24.10 2.23 -22.63
C LEU D 151 23.72 3.68 -22.94
N GLU D 152 24.28 4.61 -22.16
CA GLU D 152 24.00 6.02 -22.32
C GLU D 152 24.57 6.56 -23.64
N ASP D 153 25.80 6.18 -23.97
CA ASP D 153 26.42 6.62 -25.21
C ASP D 153 25.67 6.12 -26.43
N ALA D 154 25.05 4.96 -26.31
CA ALA D 154 24.29 4.37 -27.40
C ALA D 154 22.93 5.05 -27.55
N GLY D 155 22.65 6.02 -26.68
CA GLY D 155 21.37 6.71 -26.74
C GLY D 155 20.23 6.11 -25.93
N HIS D 156 20.55 5.25 -24.98
CA HIS D 156 19.52 4.62 -24.15
C HIS D 156 19.34 5.37 -22.83
N LYS D 157 18.37 4.96 -22.04
CA LYS D 157 18.14 5.60 -20.75
C LYS D 157 18.17 4.53 -19.66
N PRO D 158 19.37 4.12 -19.24
CA PRO D 158 19.55 3.10 -18.21
C PRO D 158 19.17 3.62 -16.83
N TYR D 159 18.57 2.75 -16.02
CA TYR D 159 18.18 3.10 -14.66
C TYR D 159 19.13 2.34 -13.75
N PRO D 160 19.97 3.07 -12.99
CA PRO D 160 20.92 2.43 -12.09
C PRO D 160 20.35 1.84 -10.80
N ILE D 161 20.67 0.56 -10.57
CA ILE D 161 20.25 -0.16 -9.37
C ILE D 161 21.53 -0.79 -8.81
N PRO D 162 22.30 -0.03 -8.03
CA PRO D 162 23.57 -0.47 -7.43
C PRO D 162 23.44 -1.70 -6.53
N ALA D 163 24.58 -2.25 -6.12
CA ALA D 163 24.60 -3.45 -5.28
C ALA D 163 23.71 -3.36 -4.04
N GLY D 164 22.85 -4.36 -3.88
CA GLY D 164 21.94 -4.40 -2.76
C GLY D 164 20.98 -3.21 -2.69
N CYS D 165 21.06 -2.31 -3.67
CA CYS D 165 20.23 -1.11 -3.70
C CYS D 165 20.69 -0.25 -2.54
N SER D 166 21.77 -0.68 -1.89
CA SER D 166 22.29 0.02 -0.72
C SER D 166 22.79 1.44 -0.95
N GLU D 167 23.33 1.71 -2.14
CA GLU D 167 23.80 3.07 -2.40
C GLU D 167 22.66 3.85 -3.04
N HIS D 168 21.54 3.17 -3.29
CA HIS D 168 20.40 3.85 -3.89
C HIS D 168 19.70 4.68 -2.83
N LYS D 169 19.28 5.87 -3.21
CA LYS D 169 18.60 6.79 -2.31
C LYS D 169 17.47 6.16 -1.49
N TYR D 170 16.71 5.26 -2.11
CA TYR D 170 15.58 4.60 -1.45
C TYR D 170 15.87 3.17 -1.03
N GLY D 171 17.13 2.79 -0.98
CA GLY D 171 17.47 1.43 -0.62
C GLY D 171 16.93 0.90 0.70
N GLY D 172 16.75 1.77 1.67
CA GLY D 172 16.28 1.33 2.97
C GLY D 172 14.79 1.45 3.22
N LEU D 173 14.09 2.19 2.38
CA LEU D 173 12.66 2.38 2.55
C LEU D 173 11.86 1.09 2.70
N GLY D 174 12.12 0.13 1.81
CA GLY D 174 11.41 -1.13 1.85
C GLY D 174 11.37 -1.79 3.21
N PHE D 175 12.53 -1.92 3.85
CA PHE D 175 12.54 -2.57 5.14
C PHE D 175 12.09 -1.72 6.32
N VAL D 176 11.70 -0.48 6.06
CA VAL D 176 11.14 0.36 7.10
C VAL D 176 9.72 -0.21 7.15
N GLY D 177 9.18 -0.48 5.95
CA GLY D 177 7.85 -1.04 5.83
C GLY D 177 7.80 -2.41 6.48
N PHE D 178 8.91 -3.14 6.39
CA PHE D 178 9.04 -4.46 6.99
C PHE D 178 8.77 -4.37 8.52
N ALA D 179 9.32 -3.34 9.15
CA ALA D 179 9.13 -3.12 10.58
C ALA D 179 7.64 -2.87 10.86
N ASP D 180 7.03 -1.99 10.08
CA ASP D 180 5.61 -1.67 10.23
C ASP D 180 4.81 -2.98 10.19
N GLU D 181 5.20 -3.89 9.32
CA GLU D 181 4.52 -5.16 9.20
C GLU D 181 4.68 -5.99 10.48
N VAL D 182 5.90 -6.06 10.98
CA VAL D 182 6.18 -6.84 12.19
C VAL D 182 5.26 -6.37 13.33
N ILE D 183 5.27 -5.07 13.60
CA ILE D 183 4.42 -4.51 14.66
C ILE D 183 2.97 -4.93 14.49
N ASN D 184 2.47 -4.89 13.26
CA ASN D 184 1.09 -5.29 13.02
C ASN D 184 0.87 -6.78 13.24
N GLN D 185 1.82 -7.59 12.77
CA GLN D 185 1.70 -9.04 12.91
C GLN D 185 1.86 -9.50 14.36
N GLU D 186 2.55 -8.71 15.17
CA GLU D 186 2.69 -9.04 16.58
C GLU D 186 1.30 -9.02 17.20
N VAL D 187 0.53 -7.98 16.87
CA VAL D 187 -0.83 -7.86 17.39
C VAL D 187 -1.72 -8.98 16.82
N GLU D 188 -1.61 -9.25 15.52
CA GLU D 188 -2.39 -10.34 14.90
C GLU D 188 -2.07 -11.72 15.49
N LEU D 189 -0.78 -12.01 15.66
CA LEU D 189 -0.35 -13.31 16.18
C LEU D 189 -0.41 -13.44 17.71
N GLY D 190 -0.42 -12.31 18.40
CA GLY D 190 -0.45 -12.33 19.85
C GLY D 190 0.92 -12.76 20.35
N ILE D 191 1.96 -12.27 19.67
CA ILE D 191 3.34 -12.61 20.00
C ILE D 191 4.22 -11.37 19.84
N LYS D 192 4.90 -10.97 20.89
CA LYS D 192 5.77 -9.81 20.83
C LYS D 192 7.19 -10.32 20.63
N PHE D 193 7.86 -9.88 19.57
CA PHE D 193 9.23 -10.33 19.34
C PHE D 193 10.21 -9.48 20.11
N ASP D 194 11.08 -10.14 20.88
CA ASP D 194 12.07 -9.45 21.69
C ASP D 194 13.29 -9.07 20.87
N LYS D 195 13.61 -9.91 19.89
CA LYS D 195 14.77 -9.67 19.02
C LYS D 195 14.49 -10.11 17.59
N ILE D 196 15.12 -9.40 16.65
CA ILE D 196 15.02 -9.68 15.22
C ILE D 196 16.46 -9.98 14.78
N VAL D 197 16.66 -11.16 14.20
CA VAL D 197 17.98 -11.58 13.74
C VAL D 197 17.95 -11.65 12.22
N VAL D 198 18.85 -10.92 11.57
CA VAL D 198 18.89 -10.86 10.11
C VAL D 198 20.31 -10.79 9.56
N CYS D 199 20.50 -11.35 8.37
CA CYS D 199 21.80 -11.34 7.70
C CYS D 199 22.12 -9.93 7.23
N CYS D 200 23.40 -9.56 7.22
CA CYS D 200 23.83 -8.24 6.79
C CYS D 200 25.06 -8.32 5.88
N VAL D 201 25.01 -7.66 4.73
CA VAL D 201 26.13 -7.63 3.80
C VAL D 201 26.30 -6.23 3.19
N THR D 202 25.35 -5.78 2.37
CA THR D 202 25.48 -4.42 1.83
C THR D 202 24.83 -3.40 2.77
N GLY D 203 24.08 -3.91 3.76
CA GLY D 203 23.48 -3.06 4.77
C GLY D 203 22.14 -2.38 4.59
N SER D 204 21.54 -2.50 3.40
CA SER D 204 20.27 -1.86 3.13
C SER D 204 19.08 -2.50 3.87
N THR D 205 19.11 -3.81 4.02
CA THR D 205 18.04 -4.51 4.72
C THR D 205 18.06 -4.14 6.21
N THR D 206 19.22 -4.33 6.83
CA THR D 206 19.41 -4.01 8.25
C THR D 206 19.07 -2.56 8.55
N ALA D 207 19.66 -1.63 7.79
CA ALA D 207 19.41 -0.20 7.98
C ALA D 207 17.93 0.10 7.88
N GLY D 208 17.23 -0.59 6.98
CA GLY D 208 15.81 -0.37 6.85
C GLY D 208 15.06 -0.83 8.09
N ILE D 209 15.42 -2.02 8.59
CA ILE D 209 14.76 -2.56 9.77
C ILE D 209 15.07 -1.66 10.98
N LEU D 210 16.32 -1.19 11.06
CA LEU D 210 16.75 -0.32 12.15
C LEU D 210 15.94 0.98 12.19
N ALA D 211 15.84 1.66 11.06
CA ALA D 211 15.10 2.91 10.98
C ALA D 211 13.60 2.66 11.21
N GLY D 212 13.12 1.53 10.71
CA GLY D 212 11.72 1.21 10.90
C GLY D 212 11.40 0.94 12.36
N MET D 213 12.19 0.07 12.99
CA MET D 213 11.96 -0.25 14.39
C MET D 213 12.13 0.99 15.26
N ALA D 214 12.99 1.91 14.83
CA ALA D 214 13.22 3.13 15.59
C ALA D 214 11.96 3.99 15.67
N GLN D 215 11.04 3.80 14.72
CA GLN D 215 9.79 4.57 14.76
C GLN D 215 9.07 4.24 16.06
N TYR D 216 9.23 3.00 16.50
CA TYR D 216 8.59 2.51 17.72
C TYR D 216 9.59 2.40 18.86
N GLY D 217 10.76 3.02 18.70
CA GLY D 217 11.79 2.96 19.73
C GLY D 217 12.36 1.58 20.00
N ARG D 218 12.29 0.68 19.03
CA ARG D 218 12.81 -0.66 19.21
C ARG D 218 14.06 -1.00 18.38
N GLN D 219 14.85 -0.02 17.98
CA GLN D 219 16.03 -0.32 17.19
C GLN D 219 16.96 -1.34 17.83
N ASP D 220 17.04 -1.33 19.17
CA ASP D 220 17.91 -2.26 19.91
C ASP D 220 17.46 -3.72 19.84
N ASP D 221 16.30 -3.97 19.23
CA ASP D 221 15.78 -5.32 19.08
C ASP D 221 16.52 -6.03 17.94
N VAL D 222 17.13 -5.22 17.08
CA VAL D 222 17.83 -5.71 15.89
C VAL D 222 19.23 -6.27 16.09
N ILE D 223 19.40 -7.53 15.72
CA ILE D 223 20.69 -8.20 15.81
C ILE D 223 21.09 -8.57 14.37
N ALA D 224 22.17 -7.98 13.87
CA ALA D 224 22.62 -8.29 12.52
C ALA D 224 23.81 -9.25 12.53
N ILE D 225 23.74 -10.28 11.70
CA ILE D 225 24.83 -11.23 11.60
C ILE D 225 25.57 -10.92 10.30
N ASP D 226 26.85 -10.58 10.41
CA ASP D 226 27.64 -10.24 9.23
C ASP D 226 27.94 -11.44 8.35
N ALA D 227 27.85 -11.24 7.04
CA ALA D 227 28.14 -12.30 6.09
C ALA D 227 29.13 -11.80 5.02
N SER D 228 29.58 -10.55 5.17
CA SER D 228 30.50 -9.96 4.21
C SER D 228 31.95 -10.29 4.51
N PHE D 229 32.27 -10.31 5.79
CA PHE D 229 33.61 -10.58 6.29
C PHE D 229 34.50 -9.38 6.01
N THR D 230 33.88 -8.19 6.00
CA THR D 230 34.53 -6.90 5.85
C THR D 230 33.75 -6.02 6.81
N SER D 231 33.61 -6.55 8.02
CA SER D 231 32.88 -5.95 9.13
C SER D 231 32.96 -4.43 9.29
N GLU D 232 34.14 -3.86 9.20
CA GLU D 232 34.27 -2.42 9.37
C GLU D 232 33.54 -1.58 8.32
N LYS D 233 33.78 -1.84 7.04
CA LYS D 233 33.11 -1.06 6.00
C LYS D 233 31.60 -1.31 6.03
N THR D 234 31.22 -2.55 6.33
CA THR D 234 29.82 -2.94 6.38
C THR D 234 29.03 -2.18 7.46
N LYS D 235 29.58 -2.12 8.68
CA LYS D 235 28.88 -1.41 9.75
C LYS D 235 28.78 0.06 9.43
N GLU D 236 29.87 0.62 8.91
CA GLU D 236 29.89 2.03 8.57
C GLU D 236 28.90 2.30 7.43
N GLN D 237 28.82 1.40 6.46
CA GLN D 237 27.88 1.61 5.36
C GLN D 237 26.44 1.48 5.88
N THR D 238 26.16 0.43 6.66
CA THR D 238 24.81 0.24 7.21
C THR D 238 24.38 1.47 8.00
N LEU D 239 25.28 1.96 8.85
CA LEU D 239 25.02 3.14 9.68
C LEU D 239 24.62 4.34 8.84
N ARG D 240 25.35 4.55 7.75
CA ARG D 240 25.08 5.67 6.87
C ARG D 240 23.67 5.56 6.27
N ILE D 241 23.32 4.38 5.79
CA ILE D 241 22.00 4.17 5.20
C ILE D 241 20.90 4.35 6.25
N ALA D 242 21.11 3.80 7.44
CA ALA D 242 20.12 3.92 8.52
C ALA D 242 19.83 5.39 8.83
N ASN D 243 20.87 6.21 8.84
CA ASN D 243 20.69 7.62 9.12
C ASN D 243 20.02 8.37 7.96
N ASN D 244 20.28 7.95 6.73
CA ASN D 244 19.66 8.61 5.58
C ASN D 244 18.17 8.24 5.52
N THR D 245 17.88 6.96 5.65
CA THR D 245 16.51 6.47 5.60
C THR D 245 15.67 7.08 6.72
N ALA D 246 16.27 7.17 7.91
CA ALA D 246 15.60 7.75 9.07
C ALA D 246 15.12 9.17 8.74
N LYS D 247 16.01 9.95 8.12
CA LYS D 247 15.66 11.32 7.75
C LYS D 247 14.54 11.31 6.74
N LEU D 248 14.61 10.40 5.78
CA LEU D 248 13.58 10.31 4.75
C LEU D 248 12.20 10.07 5.34
N ILE D 249 12.11 9.12 6.27
CA ILE D 249 10.82 8.78 6.86
C ILE D 249 10.38 9.68 8.02
N GLY D 250 11.28 10.52 8.53
CA GLY D 250 10.90 11.40 9.62
C GLY D 250 11.30 11.01 11.03
N VAL D 251 12.11 9.96 11.15
CA VAL D 251 12.57 9.52 12.45
C VAL D 251 13.71 10.43 12.89
N GLU D 252 13.55 11.03 14.07
CA GLU D 252 14.55 11.95 14.58
C GLU D 252 15.78 11.30 15.20
N HIS D 253 15.70 10.01 15.50
CA HIS D 253 16.80 9.26 16.10
C HIS D 253 18.06 9.19 15.24
N GLU D 254 19.23 9.32 15.88
CA GLU D 254 20.50 9.25 15.18
C GLU D 254 21.25 7.95 15.51
N PHE D 255 21.58 7.18 14.49
CA PHE D 255 22.30 5.93 14.70
C PHE D 255 23.81 6.06 14.79
N LYS D 256 24.35 5.76 15.97
CA LYS D 256 25.79 5.82 16.23
C LYS D 256 26.41 4.43 16.13
N ASP D 257 25.58 3.40 16.31
CA ASP D 257 26.06 2.03 16.24
C ASP D 257 24.88 1.09 16.25
N PHE D 258 25.14 -0.19 16.06
CA PHE D 258 24.11 -1.21 16.09
C PHE D 258 24.77 -2.56 16.33
N THR D 259 23.98 -3.57 16.68
CA THR D 259 24.53 -4.88 16.94
C THR D 259 24.88 -5.63 15.66
N LEU D 260 26.18 -5.82 15.43
CA LEU D 260 26.68 -6.54 14.26
C LEU D 260 27.62 -7.64 14.71
N ASP D 261 27.13 -8.88 14.73
CA ASP D 261 27.97 -10.00 15.14
C ASP D 261 28.81 -10.43 13.95
N THR D 262 30.11 -10.20 14.08
CA THR D 262 31.09 -10.48 13.04
C THR D 262 31.73 -11.85 13.08
N ARG D 263 31.29 -12.71 13.99
CA ARG D 263 31.89 -14.02 14.18
C ARG D 263 31.60 -15.17 13.20
N PHE D 264 30.68 -15.00 12.26
CA PHE D 264 30.37 -16.13 11.39
C PHE D 264 30.52 -15.92 9.89
N ALA D 265 31.03 -14.76 9.48
CA ALA D 265 31.22 -14.45 8.06
C ALA D 265 32.41 -15.18 7.43
N TYR D 266 33.37 -15.59 8.25
CA TYR D 266 34.57 -16.27 7.76
C TYR D 266 34.21 -17.53 6.97
N PRO D 267 35.10 -17.99 6.09
CA PRO D 267 36.43 -17.46 5.74
C PRO D 267 36.42 -16.33 4.71
N CYS D 268 35.28 -16.10 4.07
CA CYS D 268 35.19 -15.05 3.05
C CYS D 268 33.75 -14.91 2.57
N TYR D 269 33.41 -13.74 2.06
CA TYR D 269 32.06 -13.53 1.54
C TYR D 269 31.81 -14.62 0.51
N GLY D 270 30.61 -15.20 0.53
CA GLY D 270 30.28 -16.23 -0.44
C GLY D 270 30.79 -17.64 -0.20
N VAL D 271 31.59 -17.84 0.85
CA VAL D 271 32.11 -19.17 1.15
C VAL D 271 31.66 -19.59 2.55
N PRO D 272 31.00 -20.76 2.64
CA PRO D 272 30.51 -21.24 3.93
C PRO D 272 31.56 -21.98 4.75
N ASN D 273 31.56 -21.74 6.06
CA ASN D 273 32.50 -22.45 6.92
C ASN D 273 31.78 -23.72 7.39
N GLU D 274 32.45 -24.56 8.16
CA GLU D 274 31.81 -25.78 8.62
C GLU D 274 30.56 -25.49 9.46
N GLY D 275 30.61 -24.45 10.28
CA GLY D 275 29.45 -24.09 11.10
C GLY D 275 28.26 -23.66 10.24
N THR D 276 28.55 -23.09 9.07
CA THR D 276 27.48 -22.63 8.18
C THR D 276 26.72 -23.83 7.66
N ILE D 277 27.47 -24.83 7.20
CA ILE D 277 26.87 -26.04 6.68
C ILE D 277 26.06 -26.77 7.75
N GLU D 278 26.59 -26.82 8.97
CA GLU D 278 25.88 -27.50 10.05
C GLU D 278 24.57 -26.78 10.32
N ALA D 279 24.62 -25.45 10.29
CA ALA D 279 23.44 -24.63 10.54
C ALA D 279 22.37 -24.88 9.47
N ILE D 280 22.78 -24.95 8.21
CA ILE D 280 21.82 -25.18 7.11
C ILE D 280 21.17 -26.54 7.26
N ARG D 281 21.99 -27.53 7.56
CA ARG D 281 21.55 -28.91 7.76
C ARG D 281 20.55 -29.01 8.91
N THR D 282 20.89 -28.36 10.02
CA THR D 282 20.03 -28.40 11.20
C THR D 282 18.69 -27.76 10.95
N CYS D 283 18.69 -26.53 10.43
CA CYS D 283 17.43 -25.85 10.15
C CYS D 283 16.58 -26.69 9.21
N ALA D 284 17.20 -27.23 8.18
CA ALA D 284 16.48 -28.02 7.17
C ALA D 284 15.94 -29.35 7.72
N GLU D 285 16.76 -30.06 8.47
CA GLU D 285 16.34 -31.34 9.05
C GLU D 285 15.25 -31.19 10.10
N GLN D 286 15.17 -30.01 10.71
CA GLN D 286 14.19 -29.75 11.75
C GLN D 286 12.88 -29.10 11.33
N GLU D 287 12.95 -28.21 10.33
CA GLU D 287 11.77 -27.49 9.84
C GLU D 287 11.49 -27.60 8.35
N GLY D 288 12.33 -28.33 7.61
CA GLY D 288 12.10 -28.44 6.18
C GLY D 288 12.26 -27.08 5.51
N VAL D 289 13.00 -26.18 6.16
CA VAL D 289 13.24 -24.85 5.61
C VAL D 289 14.69 -24.77 5.09
N LEU D 290 14.85 -24.22 3.89
CA LEU D 290 16.16 -24.11 3.26
C LEU D 290 16.81 -22.74 3.40
N THR D 291 18.08 -22.73 3.77
CA THR D 291 18.85 -21.51 3.90
C THR D 291 20.09 -21.72 3.03
N ASP D 292 20.79 -20.64 2.67
CA ASP D 292 21.93 -20.78 1.76
C ASP D 292 23.32 -20.57 2.36
N PRO D 293 24.36 -21.09 1.67
CA PRO D 293 25.76 -20.98 2.12
C PRO D 293 26.35 -19.58 2.17
N VAL D 294 25.69 -18.63 1.53
CA VAL D 294 26.23 -17.29 1.47
C VAL D 294 25.63 -16.31 2.45
N TYR D 295 24.31 -16.33 2.57
CA TYR D 295 23.63 -15.42 3.46
C TYR D 295 22.87 -16.07 4.62
N GLU D 296 21.63 -16.47 4.37
CA GLU D 296 20.79 -17.04 5.42
C GLU D 296 21.43 -18.18 6.23
N GLY D 297 22.28 -18.96 5.59
CA GLY D 297 22.94 -20.05 6.30
C GLY D 297 23.84 -19.50 7.40
N LYS D 298 24.41 -18.32 7.16
CA LYS D 298 25.29 -17.72 8.14
C LYS D 298 24.51 -16.99 9.24
N SER D 299 23.38 -16.37 8.89
CA SER D 299 22.56 -15.70 9.89
C SER D 299 21.91 -16.79 10.76
N MET D 300 21.59 -17.94 10.15
CA MET D 300 20.99 -19.05 10.90
C MET D 300 22.04 -19.64 11.84
N GLN D 301 23.29 -19.66 11.38
CA GLN D 301 24.43 -20.18 12.15
C GLN D 301 24.68 -19.26 13.35
N GLY D 302 24.57 -17.96 13.12
CA GLY D 302 24.76 -17.01 14.20
C GLY D 302 23.64 -17.14 15.21
N LEU D 303 22.43 -17.39 14.71
CA LEU D 303 21.25 -17.55 15.56
C LEU D 303 21.47 -18.73 16.49
N ILE D 304 21.79 -19.86 15.90
CA ILE D 304 22.02 -21.10 16.63
C ILE D 304 23.09 -20.94 17.72
N ALA D 305 24.20 -20.29 17.39
CA ALA D 305 25.29 -20.08 18.33
C ALA D 305 24.87 -19.16 19.47
N LEU D 306 24.11 -18.12 19.14
CA LEU D 306 23.63 -17.18 20.15
C LEU D 306 22.70 -17.88 21.13
N ILE D 307 21.82 -18.73 20.63
CA ILE D 307 20.92 -19.46 21.50
C ILE D 307 21.74 -20.32 22.46
N LYS D 308 22.62 -21.14 21.88
CA LYS D 308 23.48 -22.02 22.66
C LYS D 308 24.18 -21.29 23.81
N GLU D 309 24.79 -20.14 23.52
CA GLU D 309 25.48 -19.37 24.54
C GLU D 309 24.55 -18.49 25.38
N ASP D 310 23.31 -18.95 25.51
CA ASP D 310 22.28 -18.25 26.29
C ASP D 310 22.35 -16.74 26.17
N TYR D 311 22.53 -16.26 24.94
CA TYR D 311 22.59 -14.83 24.69
C TYR D 311 21.21 -14.24 24.93
N PHE D 312 20.18 -15.05 24.74
CA PHE D 312 18.80 -14.59 24.90
C PHE D 312 18.16 -14.91 26.24
N LYS D 313 17.27 -14.04 26.69
CA LYS D 313 16.57 -14.24 27.94
C LYS D 313 15.70 -15.46 27.71
N PRO D 314 15.61 -16.36 28.70
CA PRO D 314 14.81 -17.57 28.65
C PRO D 314 13.41 -17.37 28.09
N GLY D 315 13.04 -18.20 27.12
CA GLY D 315 11.71 -18.10 26.54
C GLY D 315 11.51 -16.91 25.62
N ALA D 316 12.57 -16.16 25.35
CA ALA D 316 12.47 -14.99 24.46
C ALA D 316 11.92 -15.36 23.07
N ASN D 317 11.13 -14.47 22.49
CA ASN D 317 10.59 -14.69 21.15
C ASN D 317 11.55 -14.02 20.15
N VAL D 318 12.27 -14.84 19.40
CA VAL D 318 13.24 -14.32 18.43
C VAL D 318 12.74 -14.39 16.98
N LEU D 319 12.74 -13.26 16.29
CA LEU D 319 12.28 -13.27 14.91
C LEU D 319 13.44 -13.35 13.91
N TYR D 320 13.68 -14.56 13.40
CA TYR D 320 14.72 -14.76 12.39
C TYR D 320 14.12 -14.21 11.09
N VAL D 321 14.93 -13.50 10.31
CA VAL D 321 14.43 -12.95 9.05
C VAL D 321 15.00 -13.72 7.85
N HIS D 322 14.15 -14.46 7.17
CA HIS D 322 14.61 -15.21 6.00
C HIS D 322 14.51 -14.28 4.77
N LEU D 323 15.66 -13.79 4.33
CA LEU D 323 15.71 -12.87 3.19
C LEU D 323 15.66 -13.56 1.83
N GLY D 324 15.76 -14.88 1.81
CA GLY D 324 15.68 -15.63 0.58
C GLY D 324 16.90 -15.68 -0.33
N GLY D 325 17.55 -16.83 -0.40
CA GLY D 325 18.72 -16.97 -1.24
C GLY D 325 18.93 -18.43 -1.57
N ALA D 326 17.91 -19.23 -1.28
CA ALA D 326 17.93 -20.66 -1.53
C ALA D 326 18.16 -21.07 -2.99
N PRO D 327 17.79 -20.21 -3.96
CA PRO D 327 18.01 -20.61 -5.37
C PRO D 327 19.49 -20.79 -5.73
N ALA D 328 20.38 -20.22 -4.92
CA ALA D 328 21.81 -20.32 -5.17
C ALA D 328 22.38 -21.63 -4.66
N LEU D 329 21.58 -22.40 -3.92
CA LEU D 329 22.05 -23.66 -3.36
C LEU D 329 22.66 -24.61 -4.37
N SER D 330 22.10 -24.63 -5.59
CA SER D 330 22.60 -25.53 -6.64
C SER D 330 24.06 -25.28 -7.01
N ALA D 331 24.54 -24.07 -6.76
CA ALA D 331 25.92 -23.74 -7.05
C ALA D 331 26.84 -24.26 -5.93
N TYR D 332 26.25 -24.91 -4.92
CA TYR D 332 27.01 -25.43 -3.77
C TYR D 332 26.68 -26.87 -3.35
N SER D 333 26.22 -27.70 -4.29
CA SER D 333 25.85 -29.08 -3.95
C SER D 333 26.96 -29.92 -3.29
N SER D 334 28.22 -29.63 -3.60
CA SER D 334 29.32 -30.41 -3.04
C SER D 334 29.43 -30.30 -1.52
N PHE D 335 28.87 -29.26 -0.93
CA PHE D 335 28.93 -29.12 0.52
C PHE D 335 27.89 -29.96 1.27
N PHE D 336 26.99 -30.61 0.55
CA PHE D 336 25.98 -31.40 1.23
C PHE D 336 25.85 -32.87 0.84
N PRO D 337 26.81 -33.69 1.28
CA PRO D 337 26.77 -35.13 0.96
C PRO D 337 25.47 -35.71 1.56
N THR D 338 25.05 -36.88 1.08
CA THR D 338 23.85 -37.46 1.66
C THR D 338 24.20 -37.76 3.11
N LYS D 339 23.23 -37.59 4.01
CA LYS D 339 23.46 -37.86 5.41
C LYS D 339 23.40 -39.37 5.61
N THR D 340 24.34 -39.92 6.37
CA THR D 340 24.39 -41.37 6.61
C THR D 340 23.08 -41.89 7.21
N ALA D 341 22.63 -43.03 6.71
CA ALA D 341 21.40 -43.66 7.19
C ALA D 341 21.35 -43.70 8.70
C4 5PA E . -4.36 35.00 2.13
C4A 5PA E . -4.64 35.90 3.36
P 5PA E . -0.06 37.31 2.07
O1P 5PA E . 0.91 37.37 0.97
O2P 5PA E . 0.53 36.86 3.46
O3P 5PA E . -0.88 38.49 2.29
O4P 5PA E . -1.04 36.15 1.79
C5A 5PA E . -2.34 36.40 1.34
C5 5PA E . -3.29 35.25 1.21
N1 5PA E . -3.93 33.35 -0.04
C6 5PA E . -3.10 34.42 0.14
C2 5PA E . -4.97 33.06 0.82
C2A 5PA E . -5.84 31.84 0.53
C3 5PA E . -5.20 33.89 1.92
O3 5PA E . -6.23 33.62 2.79
N 5PA E . -5.63 36.34 4.13
C8 5PA E . -6.24 37.55 4.83
C7 5PA E . -7.72 37.26 5.38
O7 5PA E . -8.16 36.09 5.31
O8 5PA E . -8.38 38.19 5.87
C9 5PA E . -5.30 38.53 5.63
C10 5PA E . -5.86 39.00 4.31
C4 5PA F . -21.00 9.71 5.27
C4A 5PA F . -21.51 9.32 3.85
P 5PA F . -21.73 5.00 5.95
O1P 5PA F . -22.27 4.68 7.28
O2P 5PA F . -20.50 4.14 5.49
O3P 5PA F . -22.70 5.04 4.86
O4P 5PA F . -21.10 6.40 6.01
C5A 5PA F . -21.86 7.53 6.36
C5 5PA F . -21.19 8.86 6.41
N1 5PA F . -20.11 10.46 7.77
C6 5PA F . -20.73 9.26 7.64
C2 5PA F . -19.90 11.33 6.70
C2A 5PA F . -19.19 12.65 6.95
C3 5PA F . -20.36 10.96 5.43
O3 5PA F . -20.17 11.79 4.36
N 5PA F . -21.96 9.86 2.74
C8 5PA F . -23.02 9.77 1.62
C7 5PA F . -23.04 11.08 0.70
O7 5PA F . -22.17 11.96 0.88
O8 5PA F . -23.93 11.19 -0.17
C9 5PA F . -23.31 8.36 0.98
C10 5PA F . -24.34 8.98 1.91
C4 5PA G . 4.14 -32.19 -11.03
C4A 5PA G . 4.36 -33.53 -10.27
P 5PA G . 0.37 -34.76 -11.47
O1P 5PA G . -0.37 -34.84 -12.75
O2P 5PA G . -0.52 -34.68 -10.18
O3P 5PA G . 1.39 -35.77 -11.26
O4P 5PA G . 1.10 -33.40 -11.41
C5A 5PA G . 2.09 -33.08 -12.33
C5 5PA G . 3.08 -32.00 -11.98
N1 5PA G . 3.79 -29.78 -12.32
C6 5PA G . 2.93 -30.80 -12.60
C2 5PA G . 4.83 -29.91 -11.41
C2A 5PA G . 5.74 -28.70 -11.17
C3 5PA G . 5.02 -31.12 -10.75
O3 5PA G . 6.04 -31.28 -9.85
N 5PA G . 5.34 -34.28 -9.75
C8 5PA G . 5.90 -35.70 -9.61
C7 5PA G . 7.38 -35.70 -8.99
O7 5PA G . 7.85 -34.62 -8.57
O8 5PA G . 8.00 -36.79 -8.92
C9 5PA G . 4.90 -36.88 -9.28
C10 5PA G . 5.49 -36.78 -10.68
C4 5PA H . 20.87 -10.24 0.28
C4A 5PA H . 21.25 -9.16 -0.76
P 5PA H . 21.29 -6.28 2.71
O1P 5PA H . 21.80 -6.39 4.08
O2P 5PA H . 20.02 -5.38 2.54
O3P 5PA H . 22.26 -5.91 1.68
O4P 5PA H . 20.73 -7.65 2.29
C5A 5PA H . 21.53 -8.80 2.32
C5 5PA H . 21.01 -10.06 1.69
N1 5PA H . 20.16 -12.23 2.07
C6 5PA H . 20.65 -11.06 2.56
C2 5PA H . 20.01 -12.46 0.71
C2A 5PA H . 19.45 -13.82 0.26
C3 5PA H . 20.36 -11.48 -0.21
O3 5PA H . 20.21 -11.68 -1.55
N 5PA H . 21.71 -9.01 -1.99
C8 5PA H . 22.69 -8.26 -2.89
C7 5PA H . 22.83 -8.93 -4.34
O7 5PA H . 22.05 -9.88 -4.62
O8 5PA H . 23.68 -8.49 -5.14
C9 5PA H . 22.81 -6.69 -2.75
C10 5PA H . 23.94 -7.57 -2.24
#